data_7AB9
#
_entry.id   7AB9
#
_cell.length_a   99.168
_cell.length_b   111.797
_cell.length_c   160.261
_cell.angle_alpha   90.000
_cell.angle_beta   90.000
_cell.angle_gamma   90.000
#
_symmetry.space_group_name_H-M   'P 21 21 21'
#
loop_
_entity.id
_entity.type
_entity.pdbx_description
1 polymer "cAMP-specific 3',5'-cyclic phosphodiesterase 4D"
2 non-polymer 'ZINC ION'
3 non-polymer 'MAGNESIUM ION'
4 non-polymer 1,2-ETHANEDIOL
5 non-polymer 1-cycloheptyl-3-{4-methoxy-3-[2-(4-methoxyphenyl)ethoxy]phenyl}-4,4-dimethyl-4,5-dihydro-1H-pyrazol-5-one
6 non-polymer '4-(2-HYDROXYETHYL)-1-PIPERAZINE ETHANESULFONIC ACID'
7 water water
#
_entity_poly.entity_id   1
_entity_poly.type   'polypeptide(L)'
_entity_poly.pdbx_seq_one_letter_code
;GSHMIPRFGVKTEQEDVLAKELEDVNKWGLHVFRIAELSGNRPLTVIMHTIFQERDLLKTFKIPVDTLITYLMTLEDHYH
ADVAYHNNIHAADVVQSTHVLLSTPALEAVFTDLEILAAIFASAIHDVDHPGVSNQFLINTNSELALMYNDSSVLENHHL
AVGFKLLQEENCDIFQNLTKKQRQSLRKMVIDIVLATDMSKHMNLLADLKTMVETKKVTSSGVLLLDNYSDRIQVLQNMV
HCADLSNPTKPLQLYRQWTDRIMEEFFRQGDRERERGMEISPMCDKHNASVEKSQVGFIDYIVHPLWETWADLVHPDAQD
ILDTLEDNREWYQSTIPQSPSPAPDDPEEGRQGQTEKFQFELTL
;
_entity_poly.pdbx_strand_id   A,B,C,D
#
loop_
_chem_comp.id
_chem_comp.type
_chem_comp.name
_chem_comp.formula
EDO non-polymer 1,2-ETHANEDIOL 'C2 H6 O2'
EPE non-polymer '4-(2-HYDROXYETHYL)-1-PIPERAZINE ETHANESULFONIC ACID' 'C8 H18 N2 O4 S'
MG non-polymer 'MAGNESIUM ION' 'Mg 2'
QWZ non-polymer 1-cycloheptyl-3-{4-methoxy-3-[2-(4-methoxyphenyl)ethoxy]phenyl}-4,4-dimethyl-4,5-dihydro-1H-pyrazol-5-one 'C28 H36 N2 O4'
ZN non-polymer 'ZINC ION' 'Zn 2'
#
# COMPACT_ATOMS: atom_id res chain seq x y z
N PHE A 8 6.64 -44.79 2.54
CA PHE A 8 5.23 -45.30 2.39
C PHE A 8 4.66 -44.82 1.04
N GLY A 9 3.38 -45.13 0.79
CA GLY A 9 2.51 -44.43 -0.18
C GLY A 9 1.10 -44.21 0.38
N VAL A 10 0.90 -44.64 1.63
CA VAL A 10 -0.39 -44.59 2.38
C VAL A 10 -0.20 -43.63 3.55
N LYS A 11 -1.30 -42.99 3.95
CA LYS A 11 -1.41 -41.99 5.03
C LYS A 11 -0.70 -42.50 6.30
N THR A 12 -0.11 -41.58 7.07
CA THR A 12 0.41 -41.77 8.45
C THR A 12 -0.78 -42.13 9.33
N GLU A 13 -0.59 -42.54 10.58
CA GLU A 13 -1.77 -42.89 11.44
C GLU A 13 -2.55 -41.60 11.79
N GLN A 14 -1.88 -40.46 12.00
CA GLN A 14 -2.56 -39.18 12.32
C GLN A 14 -3.48 -38.82 11.14
N GLU A 15 -2.98 -38.93 9.91
CA GLU A 15 -3.72 -38.68 8.64
C GLU A 15 -4.93 -39.63 8.52
N ASP A 16 -4.85 -40.86 9.01
CA ASP A 16 -5.98 -41.84 8.96
C ASP A 16 -7.10 -41.30 9.84
N VAL A 17 -6.79 -40.87 11.07
CA VAL A 17 -7.81 -40.39 12.05
C VAL A 17 -8.44 -39.08 11.53
N LEU A 18 -7.63 -38.20 10.92
CA LEU A 18 -8.12 -36.94 10.28
C LEU A 18 -9.11 -37.28 9.16
N ALA A 19 -8.76 -38.22 8.29
CA ALA A 19 -9.59 -38.65 7.14
C ALA A 19 -10.91 -39.22 7.66
N LYS A 20 -10.90 -39.91 8.80
CA LYS A 20 -12.14 -40.50 9.39
C LYS A 20 -13.01 -39.36 9.95
N GLU A 21 -12.41 -38.36 10.61
CA GLU A 21 -13.17 -37.17 11.10
C GLU A 21 -13.78 -36.41 9.91
N LEU A 22 -13.06 -36.34 8.78
CA LEU A 22 -13.49 -35.59 7.57
C LEU A 22 -14.62 -36.32 6.83
N GLU A 23 -15.01 -37.52 7.26
CA GLU A 23 -16.21 -38.22 6.72
C GLU A 23 -17.49 -37.48 7.17
N ASP A 24 -17.41 -36.64 8.21
CA ASP A 24 -18.57 -35.83 8.72
C ASP A 24 -18.68 -34.47 7.99
N VAL A 25 -17.92 -34.26 6.93
CA VAL A 25 -17.77 -32.92 6.29
C VAL A 25 -19.11 -32.44 5.73
N ASN A 26 -20.06 -33.35 5.45
CA ASN A 26 -21.38 -32.99 4.87
C ASN A 26 -22.40 -32.81 5.99
N LYS A 27 -21.99 -32.88 7.25
CA LYS A 27 -22.92 -32.86 8.40
C LYS A 27 -22.73 -31.58 9.23
N TRP A 28 -23.84 -30.95 9.62
CA TRP A 28 -23.89 -29.92 10.68
C TRP A 28 -23.33 -30.53 11.97
N GLY A 29 -22.34 -29.91 12.60
CA GLY A 29 -21.77 -30.40 13.87
C GLY A 29 -20.47 -31.18 13.69
N LEU A 30 -19.78 -30.98 12.56
CA LEU A 30 -18.40 -31.49 12.35
C LEU A 30 -17.56 -31.12 13.58
N HIS A 31 -16.70 -32.03 14.05
CA HIS A 31 -15.74 -31.80 15.17
C HIS A 31 -14.57 -30.96 14.63
N VAL A 32 -14.83 -29.67 14.39
CA VAL A 32 -13.86 -28.82 13.64
C VAL A 32 -12.64 -28.53 14.53
N PHE A 33 -12.82 -28.50 15.85
CA PHE A 33 -11.70 -28.33 16.82
C PHE A 33 -10.79 -29.55 16.76
N ARG A 34 -11.39 -30.73 16.68
CA ARG A 34 -10.61 -32.00 16.59
C ARG A 34 -9.84 -31.99 15.25
N ILE A 35 -10.49 -31.55 14.16
CA ILE A 35 -9.80 -31.46 12.83
C ILE A 35 -8.65 -30.47 12.92
N ALA A 36 -8.79 -29.36 13.65
CA ALA A 36 -7.68 -28.41 13.86
C ALA A 36 -6.50 -29.10 14.56
N GLU A 37 -6.74 -29.86 15.62
CA GLU A 37 -5.67 -30.56 16.37
C GLU A 37 -4.99 -31.60 15.46
N LEU A 38 -5.78 -32.42 14.75
CA LEU A 38 -5.30 -33.57 13.96
C LEU A 38 -4.57 -33.11 12.69
N SER A 39 -4.92 -31.94 12.14
CA SER A 39 -4.31 -31.41 10.90
C SER A 39 -3.06 -30.57 11.18
N GLY A 40 -2.59 -30.46 12.42
CA GLY A 40 -1.46 -29.57 12.77
C GLY A 40 -1.81 -28.11 12.59
N ASN A 41 -3.00 -27.70 13.04
CA ASN A 41 -3.56 -26.33 12.84
C ASN A 41 -3.72 -26.01 11.35
N ARG A 42 -4.26 -26.95 10.56
CA ARG A 42 -4.57 -26.74 9.13
C ARG A 42 -6.03 -27.05 8.86
N PRO A 43 -6.99 -26.67 9.72
CA PRO A 43 -8.39 -27.00 9.48
C PRO A 43 -8.91 -26.41 8.16
N LEU A 44 -8.51 -25.17 7.82
CA LEU A 44 -9.04 -24.46 6.64
C LEU A 44 -8.53 -25.17 5.39
N THR A 45 -7.24 -25.47 5.34
CA THR A 45 -6.60 -26.17 4.20
C THR A 45 -7.27 -27.53 3.99
N VAL A 46 -7.35 -28.39 5.02
CA VAL A 46 -7.82 -29.78 4.81
C VAL A 46 -9.32 -29.75 4.49
N ILE A 47 -10.13 -28.92 5.15
CA ILE A 47 -11.59 -28.85 4.90
C ILE A 47 -11.85 -28.27 3.51
N MET A 48 -11.15 -27.21 3.10
CA MET A 48 -11.33 -26.64 1.74
C MET A 48 -10.94 -27.69 0.71
N HIS A 49 -9.82 -28.39 0.90
CA HIS A 49 -9.35 -29.43 -0.06
C HIS A 49 -10.42 -30.50 -0.19
N THR A 50 -10.93 -31.00 0.94
CA THR A 50 -11.96 -32.08 0.96
C THR A 50 -13.19 -31.58 0.19
N ILE A 51 -13.65 -30.37 0.47
CA ILE A 51 -14.86 -29.81 -0.19
C ILE A 51 -14.61 -29.66 -1.67
N PHE A 52 -13.47 -29.11 -2.07
CA PHE A 52 -13.11 -28.93 -3.51
C PHE A 52 -13.12 -30.30 -4.22
N GLN A 53 -12.54 -31.36 -3.64
CA GLN A 53 -12.56 -32.74 -4.20
C GLN A 53 -14.01 -33.23 -4.28
N GLU A 54 -14.77 -33.17 -3.18
CA GLU A 54 -16.17 -33.66 -3.08
C GLU A 54 -17.04 -33.01 -4.18
N ARG A 55 -16.87 -31.71 -4.44
CA ARG A 55 -17.74 -30.95 -5.38
C ARG A 55 -17.08 -30.91 -6.77
N ASP A 56 -15.97 -31.62 -6.94
CA ASP A 56 -15.25 -31.75 -8.24
C ASP A 56 -14.82 -30.36 -8.78
N LEU A 57 -14.48 -29.42 -7.91
CA LEU A 57 -14.16 -28.03 -8.34
C LEU A 57 -12.79 -27.95 -9.01
N LEU A 58 -11.85 -28.86 -8.70
CA LEU A 58 -10.52 -28.85 -9.35
C LEU A 58 -10.67 -29.15 -10.84
N LYS A 59 -11.44 -30.18 -11.18
CA LYS A 59 -11.69 -30.57 -12.60
C LYS A 59 -12.50 -29.49 -13.30
N THR A 60 -13.58 -29.04 -12.68
CA THR A 60 -14.48 -28.05 -13.32
C THR A 60 -13.74 -26.76 -13.67
N PHE A 61 -12.86 -26.25 -12.79
CA PHE A 61 -12.20 -24.93 -12.96
C PHE A 61 -10.72 -25.10 -13.34
N LYS A 62 -10.29 -26.34 -13.59
CA LYS A 62 -8.91 -26.70 -14.03
C LYS A 62 -7.92 -26.07 -13.04
N ILE A 63 -8.13 -26.31 -11.75
CA ILE A 63 -7.27 -25.81 -10.67
C ILE A 63 -6.19 -26.83 -10.42
N PRO A 64 -4.89 -26.52 -10.68
CA PRO A 64 -3.82 -27.44 -10.36
C PRO A 64 -3.84 -27.66 -8.83
N VAL A 65 -3.71 -28.91 -8.41
CA VAL A 65 -3.88 -29.32 -6.98
C VAL A 65 -2.77 -28.67 -6.14
N ASP A 66 -1.54 -28.60 -6.64
CA ASP A 66 -0.38 -28.00 -5.93
C ASP A 66 -0.68 -26.50 -5.72
N THR A 67 -1.28 -25.83 -6.70
CA THR A 67 -1.64 -24.39 -6.64
C THR A 67 -2.72 -24.21 -5.57
N LEU A 68 -3.73 -25.09 -5.54
CA LEU A 68 -4.82 -25.02 -4.55
C LEU A 68 -4.21 -25.13 -3.15
N ILE A 69 -3.35 -26.12 -2.94
CA ILE A 69 -2.77 -26.37 -1.60
C ILE A 69 -1.89 -25.19 -1.21
N THR A 70 -1.10 -24.66 -2.15
CA THR A 70 -0.19 -23.55 -1.85
C THR A 70 -1.02 -22.33 -1.45
N TYR A 71 -2.08 -22.03 -2.18
CA TYR A 71 -2.94 -20.88 -1.85
C TYR A 71 -3.60 -21.11 -0.48
N LEU A 72 -4.15 -22.30 -0.23
CA LEU A 72 -4.91 -22.56 1.01
C LEU A 72 -3.95 -22.40 2.21
N MET A 73 -2.75 -22.90 2.10
CA MET A 73 -1.77 -22.80 3.21
C MET A 73 -1.38 -21.34 3.42
N THR A 74 -1.19 -20.58 2.34
CA THR A 74 -0.90 -19.14 2.37
C THR A 74 -2.07 -18.40 3.02
N LEU A 75 -3.29 -18.65 2.60
CA LEU A 75 -4.50 -18.03 3.19
C LEU A 75 -4.58 -18.36 4.68
N GLU A 76 -4.43 -19.64 5.03
CA GLU A 76 -4.51 -20.07 6.44
C GLU A 76 -3.45 -19.36 7.29
N ASP A 77 -2.25 -19.17 6.75
CA ASP A 77 -1.13 -18.48 7.45
C ASP A 77 -1.44 -17.01 7.71
N HIS A 78 -2.37 -16.39 6.97
CA HIS A 78 -2.70 -14.96 7.14
C HIS A 78 -3.89 -14.78 8.07
N TYR A 79 -4.44 -15.87 8.60
CA TYR A 79 -5.29 -15.86 9.82
C TYR A 79 -4.31 -15.89 11.01
N HIS A 80 -4.62 -15.10 12.05
CA HIS A 80 -3.74 -14.93 13.24
C HIS A 80 -4.03 -16.05 14.24
N ALA A 81 -3.00 -16.85 14.54
CA ALA A 81 -2.99 -17.93 15.56
C ALA A 81 -3.25 -17.39 16.98
N ASP A 82 -2.91 -16.14 17.27
CA ASP A 82 -3.06 -15.51 18.62
C ASP A 82 -4.45 -14.88 18.81
N VAL A 83 -5.34 -14.94 17.83
CA VAL A 83 -6.71 -14.36 17.94
C VAL A 83 -7.63 -15.51 18.31
N ALA A 84 -8.41 -15.38 19.38
CA ALA A 84 -9.12 -16.55 19.97
C ALA A 84 -10.29 -16.99 19.09
N TYR A 85 -11.00 -16.06 18.45
CA TYR A 85 -12.22 -16.40 17.67
C TYR A 85 -11.96 -16.27 16.17
N HIS A 86 -11.66 -15.06 15.70
CA HIS A 86 -11.49 -14.77 14.25
C HIS A 86 -10.16 -15.31 13.73
N ASN A 87 -10.07 -16.64 13.66
CA ASN A 87 -8.86 -17.37 13.23
C ASN A 87 -9.26 -18.35 12.13
N ASN A 88 -8.31 -19.18 11.71
CA ASN A 88 -8.46 -20.19 10.66
C ASN A 88 -9.51 -21.22 11.06
N ILE A 89 -9.72 -21.48 12.36
CA ILE A 89 -10.73 -22.50 12.77
C ILE A 89 -12.11 -21.92 12.45
N HIS A 90 -12.34 -20.64 12.75
CA HIS A 90 -13.62 -19.96 12.41
C HIS A 90 -13.82 -19.94 10.89
N ALA A 91 -12.79 -19.63 10.12
CA ALA A 91 -12.86 -19.67 8.64
C ALA A 91 -13.26 -21.08 8.20
N ALA A 92 -12.59 -22.10 8.73
CA ALA A 92 -12.87 -23.51 8.37
C ALA A 92 -14.34 -23.82 8.68
N ASP A 93 -14.83 -23.35 9.83
CA ASP A 93 -16.20 -23.61 10.32
C ASP A 93 -17.19 -22.97 9.35
N VAL A 94 -16.94 -21.72 8.96
CA VAL A 94 -17.90 -21.00 8.08
C VAL A 94 -17.89 -21.66 6.69
N VAL A 95 -16.73 -22.10 6.20
CA VAL A 95 -16.62 -22.84 4.93
C VAL A 95 -17.49 -24.10 5.00
N GLN A 96 -17.29 -24.92 6.03
CA GLN A 96 -17.96 -26.23 6.13
C GLN A 96 -19.47 -26.00 6.31
N SER A 97 -19.85 -24.97 7.06
CA SER A 97 -21.28 -24.63 7.29
C SER A 97 -21.92 -24.14 6.00
N THR A 98 -21.22 -23.30 5.24
CA THR A 98 -21.70 -22.85 3.90
C THR A 98 -21.88 -24.07 2.99
N HIS A 99 -20.92 -24.99 3.01
CA HIS A 99 -20.95 -26.24 2.22
C HIS A 99 -22.24 -27.03 2.52
N VAL A 100 -22.57 -27.18 3.81
CA VAL A 100 -23.81 -27.92 4.21
C VAL A 100 -25.03 -27.14 3.74
N LEU A 101 -25.10 -25.83 3.98
CA LEU A 101 -26.27 -25.01 3.56
C LEU A 101 -26.45 -25.09 2.04
N LEU A 102 -25.38 -25.19 1.25
CA LEU A 102 -25.46 -25.23 -0.23
C LEU A 102 -26.13 -26.55 -0.67
N SER A 103 -25.99 -27.63 0.09
CA SER A 103 -26.52 -28.98 -0.21
C SER A 103 -27.96 -29.12 0.28
N THR A 104 -28.56 -28.08 0.85
CA THR A 104 -29.96 -28.15 1.35
C THR A 104 -30.88 -28.56 0.19
N PRO A 105 -31.81 -29.53 0.40
CA PRO A 105 -32.69 -30.01 -0.68
C PRO A 105 -33.47 -28.90 -1.41
N ALA A 106 -33.95 -27.88 -0.72
CA ALA A 106 -34.68 -26.74 -1.34
C ALA A 106 -33.80 -25.96 -2.32
N LEU A 107 -32.48 -26.18 -2.33
CA LEU A 107 -31.59 -25.45 -3.28
C LEU A 107 -30.95 -26.41 -4.29
N GLU A 108 -31.37 -27.68 -4.35
CA GLU A 108 -30.80 -28.67 -5.29
C GLU A 108 -30.87 -28.11 -6.73
N ALA A 109 -29.72 -28.05 -7.40
CA ALA A 109 -29.56 -27.62 -8.81
C ALA A 109 -29.91 -26.13 -9.03
N VAL A 110 -30.06 -25.32 -7.98
CA VAL A 110 -30.38 -23.87 -8.13
C VAL A 110 -29.11 -23.13 -8.58
N PHE A 111 -27.95 -23.41 -7.97
CA PHE A 111 -26.72 -22.57 -8.15
C PHE A 111 -25.76 -23.21 -9.16
N THR A 112 -25.12 -22.37 -9.98
CA THR A 112 -24.05 -22.80 -10.92
C THR A 112 -22.79 -23.19 -10.12
N ASP A 113 -21.89 -23.94 -10.74
CA ASP A 113 -20.55 -24.25 -10.19
C ASP A 113 -19.81 -22.95 -9.82
N LEU A 114 -19.94 -21.88 -10.61
CA LEU A 114 -19.24 -20.60 -10.36
C LEU A 114 -19.81 -19.96 -9.09
N GLU A 115 -21.13 -20.00 -8.90
CA GLU A 115 -21.77 -19.42 -7.69
C GLU A 115 -21.36 -20.22 -6.44
N ILE A 116 -21.28 -21.54 -6.55
CA ILE A 116 -20.84 -22.44 -5.46
C ILE A 116 -19.38 -22.07 -5.10
N LEU A 117 -18.52 -21.93 -6.10
CA LEU A 117 -17.09 -21.54 -5.93
C LEU A 117 -17.02 -20.19 -5.21
N ALA A 118 -17.81 -19.21 -5.66
CA ALA A 118 -17.92 -17.89 -5.03
C ALA A 118 -18.25 -18.02 -3.54
N ALA A 119 -19.32 -18.76 -3.20
CA ALA A 119 -19.81 -18.81 -1.81
C ALA A 119 -18.73 -19.47 -0.92
N ILE A 120 -18.05 -20.49 -1.43
CA ILE A 120 -17.06 -21.26 -0.62
C ILE A 120 -15.76 -20.43 -0.51
N PHE A 121 -15.28 -19.85 -1.59
CA PHE A 121 -14.06 -18.99 -1.58
C PHE A 121 -14.35 -17.81 -0.65
N ALA A 122 -15.50 -17.17 -0.77
CA ALA A 122 -15.90 -16.03 0.08
C ALA A 122 -15.84 -16.46 1.55
N SER A 123 -16.41 -17.60 1.88
CA SER A 123 -16.41 -18.13 3.26
C SER A 123 -14.97 -18.27 3.74
N ALA A 124 -14.08 -18.77 2.88
CA ALA A 124 -12.71 -19.11 3.30
C ALA A 124 -11.94 -17.82 3.58
N ILE A 125 -12.18 -16.74 2.83
CA ILE A 125 -11.37 -15.49 2.95
C ILE A 125 -12.05 -14.51 3.88
N HIS A 126 -13.26 -14.78 4.35
CA HIS A 126 -14.19 -13.70 4.82
C HIS A 126 -13.66 -12.95 6.03
N ASP A 127 -12.75 -13.53 6.82
CA ASP A 127 -12.17 -12.89 8.03
C ASP A 127 -10.64 -12.91 7.98
N VAL A 128 -10.01 -13.07 6.83
CA VAL A 128 -8.52 -13.27 6.80
C VAL A 128 -7.83 -11.99 7.31
N ASP A 129 -6.77 -12.16 8.08
CA ASP A 129 -5.92 -11.08 8.65
C ASP A 129 -6.75 -10.26 9.64
N HIS A 130 -7.73 -10.86 10.33
CA HIS A 130 -8.55 -10.19 11.37
C HIS A 130 -7.64 -9.96 12.57
N PRO A 131 -7.51 -8.72 13.06
CA PRO A 131 -6.65 -8.43 14.20
C PRO A 131 -7.30 -8.70 15.58
N GLY A 132 -8.54 -9.17 15.63
CA GLY A 132 -9.21 -9.51 16.89
C GLY A 132 -9.79 -8.30 17.60
N VAL A 133 -9.99 -7.18 16.89
CA VAL A 133 -10.74 -5.99 17.42
C VAL A 133 -11.76 -5.58 16.36
N SER A 134 -12.78 -4.81 16.77
CA SER A 134 -13.93 -4.41 15.93
C SER A 134 -13.55 -3.24 15.00
N ASN A 135 -14.39 -3.02 14.00
CA ASN A 135 -14.30 -1.84 13.12
C ASN A 135 -14.22 -0.56 13.97
N GLN A 136 -15.06 -0.47 15.01
CA GLN A 136 -15.19 0.77 15.81
C GLN A 136 -13.86 1.01 16.54
N PHE A 137 -13.22 -0.05 17.03
CA PHE A 137 -11.90 0.06 17.70
C PHE A 137 -10.91 0.64 16.69
N LEU A 138 -10.87 0.11 15.47
CA LEU A 138 -9.90 0.54 14.43
C LEU A 138 -10.17 2.01 14.07
N ILE A 139 -11.44 2.41 14.04
CA ILE A 139 -11.81 3.81 13.70
C ILE A 139 -11.39 4.73 14.85
N ASN A 140 -11.68 4.37 16.10
CA ASN A 140 -11.46 5.26 17.28
C ASN A 140 -9.95 5.42 17.57
N THR A 141 -9.12 4.46 17.17
CA THR A 141 -7.64 4.51 17.37
C THR A 141 -6.96 5.18 16.19
N ASN A 142 -7.71 5.62 15.18
CA ASN A 142 -7.10 6.22 13.96
C ASN A 142 -6.12 5.23 13.32
N SER A 143 -6.46 3.94 13.28
CA SER A 143 -5.61 2.92 12.64
C SER A 143 -5.44 3.24 11.14
N GLU A 144 -4.31 2.83 10.58
CA GLU A 144 -4.06 2.86 9.13
C GLU A 144 -5.19 2.16 8.35
N LEU A 145 -5.72 1.03 8.82
CA LEU A 145 -6.79 0.29 8.08
C LEU A 145 -8.03 1.17 7.97
N ALA A 146 -8.43 1.82 9.08
CA ALA A 146 -9.59 2.73 9.09
C ALA A 146 -9.37 3.90 8.10
N LEU A 147 -8.14 4.38 7.99
CA LEU A 147 -7.78 5.50 7.07
C LEU A 147 -7.87 5.02 5.62
N MET A 148 -7.32 3.85 5.31
CA MET A 148 -7.33 3.25 3.95
C MET A 148 -8.77 3.10 3.45
N TYR A 149 -9.70 2.68 4.32
CA TYR A 149 -11.08 2.32 3.91
C TYR A 149 -12.11 3.37 4.33
N ASN A 150 -11.67 4.56 4.73
CA ASN A 150 -12.56 5.70 5.05
C ASN A 150 -13.64 5.27 6.02
N ASP A 151 -13.23 4.52 7.04
CA ASP A 151 -14.06 4.11 8.21
C ASP A 151 -15.26 3.26 7.78
N SER A 152 -15.30 2.72 6.57
CA SER A 152 -16.51 2.03 6.03
C SER A 152 -16.19 0.56 5.76
N SER A 153 -16.84 -0.35 6.49
CA SER A 153 -16.65 -1.82 6.41
C SER A 153 -15.14 -2.11 6.38
N VAL A 154 -14.43 -1.53 7.35
CA VAL A 154 -12.94 -1.49 7.33
C VAL A 154 -12.44 -2.92 7.26
N LEU A 155 -12.82 -3.77 8.22
CA LEU A 155 -12.29 -5.16 8.26
C LEU A 155 -12.74 -5.93 7.01
N GLU A 156 -13.98 -5.79 6.61
CA GLU A 156 -14.54 -6.61 5.49
C GLU A 156 -13.83 -6.21 4.18
N ASN A 157 -13.55 -4.93 3.97
CA ASN A 157 -12.74 -4.46 2.81
C ASN A 157 -11.36 -5.09 2.89
N HIS A 158 -10.77 -5.12 4.08
CA HIS A 158 -9.41 -5.65 4.28
C HIS A 158 -9.39 -7.15 3.98
N HIS A 159 -10.38 -7.91 4.48
CA HIS A 159 -10.45 -9.37 4.27
C HIS A 159 -10.43 -9.65 2.77
N LEU A 160 -11.26 -8.95 2.01
CA LEU A 160 -11.35 -9.11 0.54
C LEU A 160 -9.98 -8.80 -0.08
N ALA A 161 -9.41 -7.67 0.24
CA ALA A 161 -8.15 -7.20 -0.38
C ALA A 161 -7.05 -8.22 -0.13
N VAL A 162 -6.96 -8.77 1.08
CA VAL A 162 -5.91 -9.78 1.39
C VAL A 162 -6.24 -11.07 0.64
N GLY A 163 -7.49 -11.52 0.68
CA GLY A 163 -7.91 -12.78 0.03
C GLY A 163 -7.48 -12.79 -1.45
N PHE A 164 -7.74 -11.70 -2.15
CA PHE A 164 -7.39 -11.57 -3.58
C PHE A 164 -5.88 -11.40 -3.76
N LYS A 165 -5.27 -10.52 -2.97
CA LYS A 165 -3.82 -10.21 -3.08
C LYS A 165 -2.99 -11.50 -2.97
N LEU A 166 -3.39 -12.43 -2.12
CA LEU A 166 -2.62 -13.67 -1.89
C LEU A 166 -2.64 -14.56 -3.15
N LEU A 167 -3.55 -14.35 -4.10
CA LEU A 167 -3.52 -15.10 -5.39
C LEU A 167 -2.23 -14.80 -6.18
N GLN A 168 -1.58 -13.68 -5.88
CA GLN A 168 -0.38 -13.23 -6.61
C GLN A 168 0.91 -13.80 -6.02
N GLU A 169 0.85 -14.58 -4.94
CA GLU A 169 2.10 -15.19 -4.38
C GLU A 169 2.49 -16.37 -5.27
N GLU A 170 3.70 -16.91 -5.09
CA GLU A 170 4.27 -17.94 -5.97
C GLU A 170 3.34 -19.15 -5.97
N ASN A 171 2.89 -19.57 -7.16
CA ASN A 171 2.04 -20.77 -7.39
C ASN A 171 0.76 -20.70 -6.52
N CYS A 172 0.11 -19.54 -6.44
CA CYS A 172 -1.10 -19.30 -5.61
C CYS A 172 -2.33 -18.93 -6.46
N ASP A 173 -2.21 -18.72 -7.78
CA ASP A 173 -3.38 -18.23 -8.57
C ASP A 173 -4.29 -19.42 -8.92
N ILE A 174 -5.22 -19.77 -8.03
CA ILE A 174 -6.13 -20.92 -8.21
C ILE A 174 -7.13 -20.63 -9.35
N PHE A 175 -7.28 -19.39 -9.79
CA PHE A 175 -8.22 -18.99 -10.86
C PHE A 175 -7.49 -18.76 -12.18
N GLN A 176 -6.27 -19.29 -12.33
CA GLN A 176 -5.40 -19.00 -13.51
C GLN A 176 -6.04 -19.52 -14.81
N ASN A 177 -6.91 -20.53 -14.76
CA ASN A 177 -7.50 -21.17 -15.96
C ASN A 177 -8.95 -20.74 -16.18
N LEU A 178 -9.49 -19.80 -15.39
CA LEU A 178 -10.84 -19.27 -15.61
C LEU A 178 -10.75 -18.20 -16.70
N THR A 179 -11.80 -18.04 -17.49
CA THR A 179 -11.86 -16.97 -18.52
C THR A 179 -12.03 -15.64 -17.79
N LYS A 180 -11.75 -14.55 -18.46
CA LYS A 180 -12.01 -13.18 -17.93
C LYS A 180 -13.47 -13.07 -17.45
N LYS A 181 -14.41 -13.57 -18.23
CA LYS A 181 -15.86 -13.51 -17.92
C LYS A 181 -16.13 -14.23 -16.59
N GLN A 182 -15.61 -15.45 -16.45
CA GLN A 182 -15.71 -16.24 -15.18
C GLN A 182 -15.08 -15.45 -14.03
N ARG A 183 -13.88 -14.87 -14.22
CA ARG A 183 -13.15 -14.19 -13.12
C ARG A 183 -13.90 -12.93 -12.70
N GLN A 184 -14.46 -12.17 -13.64
CA GLN A 184 -15.19 -10.92 -13.32
C GLN A 184 -16.46 -11.27 -12.53
N SER A 185 -17.15 -12.30 -12.92
CA SER A 185 -18.41 -12.73 -12.25
C SER A 185 -18.06 -13.29 -10.85
N LEU A 186 -17.07 -14.18 -10.75
CA LEU A 186 -16.60 -14.74 -9.45
C LEU A 186 -16.23 -13.59 -8.50
N ARG A 187 -15.45 -12.65 -9.00
CA ARG A 187 -14.91 -11.54 -8.17
C ARG A 187 -16.08 -10.70 -7.65
N LYS A 188 -17.01 -10.30 -8.50
CA LYS A 188 -18.15 -9.46 -8.06
C LYS A 188 -18.95 -10.23 -6.99
N MET A 189 -19.20 -11.52 -7.18
CA MET A 189 -20.01 -12.28 -6.22
C MET A 189 -19.26 -12.40 -4.88
N VAL A 190 -17.95 -12.66 -4.91
CA VAL A 190 -17.15 -12.80 -3.66
C VAL A 190 -17.17 -11.47 -2.89
N ILE A 191 -16.99 -10.38 -3.57
CA ILE A 191 -17.04 -9.03 -2.95
C ILE A 191 -18.43 -8.81 -2.33
N ASP A 192 -19.50 -9.07 -3.06
CA ASP A 192 -20.89 -8.85 -2.56
C ASP A 192 -21.12 -9.73 -1.33
N ILE A 193 -20.62 -10.95 -1.31
CA ILE A 193 -20.81 -11.87 -0.15
C ILE A 193 -20.02 -11.35 1.04
N VAL A 194 -18.73 -11.07 0.89
CA VAL A 194 -17.92 -10.73 2.10
C VAL A 194 -18.37 -9.38 2.67
N LEU A 195 -18.70 -8.40 1.83
CA LEU A 195 -19.14 -7.07 2.34
C LEU A 195 -20.45 -7.27 3.12
N ALA A 196 -21.27 -8.26 2.77
CA ALA A 196 -22.54 -8.56 3.48
C ALA A 196 -22.29 -9.21 4.86
N THR A 197 -21.06 -9.59 5.21
CA THR A 197 -20.73 -10.17 6.54
C THR A 197 -20.57 -9.07 7.60
N ASP A 198 -20.50 -7.81 7.20
CA ASP A 198 -20.45 -6.65 8.12
C ASP A 198 -21.80 -6.61 8.87
N MET A 199 -21.78 -6.71 10.19
CA MET A 199 -23.03 -6.77 11.00
C MET A 199 -23.87 -5.49 10.81
N SER A 200 -23.27 -4.38 10.40
CA SER A 200 -24.01 -3.12 10.13
C SER A 200 -24.99 -3.34 8.97
N LYS A 201 -24.84 -4.41 8.19
CA LYS A 201 -25.73 -4.71 7.03
C LYS A 201 -26.82 -5.72 7.43
N HIS A 202 -26.78 -6.26 8.64
CA HIS A 202 -27.63 -7.42 9.06
C HIS A 202 -29.11 -7.10 8.84
N MET A 203 -29.59 -5.96 9.36
CA MET A 203 -31.01 -5.58 9.35
C MET A 203 -31.53 -5.50 7.91
N ASN A 204 -30.76 -4.88 6.99
CA ASN A 204 -31.19 -4.76 5.57
C ASN A 204 -31.16 -6.14 4.91
N LEU A 205 -30.13 -6.94 5.14
CA LEU A 205 -30.05 -8.32 4.61
C LEU A 205 -31.30 -9.09 5.03
N LEU A 206 -31.65 -9.01 6.31
CA LEU A 206 -32.77 -9.79 6.91
C LEU A 206 -34.10 -9.28 6.33
N ALA A 207 -34.28 -7.97 6.19
CA ALA A 207 -35.49 -7.39 5.56
C ALA A 207 -35.67 -7.97 4.16
N ASP A 208 -34.58 -8.00 3.36
CA ASP A 208 -34.61 -8.48 1.94
C ASP A 208 -34.88 -9.99 1.90
N LEU A 209 -34.32 -10.77 2.83
CA LEU A 209 -34.60 -12.21 2.93
C LEU A 209 -36.09 -12.41 3.26
N LYS A 210 -36.64 -11.63 4.21
CA LYS A 210 -38.07 -11.70 4.64
C LYS A 210 -38.96 -11.42 3.43
N THR A 211 -38.65 -10.36 2.67
CA THR A 211 -39.39 -9.96 1.44
C THR A 211 -39.40 -11.16 0.48
N MET A 212 -38.28 -11.85 0.35
CA MET A 212 -38.14 -12.98 -0.60
C MET A 212 -38.99 -14.16 -0.12
N VAL A 213 -39.08 -14.39 1.19
CA VAL A 213 -39.93 -15.47 1.78
C VAL A 213 -41.41 -15.16 1.50
N GLU A 214 -41.86 -13.91 1.65
CA GLU A 214 -43.26 -13.48 1.39
C GLU A 214 -43.63 -13.73 -0.08
N THR A 215 -42.69 -13.50 -1.04
CA THR A 215 -42.91 -13.59 -2.51
C THR A 215 -42.24 -14.86 -3.07
N LYS A 216 -41.93 -15.82 -2.20
CA LYS A 216 -41.26 -17.10 -2.55
C LYS A 216 -41.97 -17.72 -3.75
N LYS A 217 -41.24 -18.04 -4.82
CA LYS A 217 -41.72 -18.87 -5.96
C LYS A 217 -40.94 -20.19 -5.99
N VAL A 218 -41.64 -21.29 -6.25
CA VAL A 218 -41.04 -22.66 -6.25
C VAL A 218 -41.30 -23.28 -7.62
N THR A 219 -40.35 -24.06 -8.13
CA THR A 219 -40.43 -24.77 -9.43
C THR A 219 -41.38 -25.97 -9.25
N SER A 220 -41.59 -26.76 -10.32
CA SER A 220 -42.39 -28.01 -10.29
C SER A 220 -41.66 -29.06 -9.43
N SER A 221 -40.32 -29.01 -9.39
CA SER A 221 -39.44 -29.90 -8.58
C SER A 221 -39.53 -29.54 -7.09
N GLY A 222 -40.21 -28.45 -6.73
CA GLY A 222 -40.37 -28.02 -5.32
C GLY A 222 -39.13 -27.31 -4.80
N VAL A 223 -38.25 -26.85 -5.69
CA VAL A 223 -36.97 -26.16 -5.39
C VAL A 223 -37.18 -24.65 -5.62
N LEU A 224 -36.40 -23.81 -4.93
CA LEU A 224 -36.50 -22.33 -4.98
C LEU A 224 -36.26 -21.83 -6.41
N LEU A 225 -37.00 -20.79 -6.77
CA LEU A 225 -36.87 -20.14 -8.09
C LEU A 225 -36.18 -18.80 -7.91
N LEU A 226 -34.98 -18.66 -8.48
CA LEU A 226 -34.23 -17.38 -8.39
C LEU A 226 -33.89 -16.95 -9.80
N ASP A 227 -34.57 -15.93 -10.32
CA ASP A 227 -34.39 -15.51 -11.73
C ASP A 227 -33.22 -14.53 -11.91
N ASN A 228 -33.27 -13.38 -11.24
CA ASN A 228 -32.24 -12.33 -11.44
C ASN A 228 -31.06 -12.46 -10.48
N TYR A 229 -29.97 -11.80 -10.84
CA TYR A 229 -28.72 -11.72 -10.04
C TYR A 229 -29.05 -11.24 -8.63
N SER A 230 -29.86 -10.18 -8.52
CA SER A 230 -30.22 -9.55 -7.23
C SER A 230 -30.71 -10.62 -6.25
N ASP A 231 -31.57 -11.55 -6.71
CA ASP A 231 -32.19 -12.55 -5.81
C ASP A 231 -31.17 -13.67 -5.52
N ARG A 232 -30.42 -14.06 -6.53
CA ARG A 232 -29.41 -15.16 -6.41
C ARG A 232 -28.34 -14.72 -5.39
N ILE A 233 -27.85 -13.48 -5.49
CA ILE A 233 -26.76 -12.96 -4.65
C ILE A 233 -27.28 -12.72 -3.22
N GLN A 234 -28.53 -12.26 -3.06
CA GLN A 234 -29.12 -12.05 -1.71
C GLN A 234 -29.14 -13.38 -0.95
N VAL A 235 -29.50 -14.46 -1.63
CA VAL A 235 -29.59 -15.81 -1.00
C VAL A 235 -28.19 -16.27 -0.62
N LEU A 236 -27.18 -16.07 -1.49
CA LEU A 236 -25.78 -16.46 -1.19
C LEU A 236 -25.28 -15.60 -0.03
N GLN A 237 -25.57 -14.30 -0.04
CA GLN A 237 -25.16 -13.36 1.03
C GLN A 237 -25.78 -13.83 2.36
N ASN A 238 -27.07 -14.16 2.38
CA ASN A 238 -27.75 -14.57 3.64
C ASN A 238 -27.24 -15.96 4.07
N MET A 239 -26.91 -16.81 3.11
CA MET A 239 -26.38 -18.17 3.39
C MET A 239 -25.05 -18.04 4.13
N VAL A 240 -24.12 -17.26 3.61
CA VAL A 240 -22.78 -17.09 4.26
C VAL A 240 -22.95 -16.33 5.58
N HIS A 241 -23.85 -15.36 5.63
CA HIS A 241 -24.20 -14.62 6.86
C HIS A 241 -24.73 -15.61 7.93
N CYS A 242 -25.61 -16.54 7.54
CA CYS A 242 -26.12 -17.64 8.40
C CYS A 242 -24.96 -18.54 8.85
N ALA A 243 -24.03 -18.90 7.95
CA ALA A 243 -22.86 -19.73 8.32
C ALA A 243 -22.04 -18.95 9.34
N ASP A 244 -21.85 -17.66 9.12
CA ASP A 244 -21.06 -16.80 10.03
C ASP A 244 -21.75 -16.74 11.41
N LEU A 245 -23.08 -16.77 11.45
CA LEU A 245 -23.86 -16.67 12.73
C LEU A 245 -24.41 -18.07 13.09
N SER A 246 -23.66 -19.14 12.81
CA SER A 246 -24.17 -20.54 12.93
C SER A 246 -23.79 -21.14 14.30
N ASN A 247 -22.95 -20.50 15.09
CA ASN A 247 -22.38 -21.10 16.34
C ASN A 247 -23.51 -21.55 17.27
N PRO A 248 -24.53 -20.71 17.57
CA PRO A 248 -25.59 -21.09 18.50
C PRO A 248 -26.50 -22.20 17.97
N THR A 249 -26.39 -22.55 16.68
CA THR A 249 -27.20 -23.61 16.03
C THR A 249 -26.45 -24.95 16.07
N LYS A 250 -25.26 -24.99 16.66
CA LYS A 250 -24.41 -26.20 16.66
C LYS A 250 -24.67 -26.96 17.97
N PRO A 251 -24.36 -28.28 18.01
CA PRO A 251 -24.37 -29.00 19.28
C PRO A 251 -23.65 -28.18 20.35
N LEU A 252 -24.22 -28.19 21.56
CA LEU A 252 -23.84 -27.29 22.68
C LEU A 252 -22.34 -27.37 22.97
N GLN A 253 -21.70 -28.54 22.87
CA GLN A 253 -20.24 -28.68 23.16
C GLN A 253 -19.41 -27.78 22.20
N LEU A 254 -19.86 -27.62 20.95
CA LEU A 254 -19.21 -26.73 19.96
C LEU A 254 -19.55 -25.29 20.27
N TYR A 255 -20.84 -24.97 20.43
CA TYR A 255 -21.34 -23.60 20.73
C TYR A 255 -20.55 -23.02 21.89
N ARG A 256 -20.33 -23.80 22.95
CA ARG A 256 -19.69 -23.29 24.19
C ARG A 256 -18.22 -22.99 23.94
N GLN A 257 -17.54 -23.73 23.06
CA GLN A 257 -16.13 -23.42 22.70
C GLN A 257 -16.09 -22.11 21.91
N TRP A 258 -17.05 -21.89 21.02
CA TRP A 258 -17.14 -20.63 20.24
C TRP A 258 -17.40 -19.47 21.19
N THR A 259 -18.31 -19.65 22.14
CA THR A 259 -18.65 -18.60 23.15
C THR A 259 -17.41 -18.29 23.99
N ASP A 260 -16.68 -19.28 24.47
CA ASP A 260 -15.44 -19.04 25.26
C ASP A 260 -14.48 -18.20 24.40
N ARG A 261 -14.38 -18.51 23.11
CA ARG A 261 -13.39 -17.85 22.21
C ARG A 261 -13.85 -16.41 21.93
N ILE A 262 -15.11 -16.17 21.61
CA ILE A 262 -15.53 -14.78 21.29
C ILE A 262 -15.38 -13.93 22.56
N MET A 263 -15.68 -14.49 23.73
CA MET A 263 -15.64 -13.71 24.99
C MET A 263 -14.18 -13.41 25.34
N GLU A 264 -13.25 -14.34 25.14
CA GLU A 264 -11.79 -14.07 25.29
C GLU A 264 -11.39 -12.92 24.36
N GLU A 265 -11.84 -12.94 23.12
CA GLU A 265 -11.44 -11.92 22.12
C GLU A 265 -12.04 -10.56 22.53
N PHE A 266 -13.31 -10.52 22.92
CA PHE A 266 -14.02 -9.28 23.36
C PHE A 266 -13.37 -8.70 24.62
N PHE A 267 -13.04 -9.56 25.60
CA PHE A 267 -12.44 -9.10 26.88
C PHE A 267 -11.05 -8.54 26.59
N ARG A 268 -10.30 -9.15 25.67
CA ARG A 268 -8.96 -8.64 25.26
C ARG A 268 -9.13 -7.25 24.66
N GLN A 269 -10.17 -7.03 23.82
CA GLN A 269 -10.40 -5.68 23.24
C GLN A 269 -10.74 -4.72 24.39
N GLY A 270 -11.60 -5.14 25.33
CA GLY A 270 -11.96 -4.33 26.50
C GLY A 270 -10.74 -3.95 27.32
N ASP A 271 -9.80 -4.87 27.55
CA ASP A 271 -8.53 -4.60 28.27
C ASP A 271 -7.72 -3.55 27.50
N ARG A 272 -7.69 -3.63 26.16
CA ARG A 272 -6.93 -2.67 25.34
C ARG A 272 -7.61 -1.31 25.44
N GLU A 273 -8.94 -1.28 25.45
CA GLU A 273 -9.73 -0.02 25.57
C GLU A 273 -9.48 0.60 26.95
N ARG A 274 -9.56 -0.18 28.04
CA ARG A 274 -9.42 0.29 29.45
C ARG A 274 -8.00 0.85 29.67
N GLU A 275 -6.97 0.12 29.21
CA GLU A 275 -5.54 0.52 29.18
C GLU A 275 -5.38 1.94 28.60
N ARG A 276 -6.09 2.23 27.50
CA ARG A 276 -5.95 3.51 26.74
C ARG A 276 -6.95 4.56 27.23
N GLY A 277 -7.76 4.24 28.23
CA GLY A 277 -8.81 5.11 28.80
C GLY A 277 -9.99 5.35 27.86
N MET A 278 -10.13 4.54 26.79
CA MET A 278 -11.28 4.59 25.84
C MET A 278 -12.52 4.06 26.57
N GLU A 279 -13.71 4.44 26.10
CA GLU A 279 -14.96 3.82 26.60
C GLU A 279 -14.88 2.32 26.24
N ILE A 280 -15.20 1.45 27.19
CA ILE A 280 -15.20 -0.02 26.98
C ILE A 280 -16.45 -0.39 26.17
N SER A 281 -16.27 -1.14 25.08
CA SER A 281 -17.35 -1.53 24.15
C SER A 281 -18.31 -2.49 24.83
N PRO A 282 -19.60 -2.52 24.40
CA PRO A 282 -20.55 -3.54 24.84
C PRO A 282 -19.98 -4.96 24.93
N MET A 283 -20.18 -5.64 26.07
CA MET A 283 -19.82 -7.06 26.34
C MET A 283 -18.30 -7.25 26.38
N CYS A 284 -17.49 -6.18 26.35
CA CYS A 284 -16.01 -6.28 26.34
C CYS A 284 -15.43 -6.07 27.75
N ASP A 285 -16.28 -5.79 28.73
CA ASP A 285 -15.86 -5.49 30.13
C ASP A 285 -15.94 -6.79 30.92
N LYS A 286 -14.80 -7.43 31.17
CA LYS A 286 -14.73 -8.71 31.93
C LYS A 286 -15.18 -8.50 33.40
N HIS A 287 -15.25 -7.25 33.89
CA HIS A 287 -15.68 -6.92 35.28
C HIS A 287 -17.20 -6.74 35.33
N ASN A 288 -17.82 -6.39 34.20
CA ASN A 288 -19.26 -6.02 34.07
C ASN A 288 -19.88 -6.80 32.90
N ALA A 289 -19.80 -8.13 32.93
CA ALA A 289 -20.27 -9.04 31.86
C ALA A 289 -21.27 -10.07 32.42
N SER A 290 -22.29 -10.36 31.62
CA SER A 290 -23.24 -11.48 31.80
C SER A 290 -23.23 -12.30 30.50
N VAL A 291 -22.24 -13.20 30.39
CA VAL A 291 -22.05 -14.09 29.21
C VAL A 291 -23.41 -14.71 28.84
N GLU A 292 -24.13 -15.31 29.81
CA GLU A 292 -25.37 -16.08 29.57
C GLU A 292 -26.47 -15.13 29.04
N LYS A 293 -26.68 -14.00 29.69
CA LYS A 293 -27.71 -12.99 29.29
C LYS A 293 -27.37 -12.48 27.89
N SER A 294 -26.10 -12.21 27.62
CA SER A 294 -25.62 -11.72 26.29
C SER A 294 -25.97 -12.75 25.20
N GLN A 295 -25.72 -14.05 25.47
CA GLN A 295 -25.98 -15.11 24.47
C GLN A 295 -27.50 -15.17 24.22
N VAL A 296 -28.32 -15.09 25.27
CA VAL A 296 -29.81 -15.14 25.07
C VAL A 296 -30.23 -13.95 24.22
N GLY A 297 -29.67 -12.77 24.48
CA GLY A 297 -29.98 -11.54 23.73
C GLY A 297 -29.54 -11.66 22.28
N PHE A 298 -28.34 -12.18 22.05
CA PHE A 298 -27.80 -12.44 20.68
C PHE A 298 -28.76 -13.34 19.92
N ILE A 299 -29.18 -14.43 20.57
CA ILE A 299 -30.10 -15.39 19.91
C ILE A 299 -31.44 -14.70 19.65
N ASP A 300 -32.01 -14.00 20.63
CA ASP A 300 -33.39 -13.43 20.52
C ASP A 300 -33.44 -12.31 19.48
N TYR A 301 -32.44 -11.43 19.43
CA TYR A 301 -32.49 -10.20 18.60
C TYR A 301 -31.83 -10.41 17.23
N ILE A 302 -30.86 -11.33 17.10
CA ILE A 302 -30.02 -11.48 15.86
C ILE A 302 -30.20 -12.87 15.27
N VAL A 303 -29.79 -13.92 15.99
CA VAL A 303 -29.57 -15.25 15.38
C VAL A 303 -30.92 -15.92 15.08
N HIS A 304 -31.85 -15.96 16.03
CA HIS A 304 -33.16 -16.63 15.87
C HIS A 304 -33.95 -15.95 14.75
N PRO A 305 -34.11 -14.61 14.71
CA PRO A 305 -34.83 -14.00 13.60
C PRO A 305 -34.20 -14.37 12.25
N LEU A 306 -32.88 -14.43 12.15
CA LEU A 306 -32.21 -14.76 10.86
C LEU A 306 -32.51 -16.21 10.50
N TRP A 307 -32.24 -17.13 11.41
CA TRP A 307 -32.38 -18.59 11.14
C TRP A 307 -33.85 -18.98 10.94
N GLU A 308 -34.78 -18.33 11.64
CA GLU A 308 -36.24 -18.59 11.45
C GLU A 308 -36.62 -18.16 10.03
N THR A 309 -36.09 -17.04 9.55
CA THR A 309 -36.40 -16.57 8.17
C THR A 309 -35.74 -17.53 7.16
N TRP A 310 -34.48 -17.93 7.41
CA TRP A 310 -33.80 -18.92 6.53
C TRP A 310 -34.63 -20.21 6.50
N ALA A 311 -35.07 -20.70 7.67
CA ALA A 311 -35.84 -21.97 7.81
C ALA A 311 -37.11 -21.91 6.98
N ASP A 312 -37.78 -20.75 6.93
CA ASP A 312 -38.98 -20.51 6.09
C ASP A 312 -38.62 -20.60 4.61
N LEU A 313 -37.49 -20.01 4.20
CA LEU A 313 -37.05 -20.03 2.78
C LEU A 313 -36.88 -21.48 2.32
N VAL A 314 -36.29 -22.34 3.15
CA VAL A 314 -35.90 -23.72 2.72
C VAL A 314 -36.77 -24.77 3.44
N HIS A 315 -37.95 -24.38 3.92
CA HIS A 315 -38.90 -25.22 4.70
C HIS A 315 -39.10 -26.57 3.99
N PRO A 316 -38.95 -27.72 4.68
CA PRO A 316 -38.58 -27.82 6.10
C PRO A 316 -37.12 -28.17 6.42
N ASP A 317 -36.19 -27.90 5.50
CA ASP A 317 -34.82 -28.48 5.53
C ASP A 317 -34.06 -28.07 6.80
N ALA A 318 -34.35 -26.90 7.38
CA ALA A 318 -33.57 -26.32 8.50
C ALA A 318 -34.23 -26.59 9.87
N GLN A 319 -35.32 -27.35 9.93
CA GLN A 319 -36.08 -27.56 11.20
C GLN A 319 -35.16 -28.07 12.32
N ASP A 320 -34.27 -29.04 12.09
CA ASP A 320 -33.38 -29.61 13.16
C ASP A 320 -32.35 -28.57 13.63
N ILE A 321 -31.91 -27.68 12.73
CA ILE A 321 -30.98 -26.56 13.07
C ILE A 321 -31.73 -25.58 13.97
N LEU A 322 -32.93 -25.15 13.58
CA LEU A 322 -33.78 -24.25 14.38
C LEU A 322 -34.08 -24.90 15.74
N ASP A 323 -34.34 -26.21 15.79
CA ASP A 323 -34.62 -26.92 17.08
C ASP A 323 -33.39 -26.86 17.99
N THR A 324 -32.19 -27.14 17.47
CA THR A 324 -30.93 -27.09 18.26
C THR A 324 -30.75 -25.67 18.82
N LEU A 325 -31.10 -24.66 18.03
CA LEU A 325 -30.91 -23.23 18.40
C LEU A 325 -31.81 -22.92 19.61
N GLU A 326 -33.09 -23.29 19.54
CA GLU A 326 -34.08 -23.08 20.63
C GLU A 326 -33.65 -23.88 21.87
N ASP A 327 -33.12 -25.10 21.72
CA ASP A 327 -32.62 -25.89 22.87
C ASP A 327 -31.45 -25.16 23.50
N ASN A 328 -30.51 -24.63 22.69
CA ASN A 328 -29.29 -23.96 23.21
C ASN A 328 -29.72 -22.66 23.91
N ARG A 329 -30.71 -21.97 23.36
CA ARG A 329 -31.25 -20.71 23.94
C ARG A 329 -31.78 -21.01 25.36
N GLU A 330 -32.57 -22.09 25.54
CA GLU A 330 -33.18 -22.46 26.85
C GLU A 330 -32.07 -22.85 27.82
N TRP A 331 -31.05 -23.58 27.36
CA TRP A 331 -29.89 -23.94 28.20
C TRP A 331 -29.25 -22.68 28.78
N TYR A 332 -29.00 -21.63 27.96
CA TYR A 332 -28.29 -20.41 28.43
C TYR A 332 -29.22 -19.65 29.40
N GLN A 333 -30.50 -19.49 29.04
CA GLN A 333 -31.54 -18.87 29.90
C GLN A 333 -31.52 -19.54 31.29
N SER A 334 -31.47 -20.86 31.34
CA SER A 334 -31.55 -21.65 32.59
C SER A 334 -30.28 -21.47 33.44
N THR A 335 -29.23 -20.81 32.94
CA THR A 335 -27.94 -20.62 33.68
C THR A 335 -27.72 -19.15 34.04
N ILE A 336 -28.73 -18.30 33.83
CA ILE A 336 -28.69 -16.86 34.22
C ILE A 336 -28.78 -16.75 35.75
N PRO A 337 -27.68 -16.32 36.44
CA PRO A 337 -27.71 -16.09 37.89
C PRO A 337 -28.48 -14.81 38.25
N GLU B 15 -1.78 40.33 -9.86
CA GLU B 15 -2.19 41.19 -10.98
C GLU B 15 -3.56 41.86 -10.72
N ASP B 16 -3.67 43.08 -11.24
CA ASP B 16 -4.90 43.90 -11.26
C ASP B 16 -6.00 43.11 -11.99
N VAL B 17 -5.71 42.56 -13.18
CA VAL B 17 -6.73 41.85 -14.02
C VAL B 17 -7.24 40.59 -13.28
N LEU B 18 -6.35 39.84 -12.62
CA LEU B 18 -6.74 38.64 -11.84
C LEU B 18 -7.66 39.07 -10.70
N ALA B 19 -7.27 40.10 -9.95
CA ALA B 19 -8.03 40.64 -8.79
C ALA B 19 -9.43 41.07 -9.26
N LYS B 20 -9.54 41.62 -10.48
CA LYS B 20 -10.83 42.08 -11.03
C LYS B 20 -11.70 40.87 -11.38
N GLU B 21 -11.11 39.83 -11.98
CA GLU B 21 -11.85 38.58 -12.31
C GLU B 21 -12.34 37.92 -11.01
N LEU B 22 -11.55 38.00 -9.93
CA LEU B 22 -11.88 37.34 -8.63
C LEU B 22 -12.98 38.10 -7.88
N GLU B 23 -13.41 39.26 -8.38
CA GLU B 23 -14.57 40.00 -7.80
C GLU B 23 -15.88 39.26 -8.15
N ASP B 24 -15.86 38.33 -9.12
CA ASP B 24 -17.04 37.51 -9.51
C ASP B 24 -17.09 36.21 -8.68
N VAL B 25 -16.30 36.09 -7.62
CA VAL B 25 -16.08 34.78 -6.92
C VAL B 25 -17.40 34.32 -6.27
N ASN B 26 -18.33 35.22 -6.00
CA ASN B 26 -19.62 34.90 -5.33
C ASN B 26 -20.71 34.71 -6.38
N LYS B 27 -20.35 34.72 -7.66
CA LYS B 27 -21.34 34.66 -8.77
C LYS B 27 -21.20 33.33 -9.52
N TRP B 28 -22.35 32.73 -9.82
CA TRP B 28 -22.47 31.66 -10.83
C TRP B 28 -21.95 32.19 -12.17
N GLY B 29 -21.00 31.50 -12.80
CA GLY B 29 -20.52 31.91 -14.13
C GLY B 29 -19.19 32.64 -14.05
N LEU B 30 -18.44 32.46 -12.94
CA LEU B 30 -17.05 32.93 -12.83
C LEU B 30 -16.28 32.48 -14.08
N HIS B 31 -15.43 33.36 -14.65
CA HIS B 31 -14.59 33.06 -15.85
C HIS B 31 -13.41 32.21 -15.37
N VAL B 32 -13.66 30.95 -15.02
CA VAL B 32 -12.67 30.11 -14.27
C VAL B 32 -11.51 29.74 -15.21
N PHE B 33 -11.77 29.62 -16.51
CA PHE B 33 -10.72 29.37 -17.53
C PHE B 33 -9.79 30.58 -17.60
N ARG B 34 -10.36 31.78 -17.55
CA ARG B 34 -9.57 33.04 -17.58
C ARG B 34 -8.72 33.09 -16.30
N ILE B 35 -9.29 32.72 -15.15
CA ILE B 35 -8.55 32.70 -13.86
C ILE B 35 -7.41 31.69 -13.95
N ALA B 36 -7.61 30.53 -14.59
CA ALA B 36 -6.53 29.53 -14.83
C ALA B 36 -5.38 30.16 -15.63
N GLU B 37 -5.67 30.87 -16.72
CA GLU B 37 -4.63 31.50 -17.58
C GLU B 37 -3.89 32.57 -16.76
N LEU B 38 -4.62 33.45 -16.07
CA LEU B 38 -4.07 34.64 -15.36
C LEU B 38 -3.28 34.23 -14.12
N SER B 39 -3.59 33.09 -13.49
CA SER B 39 -2.94 32.63 -12.24
C SER B 39 -1.70 31.75 -12.53
N GLY B 40 -1.32 31.55 -13.80
CA GLY B 40 -0.24 30.61 -14.17
C GLY B 40 -0.63 29.17 -13.85
N ASN B 41 -1.85 28.77 -14.22
CA ASN B 41 -2.44 27.44 -13.95
C ASN B 41 -2.52 27.17 -12.43
N ARG B 42 -2.98 28.16 -11.66
CA ARG B 42 -3.22 28.01 -10.21
C ARG B 42 -4.65 28.39 -9.86
N PRO B 43 -5.67 27.98 -10.65
CA PRO B 43 -7.04 28.37 -10.35
C PRO B 43 -7.50 27.87 -8.97
N LEU B 44 -7.12 26.64 -8.60
CA LEU B 44 -7.63 26.01 -7.35
C LEU B 44 -7.04 26.80 -6.17
N THR B 45 -5.74 27.06 -6.21
CA THR B 45 -5.01 27.81 -5.15
C THR B 45 -5.63 29.20 -4.97
N VAL B 46 -5.73 30.00 -6.03
CA VAL B 46 -6.15 31.42 -5.88
C VAL B 46 -7.64 31.48 -5.50
N ILE B 47 -8.49 30.62 -6.07
CA ILE B 47 -9.95 30.61 -5.74
C ILE B 47 -10.14 30.13 -4.30
N MET B 48 -9.46 29.08 -3.87
CA MET B 48 -9.59 28.58 -2.48
C MET B 48 -9.11 29.67 -1.52
N HIS B 49 -7.98 30.32 -1.81
CA HIS B 49 -7.41 31.38 -0.94
C HIS B 49 -8.44 32.52 -0.82
N THR B 50 -9.00 32.98 -1.94
CA THR B 50 -10.00 34.07 -1.97
C THR B 50 -11.21 33.68 -1.12
N ILE B 51 -11.71 32.46 -1.29
CA ILE B 51 -12.92 31.99 -0.55
C ILE B 51 -12.58 31.91 0.93
N PHE B 52 -11.43 31.35 1.30
CA PHE B 52 -11.02 31.22 2.72
C PHE B 52 -10.94 32.62 3.37
N GLN B 53 -10.35 33.62 2.69
CA GLN B 53 -10.27 35.03 3.17
C GLN B 53 -11.71 35.56 3.32
N GLU B 54 -12.52 35.48 2.26
CA GLU B 54 -13.89 36.04 2.23
C GLU B 54 -14.72 35.48 3.38
N ARG B 55 -14.60 34.20 3.71
CA ARG B 55 -15.45 33.54 4.74
C ARG B 55 -14.74 33.53 6.08
N ASP B 56 -13.57 34.19 6.15
CA ASP B 56 -12.77 34.39 7.41
C ASP B 56 -12.41 33.03 8.01
N LEU B 57 -12.18 32.00 7.19
CA LEU B 57 -11.91 30.63 7.69
C LEU B 57 -10.50 30.54 8.30
N LEU B 58 -9.55 31.37 7.87
CA LEU B 58 -8.17 31.38 8.43
C LEU B 58 -8.24 31.76 9.91
N LYS B 59 -8.94 32.85 10.23
CA LYS B 59 -9.09 33.35 11.62
C LYS B 59 -9.91 32.34 12.42
N THR B 60 -11.06 31.89 11.91
CA THR B 60 -11.96 30.98 12.65
C THR B 60 -11.25 29.69 13.06
N PHE B 61 -10.42 29.10 12.18
CA PHE B 61 -9.79 27.76 12.41
C PHE B 61 -8.30 27.91 12.66
N LYS B 62 -7.80 29.14 12.79
CA LYS B 62 -6.37 29.44 13.13
C LYS B 62 -5.47 28.72 12.12
N ILE B 63 -5.76 28.93 10.85
CA ILE B 63 -4.98 28.32 9.73
C ILE B 63 -3.88 29.31 9.34
N PRO B 64 -2.59 28.98 9.54
CA PRO B 64 -1.51 29.85 9.09
C PRO B 64 -1.62 30.00 7.57
N VAL B 65 -1.47 31.23 7.07
CA VAL B 65 -1.72 31.56 5.64
C VAL B 65 -0.67 30.83 4.77
N ASP B 66 0.60 30.76 5.21
CA ASP B 66 1.68 30.07 4.47
C ASP B 66 1.32 28.57 4.35
N THR B 67 0.76 27.98 5.40
CA THR B 67 0.34 26.55 5.44
C THR B 67 -0.80 26.34 4.44
N LEU B 68 -1.78 27.25 4.42
CA LEU B 68 -2.91 27.13 3.48
C LEU B 68 -2.37 27.15 2.05
N ILE B 69 -1.50 28.11 1.74
CA ILE B 69 -0.97 28.27 0.35
C ILE B 69 -0.15 27.03 -0.01
N THR B 70 0.67 26.52 0.91
CA THR B 70 1.52 25.35 0.64
C THR B 70 0.63 24.13 0.37
N TYR B 71 -0.41 23.92 1.19
CA TYR B 71 -1.33 22.77 0.97
C TYR B 71 -2.04 22.93 -0.38
N LEU B 72 -2.55 24.11 -0.68
CA LEU B 72 -3.35 24.31 -1.90
C LEU B 72 -2.47 24.05 -3.12
N MET B 73 -1.23 24.53 -3.10
CA MET B 73 -0.33 24.32 -4.25
C MET B 73 0.00 22.82 -4.39
N THR B 74 0.20 22.13 -3.28
CA THR B 74 0.47 20.68 -3.22
C THR B 74 -0.74 19.94 -3.79
N LEU B 75 -1.95 20.27 -3.34
CA LEU B 75 -3.18 19.61 -3.81
C LEU B 75 -3.33 19.87 -5.31
N GLU B 76 -3.18 21.12 -5.74
CA GLU B 76 -3.31 21.47 -7.18
C GLU B 76 -2.32 20.65 -8.02
N ASP B 77 -1.09 20.46 -7.51
CA ASP B 77 -0.01 19.71 -8.23
C ASP B 77 -0.38 18.23 -8.39
N HIS B 78 -1.27 17.68 -7.57
CA HIS B 78 -1.66 16.25 -7.62
C HIS B 78 -2.93 16.05 -8.43
N TYR B 79 -3.44 17.12 -9.04
CA TYR B 79 -4.35 17.05 -10.20
C TYR B 79 -3.44 16.95 -11.42
N HIS B 80 -3.79 16.10 -12.39
CA HIS B 80 -2.98 15.81 -13.60
C HIS B 80 -3.23 16.88 -14.67
N ALA B 81 -2.17 17.56 -15.07
CA ALA B 81 -2.17 18.61 -16.12
C ALA B 81 -2.51 18.03 -17.51
N ASP B 82 -2.27 16.73 -17.75
CA ASP B 82 -2.52 16.06 -19.06
C ASP B 82 -3.97 15.56 -19.17
N VAL B 83 -4.80 15.68 -18.12
CA VAL B 83 -6.20 15.15 -18.13
C VAL B 83 -7.11 16.33 -18.50
N ALA B 84 -7.93 16.20 -19.54
CA ALA B 84 -8.60 17.36 -20.16
C ALA B 84 -9.74 17.88 -19.25
N TYR B 85 -10.43 17.01 -18.53
CA TYR B 85 -11.61 17.42 -17.71
C TYR B 85 -11.27 17.35 -16.22
N HIS B 86 -10.91 16.17 -15.69
CA HIS B 86 -10.72 15.94 -14.23
C HIS B 86 -9.36 16.48 -13.80
N ASN B 87 -9.21 17.79 -13.88
CA ASN B 87 -7.95 18.52 -13.53
C ASN B 87 -8.28 19.62 -12.50
N ASN B 88 -7.28 20.44 -12.19
CA ASN B 88 -7.33 21.50 -11.18
C ASN B 88 -8.39 22.56 -11.55
N ILE B 89 -8.69 22.73 -12.84
CA ILE B 89 -9.70 23.73 -13.26
C ILE B 89 -11.07 23.19 -12.82
N HIS B 90 -11.34 21.91 -13.03
CA HIS B 90 -12.60 21.27 -12.59
C HIS B 90 -12.70 21.36 -11.06
N ALA B 91 -11.63 21.07 -10.33
CA ALA B 91 -11.62 21.17 -8.87
C ALA B 91 -11.96 22.61 -8.46
N ALA B 92 -11.29 23.59 -9.07
CA ALA B 92 -11.52 25.02 -8.79
C ALA B 92 -13.00 25.35 -9.04
N ASP B 93 -13.56 24.84 -10.13
CA ASP B 93 -14.95 25.10 -10.57
C ASP B 93 -15.89 24.54 -9.51
N VAL B 94 -15.65 23.33 -9.05
CA VAL B 94 -16.60 22.67 -8.10
C VAL B 94 -16.50 23.40 -6.75
N VAL B 95 -15.30 23.83 -6.35
CA VAL B 95 -15.10 24.63 -5.11
C VAL B 95 -15.93 25.92 -5.21
N GLN B 96 -15.78 26.67 -6.29
CA GLN B 96 -16.41 28.00 -6.43
C GLN B 96 -17.92 27.82 -6.51
N SER B 97 -18.38 26.76 -7.18
CA SER B 97 -19.82 26.46 -7.31
C SER B 97 -20.40 26.09 -5.94
N THR B 98 -19.68 25.27 -5.17
CA THR B 98 -20.09 24.89 -3.80
C THR B 98 -20.19 26.16 -2.95
N HIS B 99 -19.21 27.05 -3.06
CA HIS B 99 -19.13 28.33 -2.33
C HIS B 99 -20.41 29.15 -2.61
N VAL B 100 -20.80 29.26 -3.88
CA VAL B 100 -22.03 30.02 -4.25
C VAL B 100 -23.25 29.32 -3.64
N LEU B 101 -23.38 28.00 -3.82
CA LEU B 101 -24.55 27.26 -3.31
C LEU B 101 -24.64 27.41 -1.78
N LEU B 102 -23.52 27.49 -1.06
CA LEU B 102 -23.52 27.59 0.42
C LEU B 102 -24.09 28.95 0.86
N SER B 103 -23.93 29.98 0.05
CA SER B 103 -24.35 31.38 0.32
C SER B 103 -25.81 31.58 -0.04
N THR B 104 -26.49 30.56 -0.54
CA THR B 104 -27.88 30.67 -1.00
C THR B 104 -28.74 31.16 0.18
N PRO B 105 -29.62 32.17 -0.05
CA PRO B 105 -30.47 32.73 1.01
C PRO B 105 -31.27 31.69 1.81
N ALA B 106 -31.83 30.67 1.16
CA ALA B 106 -32.62 29.62 1.85
C ALA B 106 -31.77 28.81 2.82
N LEU B 107 -30.43 28.96 2.82
CA LEU B 107 -29.59 28.19 3.76
C LEU B 107 -28.87 29.13 4.74
N GLU B 108 -29.23 30.41 4.78
CA GLU B 108 -28.59 31.40 5.69
C GLU B 108 -28.66 30.89 7.13
N ALA B 109 -27.52 30.82 7.80
CA ALA B 109 -27.36 30.44 9.23
C ALA B 109 -27.72 28.97 9.48
N VAL B 110 -27.91 28.14 8.45
CA VAL B 110 -28.21 26.69 8.64
C VAL B 110 -26.92 25.96 9.05
N PHE B 111 -25.79 26.23 8.39
CA PHE B 111 -24.57 25.38 8.51
C PHE B 111 -23.53 26.06 9.41
N THR B 112 -22.87 25.27 10.26
CA THR B 112 -21.75 25.72 11.11
C THR B 112 -20.53 26.02 10.23
N ASP B 113 -19.58 26.79 10.77
CA ASP B 113 -18.27 27.06 10.12
C ASP B 113 -17.56 25.73 9.80
N LEU B 114 -17.67 24.72 10.66
CA LEU B 114 -17.02 23.40 10.47
C LEU B 114 -17.65 22.70 9.25
N GLU B 115 -18.98 22.75 9.10
CA GLU B 115 -19.69 22.12 7.97
C GLU B 115 -19.33 22.85 6.67
N ILE B 116 -19.20 24.17 6.70
CA ILE B 116 -18.80 25.00 5.53
C ILE B 116 -17.38 24.57 5.11
N LEU B 117 -16.47 24.45 6.08
CA LEU B 117 -15.07 24.05 5.85
C LEU B 117 -15.06 22.66 5.20
N ALA B 118 -15.84 21.72 5.74
CA ALA B 118 -16.00 20.36 5.21
C ALA B 118 -16.43 20.41 3.75
N ALA B 119 -17.48 21.15 3.42
CA ALA B 119 -18.08 21.12 2.07
C ALA B 119 -17.05 21.66 1.07
N ILE B 120 -16.33 22.71 1.45
CA ILE B 120 -15.38 23.39 0.52
C ILE B 120 -14.11 22.51 0.38
N PHE B 121 -13.58 21.98 1.49
CA PHE B 121 -12.40 21.09 1.46
C PHE B 121 -12.76 19.85 0.63
N ALA B 122 -13.93 19.26 0.86
CA ALA B 122 -14.41 18.09 0.10
C ALA B 122 -14.40 18.42 -1.40
N SER B 123 -14.96 19.55 -1.76
CA SER B 123 -15.01 20.00 -3.16
C SER B 123 -13.60 20.06 -3.73
N ALA B 124 -12.66 20.60 -2.98
CA ALA B 124 -11.29 20.87 -3.50
C ALA B 124 -10.59 19.53 -3.77
N ILE B 125 -10.80 18.51 -2.95
CA ILE B 125 -10.07 17.23 -3.03
C ILE B 125 -10.84 16.21 -3.86
N HIS B 126 -12.07 16.48 -4.25
CA HIS B 126 -13.05 15.41 -4.59
C HIS B 126 -12.62 14.56 -5.81
N ASP B 127 -11.73 15.06 -6.67
CA ASP B 127 -11.24 14.33 -7.85
C ASP B 127 -9.69 14.30 -7.89
N VAL B 128 -9.01 14.50 -6.77
CA VAL B 128 -7.53 14.65 -6.82
C VAL B 128 -6.90 13.34 -7.32
N ASP B 129 -5.87 13.46 -8.16
CA ASP B 129 -5.09 12.32 -8.71
C ASP B 129 -5.99 11.46 -9.60
N HIS B 130 -6.95 12.07 -10.30
CA HIS B 130 -7.85 11.39 -11.24
C HIS B 130 -7.02 11.05 -12.47
N PRO B 131 -6.98 9.77 -12.89
CA PRO B 131 -6.16 9.37 -14.05
C PRO B 131 -6.82 9.60 -15.41
N GLY B 132 -8.06 10.10 -15.44
CA GLY B 132 -8.75 10.42 -16.70
C GLY B 132 -9.39 9.21 -17.32
N VAL B 133 -9.59 8.16 -16.53
CA VAL B 133 -10.35 6.93 -16.95
C VAL B 133 -11.34 6.60 -15.84
N SER B 134 -12.37 5.85 -16.18
CA SER B 134 -13.50 5.51 -15.29
C SER B 134 -13.10 4.39 -14.31
N ASN B 135 -13.93 4.24 -13.28
CA ASN B 135 -13.85 3.11 -12.34
C ASN B 135 -13.81 1.81 -13.12
N GLN B 136 -14.68 1.65 -14.14
CA GLN B 136 -14.85 0.36 -14.85
C GLN B 136 -13.54 0.05 -15.59
N PHE B 137 -12.86 1.05 -16.15
CA PHE B 137 -11.55 0.86 -16.83
C PHE B 137 -10.56 0.28 -15.80
N LEU B 138 -10.50 0.88 -14.61
CA LEU B 138 -9.56 0.46 -13.54
C LEU B 138 -9.92 -0.97 -13.09
N ILE B 139 -11.20 -1.30 -13.07
CA ILE B 139 -11.67 -2.66 -12.66
C ILE B 139 -11.26 -3.66 -13.74
N ASN B 140 -11.51 -3.36 -15.02
CA ASN B 140 -11.33 -4.32 -16.14
C ASN B 140 -9.83 -4.64 -16.35
N THR B 141 -8.94 -3.71 -16.00
CA THR B 141 -7.49 -3.87 -16.16
C THR B 141 -6.88 -4.52 -14.90
N ASN B 142 -7.66 -4.82 -13.87
CA ASN B 142 -7.14 -5.31 -12.57
C ASN B 142 -6.08 -4.34 -12.04
N SER B 143 -6.35 -3.04 -12.11
CA SER B 143 -5.45 -2.02 -11.52
C SER B 143 -5.26 -2.30 -10.02
N GLU B 144 -4.13 -1.90 -9.48
CA GLU B 144 -3.86 -1.93 -8.01
C GLU B 144 -4.98 -1.19 -7.24
N LEU B 145 -5.49 -0.07 -7.75
CA LEU B 145 -6.53 0.73 -7.03
C LEU B 145 -7.80 -0.11 -6.92
N ALA B 146 -8.21 -0.77 -8.00
CA ALA B 146 -9.43 -1.59 -8.03
C ALA B 146 -9.27 -2.77 -7.04
N LEU B 147 -8.07 -3.33 -6.92
CA LEU B 147 -7.77 -4.44 -5.97
C LEU B 147 -7.85 -3.94 -4.53
N MET B 148 -7.25 -2.78 -4.23
CA MET B 148 -7.22 -2.17 -2.87
C MET B 148 -8.66 -1.93 -2.41
N TYR B 149 -9.54 -1.44 -3.29
CA TYR B 149 -10.88 -0.91 -2.87
C TYR B 149 -11.99 -1.85 -3.33
N ASN B 150 -11.66 -3.07 -3.69
CA ASN B 150 -12.67 -4.14 -3.95
C ASN B 150 -13.68 -3.65 -4.99
N ASP B 151 -13.18 -2.96 -6.02
CA ASP B 151 -13.97 -2.55 -7.21
C ASP B 151 -15.12 -1.60 -6.82
N SER B 152 -15.10 -0.99 -5.64
CA SER B 152 -16.23 -0.20 -5.09
C SER B 152 -15.79 1.23 -4.86
N SER B 153 -16.39 2.16 -5.62
CA SER B 153 -16.05 3.60 -5.54
C SER B 153 -14.53 3.75 -5.58
N VAL B 154 -13.91 3.11 -6.57
CA VAL B 154 -12.43 2.98 -6.60
C VAL B 154 -11.82 4.37 -6.59
N LEU B 155 -12.18 5.20 -7.57
CA LEU B 155 -11.57 6.55 -7.69
C LEU B 155 -11.95 7.41 -6.48
N GLU B 156 -13.20 7.35 -6.03
CA GLU B 156 -13.68 8.24 -4.93
C GLU B 156 -12.93 7.90 -3.63
N ASN B 157 -12.70 6.62 -3.35
CA ASN B 157 -11.86 6.19 -2.19
C ASN B 157 -10.46 6.76 -2.37
N HIS B 158 -9.91 6.69 -3.57
CA HIS B 158 -8.55 7.18 -3.86
C HIS B 158 -8.47 8.71 -3.66
N HIS B 159 -9.47 9.44 -4.14
CA HIS B 159 -9.50 10.92 -4.02
C HIS B 159 -9.40 11.32 -2.55
N LEU B 160 -10.18 10.65 -1.70
CA LEU B 160 -10.17 10.88 -0.24
C LEU B 160 -8.76 10.60 0.31
N ALA B 161 -8.21 9.43 0.00
CA ALA B 161 -6.92 8.96 0.53
C ALA B 161 -5.84 9.99 0.21
N VAL B 162 -5.81 10.46 -1.03
CA VAL B 162 -4.77 11.44 -1.44
C VAL B 162 -5.04 12.79 -0.76
N GLY B 163 -6.28 13.25 -0.75
CA GLY B 163 -6.63 14.55 -0.15
C GLY B 163 -6.15 14.67 1.29
N PHE B 164 -6.39 13.64 2.07
CA PHE B 164 -5.98 13.57 3.49
C PHE B 164 -4.45 13.42 3.59
N LYS B 165 -3.88 12.48 2.81
CA LYS B 165 -2.43 12.15 2.90
C LYS B 165 -1.63 13.42 2.67
N LEU B 166 -2.05 14.30 1.75
CA LEU B 166 -1.26 15.50 1.40
C LEU B 166 -1.19 16.49 2.57
N LEU B 167 -2.06 16.39 3.59
CA LEU B 167 -1.97 17.20 4.83
C LEU B 167 -0.64 16.94 5.55
N GLN B 168 -0.01 15.79 5.30
CA GLN B 168 1.22 15.36 6.03
C GLN B 168 2.48 15.82 5.30
N GLU B 169 2.38 16.52 4.18
CA GLU B 169 3.59 17.07 3.49
C GLU B 169 4.07 18.29 4.29
N GLU B 170 5.29 18.76 3.99
CA GLU B 170 5.95 19.86 4.73
C GLU B 170 5.05 21.09 4.71
N ASN B 171 4.72 21.59 5.90
CA ASN B 171 3.93 22.84 6.14
C ASN B 171 2.58 22.75 5.41
N CYS B 172 1.88 21.61 5.49
CA CYS B 172 0.62 21.35 4.70
C CYS B 172 -0.58 21.08 5.62
N ASP B 173 -0.39 20.94 6.95
CA ASP B 173 -1.52 20.53 7.82
C ASP B 173 -2.37 21.76 8.16
N ILE B 174 -3.34 22.08 7.31
CA ILE B 174 -4.22 23.27 7.48
C ILE B 174 -5.17 23.07 8.66
N PHE B 175 -5.33 21.85 9.19
CA PHE B 175 -6.22 21.54 10.33
C PHE B 175 -5.43 21.33 11.62
N GLN B 176 -4.20 21.84 11.69
CA GLN B 176 -3.27 21.56 12.83
C GLN B 176 -3.84 22.14 14.13
N ASN B 177 -4.66 23.19 14.06
CA ASN B 177 -5.18 23.92 15.25
C ASN B 177 -6.64 23.56 15.54
N LEU B 178 -7.22 22.54 14.89
CA LEU B 178 -8.58 22.07 15.21
C LEU B 178 -8.52 21.16 16.44
N THR B 179 -9.57 21.13 17.24
CA THR B 179 -9.78 20.16 18.35
C THR B 179 -9.90 18.74 17.77
N LYS B 180 -9.64 17.71 18.57
CA LYS B 180 -9.91 16.30 18.22
C LYS B 180 -11.36 16.16 17.72
N LYS B 181 -12.32 16.76 18.44
CA LYS B 181 -13.77 16.63 18.13
C LYS B 181 -14.02 17.27 16.77
N GLN B 182 -13.45 18.45 16.52
CA GLN B 182 -13.54 19.13 15.22
C GLN B 182 -12.98 18.21 14.12
N ARG B 183 -11.80 17.63 14.33
CA ARG B 183 -11.11 16.78 13.31
C ARG B 183 -11.95 15.56 12.99
N GLN B 184 -12.48 14.87 14.01
CA GLN B 184 -13.28 13.64 13.81
C GLN B 184 -14.55 13.97 13.00
N SER B 185 -15.20 15.08 13.31
CA SER B 185 -16.45 15.51 12.64
C SER B 185 -16.13 15.93 11.20
N LEU B 186 -15.12 16.77 10.99
CA LEU B 186 -14.67 17.24 9.65
C LEU B 186 -14.36 16.01 8.78
N ARG B 187 -13.60 15.07 9.32
CA ARG B 187 -13.15 13.89 8.56
C ARG B 187 -14.38 13.08 8.11
N LYS B 188 -15.29 12.78 9.02
CA LYS B 188 -16.49 11.98 8.68
C LYS B 188 -17.30 12.72 7.60
N MET B 189 -17.45 14.02 7.71
CA MET B 189 -18.30 14.78 6.75
C MET B 189 -17.62 14.77 5.38
N VAL B 190 -16.31 14.96 5.33
CA VAL B 190 -15.58 15.00 4.03
C VAL B 190 -15.70 13.64 3.35
N ILE B 191 -15.54 12.56 4.10
CA ILE B 191 -15.71 11.18 3.55
C ILE B 191 -17.13 11.03 2.97
N ASP B 192 -18.15 11.39 3.75
CA ASP B 192 -19.56 11.22 3.33
C ASP B 192 -19.80 12.04 2.05
N ILE B 193 -19.24 13.23 1.95
CA ILE B 193 -19.45 14.09 0.75
C ILE B 193 -18.71 13.48 -0.45
N VAL B 194 -17.43 13.15 -0.35
CA VAL B 194 -16.65 12.72 -1.55
C VAL B 194 -17.18 11.37 -2.04
N LEU B 195 -17.53 10.45 -1.16
CA LEU B 195 -18.07 9.13 -1.59
C LEU B 195 -19.39 9.35 -2.33
N ALA B 196 -20.15 10.38 -1.99
CA ALA B 196 -21.43 10.70 -2.65
C ALA B 196 -21.21 11.27 -4.06
N THR B 197 -19.98 11.59 -4.48
CA THR B 197 -19.69 12.07 -5.85
C THR B 197 -19.64 10.90 -6.85
N ASP B 198 -19.59 9.67 -6.39
CA ASP B 198 -19.66 8.46 -7.27
C ASP B 198 -21.05 8.43 -7.92
N MET B 199 -21.13 8.47 -9.24
CA MET B 199 -22.43 8.49 -9.98
C MET B 199 -23.27 7.25 -9.64
N SER B 200 -22.68 6.15 -9.21
CA SER B 200 -23.45 4.93 -8.84
C SER B 200 -24.36 5.25 -7.64
N LYS B 201 -24.12 6.34 -6.91
CA LYS B 201 -24.93 6.73 -5.73
C LYS B 201 -26.01 7.76 -6.10
N HIS B 202 -26.01 8.24 -7.34
CA HIS B 202 -26.85 9.39 -7.77
C HIS B 202 -28.33 9.14 -7.46
N MET B 203 -28.87 8.00 -7.91
CA MET B 203 -30.31 7.68 -7.82
C MET B 203 -30.77 7.72 -6.35
N ASN B 204 -29.99 7.13 -5.43
CA ASN B 204 -30.35 7.06 -3.99
C ASN B 204 -30.24 8.46 -3.39
N LEU B 205 -29.19 9.21 -3.72
CA LEU B 205 -29.03 10.61 -3.26
C LEU B 205 -30.27 11.41 -3.66
N LEU B 206 -30.70 11.27 -4.91
CA LEU B 206 -31.82 12.06 -5.50
C LEU B 206 -33.13 11.67 -4.81
N ALA B 207 -33.37 10.38 -4.60
CA ALA B 207 -34.57 9.89 -3.89
C ALA B 207 -34.65 10.56 -2.50
N ASP B 208 -33.54 10.58 -1.76
CA ASP B 208 -33.46 11.11 -0.38
C ASP B 208 -33.65 12.64 -0.40
N LEU B 209 -33.10 13.33 -1.41
CA LEU B 209 -33.30 14.79 -1.56
C LEU B 209 -34.80 15.06 -1.81
N LYS B 210 -35.44 14.27 -2.69
CA LYS B 210 -36.88 14.40 -3.03
C LYS B 210 -37.73 14.24 -1.77
N THR B 211 -37.45 13.20 -0.98
CA THR B 211 -38.13 12.92 0.30
C THR B 211 -38.01 14.13 1.21
N MET B 212 -36.83 14.76 1.24
CA MET B 212 -36.58 15.92 2.14
C MET B 212 -37.39 17.11 1.66
N VAL B 213 -37.55 17.30 0.34
CA VAL B 213 -38.37 18.42 -0.22
C VAL B 213 -39.84 18.23 0.17
N GLU B 214 -40.37 16.99 0.08
CA GLU B 214 -41.77 16.64 0.44
C GLU B 214 -42.05 16.94 1.92
N THR B 215 -41.08 16.71 2.82
CA THR B 215 -41.21 16.86 4.30
C THR B 215 -40.47 18.12 4.79
N LYS B 216 -40.13 19.03 3.88
CA LYS B 216 -39.32 20.25 4.17
C LYS B 216 -39.92 20.97 5.38
N LYS B 217 -39.11 21.25 6.40
CA LYS B 217 -39.47 22.09 7.59
C LYS B 217 -38.60 23.35 7.59
N VAL B 218 -39.14 24.49 8.01
CA VAL B 218 -38.39 25.78 8.13
C VAL B 218 -38.49 26.29 9.57
N THR B 219 -37.48 27.03 10.04
CA THR B 219 -37.43 27.69 11.36
C THR B 219 -38.39 28.88 11.38
N SER B 220 -38.38 29.68 12.46
CA SER B 220 -39.14 30.96 12.58
C SER B 220 -38.58 31.98 11.57
N SER B 221 -37.26 31.92 11.30
CA SER B 221 -36.54 32.80 10.34
C SER B 221 -36.89 32.40 8.89
N GLY B 222 -37.55 31.26 8.68
CA GLY B 222 -37.88 30.73 7.34
C GLY B 222 -36.66 30.14 6.63
N VAL B 223 -35.61 29.77 7.36
CA VAL B 223 -34.46 28.99 6.81
C VAL B 223 -34.64 27.51 7.15
N LEU B 224 -34.05 26.65 6.32
CA LEU B 224 -34.18 25.17 6.34
C LEU B 224 -33.84 24.62 7.73
N LEU B 225 -34.67 23.73 8.24
CA LEU B 225 -34.49 23.08 9.56
C LEU B 225 -33.93 21.69 9.28
N LEU B 226 -32.69 21.50 9.69
CA LEU B 226 -31.97 20.21 9.56
C LEU B 226 -31.56 19.85 10.99
N ASP B 227 -32.36 19.01 11.62
CA ASP B 227 -32.23 18.59 13.04
C ASP B 227 -31.05 17.67 13.27
N ASN B 228 -31.03 16.55 12.55
CA ASN B 228 -30.04 15.46 12.75
C ASN B 228 -28.94 15.47 11.68
N TYR B 229 -27.88 14.73 11.95
CA TYR B 229 -26.70 14.59 11.06
C TYR B 229 -27.14 14.05 9.70
N SER B 230 -27.97 13.01 9.69
CA SER B 230 -28.43 12.34 8.46
C SER B 230 -28.97 13.39 7.47
N ASP B 231 -29.77 14.37 7.93
CA ASP B 231 -30.41 15.38 7.05
C ASP B 231 -29.38 16.44 6.65
N ARG B 232 -28.55 16.83 7.60
CA ARG B 232 -27.52 17.88 7.38
C ARG B 232 -26.54 17.36 6.30
N ILE B 233 -26.11 16.11 6.40
CA ILE B 233 -25.07 15.54 5.51
C ILE B 233 -25.68 15.24 4.15
N GLN B 234 -26.94 14.82 4.07
CA GLN B 234 -27.63 14.61 2.77
C GLN B 234 -27.65 15.91 1.96
N VAL B 235 -27.90 17.03 2.62
CA VAL B 235 -27.96 18.36 1.94
C VAL B 235 -26.55 18.73 1.45
N LEU B 236 -25.52 18.52 2.27
CA LEU B 236 -24.11 18.82 1.89
C LEU B 236 -23.69 17.88 0.75
N GLN B 237 -24.08 16.61 0.82
CA GLN B 237 -23.78 15.61 -0.24
C GLN B 237 -24.42 16.06 -1.56
N ASN B 238 -25.70 16.43 -1.53
CA ASN B 238 -26.43 16.82 -2.76
C ASN B 238 -25.89 18.15 -3.27
N MET B 239 -25.49 19.04 -2.37
CA MET B 239 -24.92 20.36 -2.74
C MET B 239 -23.65 20.14 -3.57
N VAL B 240 -22.70 19.36 -3.05
CA VAL B 240 -21.40 19.13 -3.76
C VAL B 240 -21.66 18.30 -5.03
N HIS B 241 -22.60 17.36 -4.99
CA HIS B 241 -23.05 16.58 -6.17
C HIS B 241 -23.57 17.54 -7.25
N CYS B 242 -24.42 18.51 -6.87
CA CYS B 242 -24.92 19.58 -7.77
C CYS B 242 -23.75 20.41 -8.32
N ALA B 243 -22.80 20.81 -7.49
CA ALA B 243 -21.61 21.56 -7.94
C ALA B 243 -20.85 20.71 -8.97
N ASP B 244 -20.71 19.41 -8.70
CA ASP B 244 -20.00 18.48 -9.60
C ASP B 244 -20.75 18.37 -10.93
N LEU B 245 -22.09 18.44 -10.90
CA LEU B 245 -22.93 18.32 -12.12
C LEU B 245 -23.45 19.71 -12.55
N SER B 246 -22.64 20.77 -12.37
CA SER B 246 -23.10 22.17 -12.56
C SER B 246 -22.80 22.69 -13.97
N ASN B 247 -21.99 21.97 -14.77
CA ASN B 247 -21.49 22.50 -16.08
C ASN B 247 -22.66 22.95 -16.97
N PRO B 248 -23.70 22.12 -17.18
CA PRO B 248 -24.80 22.49 -18.09
C PRO B 248 -25.67 23.64 -17.56
N THR B 249 -25.49 24.05 -16.31
CA THR B 249 -26.24 25.17 -15.68
C THR B 249 -25.45 26.48 -15.80
N LYS B 250 -24.28 26.46 -16.42
CA LYS B 250 -23.41 27.66 -16.52
C LYS B 250 -23.67 28.38 -17.82
N PRO B 251 -23.35 29.69 -17.94
CA PRO B 251 -23.36 30.37 -19.23
C PRO B 251 -22.77 29.46 -20.32
N LEU B 252 -23.39 29.46 -21.50
CA LEU B 252 -23.16 28.51 -22.61
C LEU B 252 -21.67 28.47 -22.98
N GLN B 253 -20.97 29.61 -22.97
CA GLN B 253 -19.55 29.62 -23.43
C GLN B 253 -18.69 28.81 -22.45
N LEU B 254 -19.05 28.74 -21.17
CA LEU B 254 -18.38 27.87 -20.17
C LEU B 254 -18.77 26.40 -20.42
N TYR B 255 -20.07 26.12 -20.49
CA TYR B 255 -20.61 24.75 -20.67
C TYR B 255 -19.92 24.10 -21.89
N ARG B 256 -19.77 24.83 -22.99
CA ARG B 256 -19.24 24.24 -24.25
C ARG B 256 -17.75 23.88 -24.08
N GLN B 257 -16.99 24.65 -23.28
CA GLN B 257 -15.59 24.30 -22.97
C GLN B 257 -15.54 23.02 -22.13
N TRP B 258 -16.44 22.89 -21.16
CA TRP B 258 -16.53 21.68 -20.30
C TRP B 258 -16.86 20.47 -21.17
N THR B 259 -17.82 20.62 -22.08
CA THR B 259 -18.24 19.54 -23.00
C THR B 259 -17.04 19.14 -23.88
N ASP B 260 -16.31 20.09 -24.45
CA ASP B 260 -15.13 19.75 -25.29
C ASP B 260 -14.15 18.94 -24.44
N ARG B 261 -13.97 19.32 -23.18
CA ARG B 261 -12.96 18.69 -22.29
C ARG B 261 -13.43 17.27 -21.90
N ILE B 262 -14.67 17.08 -21.50
CA ILE B 262 -15.12 15.73 -21.08
C ILE B 262 -15.02 14.80 -22.32
N MET B 263 -15.35 15.31 -23.50
CA MET B 263 -15.37 14.46 -24.71
C MET B 263 -13.94 14.11 -25.14
N GLU B 264 -12.99 15.05 -25.02
CA GLU B 264 -11.55 14.74 -25.23
C GLU B 264 -11.14 13.62 -24.26
N GLU B 265 -11.51 13.73 -22.99
CA GLU B 265 -11.09 12.75 -21.96
C GLU B 265 -11.74 11.39 -22.29
N PHE B 266 -13.02 11.35 -22.63
CA PHE B 266 -13.76 10.11 -22.97
C PHE B 266 -13.14 9.43 -24.20
N PHE B 267 -12.85 10.20 -25.25
CA PHE B 267 -12.31 9.68 -26.52
C PHE B 267 -10.92 9.09 -26.26
N ARG B 268 -10.12 9.75 -25.41
CA ARG B 268 -8.78 9.25 -25.01
C ARG B 268 -8.95 7.91 -24.32
N GLN B 269 -9.94 7.75 -23.44
CA GLN B 269 -10.18 6.43 -22.78
C GLN B 269 -10.58 5.42 -23.86
N GLY B 270 -11.45 5.79 -24.78
CA GLY B 270 -11.86 4.91 -25.89
C GLY B 270 -10.68 4.46 -26.75
N ASP B 271 -9.75 5.35 -27.04
CA ASP B 271 -8.52 5.02 -27.80
C ASP B 271 -7.68 4.02 -26.99
N ARG B 272 -7.61 4.20 -25.68
CA ARG B 272 -6.82 3.29 -24.80
C ARG B 272 -7.50 1.92 -24.79
N GLU B 273 -8.82 1.88 -24.76
CA GLU B 273 -9.61 0.63 -24.77
C GLU B 273 -9.43 -0.08 -26.13
N ARG B 274 -9.54 0.64 -27.26
CA ARG B 274 -9.46 0.08 -28.65
C ARG B 274 -8.06 -0.51 -28.87
N GLU B 275 -7.01 0.23 -28.48
CA GLU B 275 -5.60 -0.22 -28.63
C GLU B 275 -5.38 -1.51 -27.84
N ARG B 276 -6.04 -1.73 -26.71
CA ARG B 276 -5.86 -2.93 -25.86
C ARG B 276 -6.86 -4.03 -26.22
N GLY B 277 -7.72 -3.81 -27.21
CA GLY B 277 -8.78 -4.75 -27.64
C GLY B 277 -9.91 -4.92 -26.60
N MET B 278 -10.02 -4.02 -25.62
CA MET B 278 -11.13 -3.97 -24.63
C MET B 278 -12.40 -3.50 -25.35
N GLU B 279 -13.57 -3.83 -24.83
CA GLU B 279 -14.85 -3.24 -25.32
C GLU B 279 -14.76 -1.72 -25.10
N ILE B 280 -15.12 -0.90 -26.08
CA ILE B 280 -15.12 0.58 -25.97
C ILE B 280 -16.33 1.00 -25.13
N SER B 281 -16.11 1.80 -24.10
CA SER B 281 -17.16 2.26 -23.15
C SER B 281 -18.14 3.20 -23.89
N PRO B 282 -19.41 3.28 -23.44
CA PRO B 282 -20.36 4.24 -23.98
C PRO B 282 -19.81 5.68 -24.11
N MET B 283 -20.03 6.29 -25.28
CA MET B 283 -19.66 7.72 -25.58
C MET B 283 -18.15 7.88 -25.68
N CYS B 284 -17.34 6.81 -25.61
CA CYS B 284 -15.85 6.89 -25.66
C CYS B 284 -15.34 6.60 -27.07
N ASP B 285 -16.21 6.28 -28.02
CA ASP B 285 -15.84 5.89 -29.41
C ASP B 285 -15.91 7.14 -30.28
N LYS B 286 -14.78 7.77 -30.59
CA LYS B 286 -14.70 8.99 -31.43
C LYS B 286 -15.17 8.69 -32.87
N HIS B 287 -15.26 7.42 -33.29
CA HIS B 287 -15.72 7.02 -34.65
C HIS B 287 -17.24 6.88 -34.66
N ASN B 288 -17.85 6.60 -33.50
CA ASN B 288 -19.28 6.24 -33.35
C ASN B 288 -19.87 7.01 -32.16
N ALA B 289 -19.88 8.35 -32.21
CA ALA B 289 -20.29 9.26 -31.10
C ALA B 289 -21.39 10.24 -31.51
N SER B 290 -22.21 10.65 -30.53
CA SER B 290 -23.28 11.66 -30.67
C SER B 290 -23.15 12.68 -29.53
N VAL B 291 -22.10 13.49 -29.54
CA VAL B 291 -21.77 14.44 -28.43
C VAL B 291 -23.02 15.22 -28.03
N GLU B 292 -23.73 15.84 -28.99
CA GLU B 292 -24.87 16.74 -28.74
C GLU B 292 -26.05 15.94 -28.17
N LYS B 293 -26.38 14.80 -28.77
CA LYS B 293 -27.46 13.91 -28.28
C LYS B 293 -27.15 13.45 -26.86
N SER B 294 -25.88 13.13 -26.59
CA SER B 294 -25.43 12.66 -25.25
C SER B 294 -25.62 13.79 -24.22
N GLN B 295 -25.30 15.04 -24.57
CA GLN B 295 -25.48 16.19 -23.66
C GLN B 295 -26.97 16.34 -23.33
N VAL B 296 -27.85 16.23 -24.33
CA VAL B 296 -29.32 16.35 -24.08
C VAL B 296 -29.75 15.21 -23.15
N GLY B 297 -29.24 14.00 -23.37
CA GLY B 297 -29.56 12.81 -22.55
C GLY B 297 -29.08 13.00 -21.12
N PHE B 298 -27.87 13.51 -20.96
CA PHE B 298 -27.27 13.79 -19.62
C PHE B 298 -28.16 14.78 -18.89
N ILE B 299 -28.55 15.87 -19.56
CA ILE B 299 -29.45 16.87 -18.95
C ILE B 299 -30.78 16.22 -18.58
N ASP B 300 -31.41 15.49 -19.51
CA ASP B 300 -32.80 14.99 -19.34
C ASP B 300 -32.87 13.95 -18.22
N TYR B 301 -31.89 13.04 -18.16
CA TYR B 301 -31.97 11.85 -17.27
C TYR B 301 -31.26 12.13 -15.93
N ILE B 302 -30.27 13.01 -15.88
CA ILE B 302 -29.38 13.19 -14.69
C ILE B 302 -29.47 14.63 -14.16
N VAL B 303 -29.04 15.61 -14.94
CA VAL B 303 -28.73 16.97 -14.45
C VAL B 303 -30.05 17.71 -14.12
N HIS B 304 -31.03 17.72 -15.03
CA HIS B 304 -32.32 18.44 -14.83
C HIS B 304 -33.05 17.85 -13.63
N PRO B 305 -33.27 16.52 -13.52
CA PRO B 305 -33.94 15.99 -12.34
C PRO B 305 -33.26 16.41 -11.03
N LEU B 306 -31.93 16.43 -11.01
CA LEU B 306 -31.18 16.78 -9.78
C LEU B 306 -31.41 18.27 -9.47
N TRP B 307 -31.15 19.13 -10.44
CA TRP B 307 -31.21 20.61 -10.24
C TRP B 307 -32.65 21.08 -9.98
N GLU B 308 -33.65 20.43 -10.58
CA GLU B 308 -35.07 20.78 -10.34
C GLU B 308 -35.38 20.46 -8.88
N THR B 309 -34.88 19.34 -8.36
CA THR B 309 -35.14 18.95 -6.95
C THR B 309 -34.38 19.93 -6.04
N TRP B 310 -33.13 20.25 -6.37
CA TRP B 310 -32.36 21.25 -5.57
C TRP B 310 -33.11 22.59 -5.57
N ALA B 311 -33.58 23.03 -6.75
CA ALA B 311 -34.28 24.32 -6.93
C ALA B 311 -35.52 24.38 -6.02
N ASP B 312 -36.24 23.27 -5.86
CA ASP B 312 -37.39 23.14 -4.94
C ASP B 312 -36.94 23.32 -3.49
N LEU B 313 -35.84 22.68 -3.11
CA LEU B 313 -35.31 22.76 -1.72
C LEU B 313 -35.00 24.23 -1.37
N VAL B 314 -34.42 25.00 -2.29
CA VAL B 314 -33.93 26.37 -1.98
C VAL B 314 -34.76 27.42 -2.74
N HIS B 315 -36.00 27.08 -3.10
CA HIS B 315 -36.92 27.96 -3.88
C HIS B 315 -37.00 29.35 -3.23
N PRO B 316 -36.85 30.47 -3.97
CA PRO B 316 -36.59 30.48 -5.42
C PRO B 316 -35.13 30.75 -5.85
N ASP B 317 -34.16 30.45 -4.98
CA ASP B 317 -32.76 30.98 -5.11
C ASP B 317 -32.10 30.45 -6.40
N ALA B 318 -32.51 29.29 -6.92
CA ALA B 318 -31.87 28.59 -8.04
C ALA B 318 -32.62 28.81 -9.36
N GLN B 319 -33.65 29.66 -9.40
CA GLN B 319 -34.54 29.77 -10.59
C GLN B 319 -33.72 30.15 -11.83
N ASP B 320 -32.77 31.09 -11.73
CA ASP B 320 -31.97 31.55 -12.90
C ASP B 320 -31.01 30.44 -13.37
N ILE B 321 -30.54 29.61 -12.45
CA ILE B 321 -29.67 28.43 -12.76
C ILE B 321 -30.52 27.41 -13.55
N LEU B 322 -31.71 27.06 -13.05
CA LEU B 322 -32.62 26.13 -13.75
C LEU B 322 -32.98 26.71 -15.13
N ASP B 323 -33.19 28.02 -15.25
CA ASP B 323 -33.56 28.64 -16.56
C ASP B 323 -32.38 28.47 -17.52
N THR B 324 -31.15 28.76 -17.10
CA THR B 324 -29.93 28.64 -17.94
C THR B 324 -29.80 27.18 -18.41
N LEU B 325 -30.14 26.22 -17.55
CA LEU B 325 -30.03 24.78 -17.85
C LEU B 325 -30.97 24.45 -19.01
N GLU B 326 -32.23 24.85 -18.91
CA GLU B 326 -33.26 24.62 -19.98
C GLU B 326 -32.84 25.35 -21.27
N ASP B 327 -32.30 26.55 -21.19
CA ASP B 327 -31.80 27.27 -22.40
C ASP B 327 -30.66 26.47 -23.03
N ASN B 328 -29.71 25.97 -22.22
CA ASN B 328 -28.51 25.25 -22.71
C ASN B 328 -28.96 23.92 -23.33
N ARG B 329 -29.94 23.28 -22.71
CA ARG B 329 -30.56 22.03 -23.24
C ARG B 329 -31.09 22.27 -24.66
N GLU B 330 -31.84 23.35 -24.88
CA GLU B 330 -32.48 23.65 -26.21
C GLU B 330 -31.37 23.95 -27.23
N TRP B 331 -30.34 24.68 -26.83
CA TRP B 331 -29.20 24.97 -27.73
C TRP B 331 -28.57 23.66 -28.23
N TYR B 332 -28.32 22.68 -27.34
CA TYR B 332 -27.65 21.40 -27.72
C TYR B 332 -28.61 20.58 -28.59
N GLN B 333 -29.89 20.50 -28.22
CA GLN B 333 -30.97 19.84 -29.02
C GLN B 333 -30.91 20.37 -30.45
N SER B 334 -30.81 21.68 -30.62
CA SER B 334 -30.85 22.34 -31.95
C SER B 334 -29.59 22.02 -32.78
N THR B 335 -28.56 21.38 -32.21
CA THR B 335 -27.30 21.05 -32.93
C THR B 335 -27.15 19.54 -33.15
N ILE B 336 -28.17 18.74 -32.81
CA ILE B 336 -28.23 17.27 -33.06
C ILE B 336 -28.46 17.03 -34.54
N PRO B 337 -27.55 16.31 -35.24
CA PRO B 337 -27.78 15.95 -36.64
C PRO B 337 -29.09 15.16 -36.81
N GLN B 338 -29.58 14.98 -38.04
CA GLN B 338 -30.82 14.21 -38.35
C GLN B 338 -30.45 12.73 -38.58
N GLN C 14 2.01 -9.06 43.57
CA GLN C 14 2.58 -9.35 42.21
C GLN C 14 3.33 -8.10 41.72
N GLU C 15 2.74 -6.92 41.91
CA GLU C 15 3.35 -5.59 41.57
C GLU C 15 4.67 -5.39 42.34
N ASP C 16 4.76 -5.87 43.58
CA ASP C 16 5.97 -5.76 44.43
C ASP C 16 7.10 -6.54 43.75
N VAL C 17 6.83 -7.79 43.34
CA VAL C 17 7.86 -8.69 42.75
C VAL C 17 8.31 -8.12 41.39
N LEU C 18 7.38 -7.56 40.60
CA LEU C 18 7.69 -6.93 39.29
C LEU C 18 8.63 -5.75 39.53
N ALA C 19 8.29 -4.88 40.48
CA ALA C 19 9.07 -3.67 40.83
C ALA C 19 10.48 -4.08 41.25
N LYS C 20 10.63 -5.21 41.96
CA LYS C 20 11.94 -5.71 42.43
C LYS C 20 12.74 -6.18 41.21
N GLU C 21 12.12 -6.91 40.29
CA GLU C 21 12.80 -7.40 39.05
C GLU C 21 13.23 -6.19 38.20
N LEU C 22 12.44 -5.11 38.16
CA LEU C 22 12.72 -3.92 37.32
C LEU C 22 13.86 -3.08 37.92
N GLU C 23 14.30 -3.38 39.15
CA GLU C 23 15.44 -2.68 39.77
C GLU C 23 16.75 -3.18 39.14
N ASP C 24 16.74 -4.29 38.39
CA ASP C 24 17.93 -4.83 37.69
C ASP C 24 18.06 -4.23 36.27
N VAL C 25 17.25 -3.21 35.95
CA VAL C 25 17.09 -2.68 34.57
C VAL C 25 18.43 -2.16 34.04
N ASN C 26 19.39 -1.80 34.90
CA ASN C 26 20.69 -1.20 34.49
C ASN C 26 21.76 -2.31 34.41
N LYS C 27 21.36 -3.55 34.61
CA LYS C 27 22.31 -4.70 34.68
C LYS C 27 22.11 -5.63 33.48
N TRP C 28 23.23 -6.07 32.90
CA TRP C 28 23.27 -7.22 31.97
C TRP C 28 22.71 -8.44 32.69
N GLY C 29 21.69 -9.11 32.16
CA GLY C 29 21.15 -10.30 32.83
C GLY C 29 19.85 -10.05 33.56
N LEU C 30 19.16 -8.96 33.22
CA LEU C 30 17.75 -8.73 33.67
C LEU C 30 16.93 -10.00 33.39
N HIS C 31 16.07 -10.41 34.32
CA HIS C 31 15.21 -11.62 34.21
C HIS C 31 14.01 -11.24 33.31
N VAL C 32 14.25 -11.10 32.02
CA VAL C 32 13.27 -10.45 31.10
C VAL C 32 12.07 -11.37 30.90
N PHE C 33 12.25 -12.68 30.95
CA PHE C 33 11.15 -13.67 30.85
C PHE C 33 10.28 -13.57 32.09
N ARG C 34 10.88 -13.37 33.26
CA ARG C 34 10.12 -13.21 34.53
C ARG C 34 9.31 -11.92 34.43
N ILE C 35 9.91 -10.84 33.90
CA ILE C 35 9.19 -9.55 33.72
C ILE C 35 8.02 -9.75 32.76
N ALA C 36 8.19 -10.52 31.68
CA ALA C 36 7.10 -10.86 30.75
C ALA C 36 5.94 -11.56 31.49
N GLU C 37 6.21 -12.56 32.32
CA GLU C 37 5.16 -13.30 33.08
C GLU C 37 4.45 -12.34 34.03
N LEU C 38 5.20 -11.55 34.81
CA LEU C 38 4.67 -10.69 35.90
C LEU C 38 3.90 -9.49 35.34
N SER C 39 4.23 -9.01 34.14
CA SER C 39 3.59 -7.82 33.50
C SER C 39 2.35 -8.20 32.68
N GLY C 40 1.95 -9.48 32.64
CA GLY C 40 0.84 -9.95 31.78
C GLY C 40 1.19 -9.84 30.30
N ASN C 41 2.41 -10.28 29.94
CA ASN C 41 2.99 -10.16 28.57
C ASN C 41 3.09 -8.68 28.14
N ARG C 42 3.59 -7.81 29.01
CA ARG C 42 3.87 -6.39 28.68
C ARG C 42 5.32 -6.04 28.98
N PRO C 43 6.30 -6.90 28.67
CA PRO C 43 7.69 -6.62 28.99
C PRO C 43 8.20 -5.34 28.29
N LEU C 44 7.81 -5.12 27.03
CA LEU C 44 8.33 -3.99 26.24
C LEU C 44 7.82 -2.70 26.87
N THR C 45 6.52 -2.64 27.18
CA THR C 45 5.87 -1.46 27.78
C THR C 45 6.57 -1.14 29.12
N VAL C 46 6.62 -2.08 30.06
CA VAL C 46 7.12 -1.76 31.44
C VAL C 46 8.63 -1.47 31.39
N ILE C 47 9.42 -2.20 30.60
CA ILE C 47 10.89 -1.94 30.49
C ILE C 47 11.15 -0.62 29.79
N MET C 48 10.45 -0.30 28.70
CA MET C 48 10.64 1.00 28.00
C MET C 48 10.27 2.12 28.97
N HIS C 49 9.15 1.99 29.68
CA HIS C 49 8.68 3.04 30.61
C HIS C 49 9.74 3.26 31.70
N THR C 50 10.23 2.17 32.29
CA THR C 50 11.26 2.20 33.36
C THR C 50 12.52 2.89 32.83
N ILE C 51 12.98 2.54 31.63
CA ILE C 51 14.21 3.16 31.04
C ILE C 51 13.96 4.64 30.76
N PHE C 52 12.79 4.99 30.22
CA PHE C 52 12.43 6.41 29.94
C PHE C 52 12.48 7.22 31.26
N GLN C 53 11.93 6.69 32.36
CA GLN C 53 11.99 7.34 33.70
C GLN C 53 13.46 7.43 34.15
N GLU C 54 14.20 6.33 34.14
CA GLU C 54 15.63 6.26 34.57
C GLU C 54 16.47 7.33 33.85
N ARG C 55 16.26 7.54 32.56
CA ARG C 55 17.09 8.46 31.73
C ARG C 55 16.42 9.84 31.65
N ASP C 56 15.32 10.03 32.38
CA ASP C 56 14.58 11.32 32.48
C ASP C 56 14.10 11.78 31.09
N LEU C 57 13.78 10.87 30.18
CA LEU C 57 13.44 11.21 28.77
C LEU C 57 12.04 11.83 28.70
N LEU C 58 11.11 11.52 29.62
CA LEU C 58 9.75 12.12 29.59
C LEU C 58 9.89 13.63 29.83
N LYS C 59 10.66 14.04 30.86
CA LYS C 59 10.91 15.47 31.17
C LYS C 59 11.69 16.12 30.02
N THR C 60 12.79 15.53 29.59
CA THR C 60 13.68 16.14 28.56
C THR C 60 12.92 16.41 27.25
N PHE C 61 12.05 15.49 26.81
CA PHE C 61 11.37 15.59 25.49
C PHE C 61 9.89 15.92 25.67
N LYS C 62 9.46 16.22 26.90
CA LYS C 62 8.08 16.66 27.24
C LYS C 62 7.11 15.62 26.66
N ILE C 63 7.34 14.36 26.99
CA ILE C 63 6.50 13.23 26.53
C ILE C 63 5.41 13.01 27.56
N PRO C 64 4.12 13.27 27.23
CA PRO C 64 3.04 12.99 28.17
C PRO C 64 3.05 11.50 28.49
N VAL C 65 2.90 11.16 29.78
CA VAL C 65 3.06 9.77 30.25
C VAL C 65 1.94 8.88 29.65
N ASP C 66 0.71 9.41 29.54
CA ASP C 66 -0.43 8.67 28.94
C ASP C 66 -0.12 8.35 27.47
N THR C 67 0.50 9.29 26.75
CA THR C 67 0.90 9.14 25.32
C THR C 67 1.97 8.05 25.22
N LEU C 68 2.97 8.08 26.10
CA LEU C 68 4.05 7.07 26.09
C LEU C 68 3.43 5.70 26.28
N ILE C 69 2.55 5.54 27.27
CA ILE C 69 1.96 4.23 27.62
C ILE C 69 1.08 3.76 26.44
N THR C 70 0.30 4.67 25.84
CA THR C 70 -0.60 4.31 24.72
C THR C 70 0.25 3.83 23.53
N TYR C 71 1.32 4.55 23.20
CA TYR C 71 2.20 4.16 22.07
C TYR C 71 2.86 2.81 22.40
N LEU C 72 3.40 2.64 23.62
CA LEU C 72 4.15 1.41 23.95
C LEU C 72 3.21 0.21 23.86
N MET C 73 1.99 0.35 24.36
CA MET C 73 1.03 -0.78 24.32
C MET C 73 0.66 -1.10 22.86
N THR C 74 0.49 -0.07 22.03
CA THR C 74 0.20 -0.21 20.59
C THR C 74 1.38 -0.91 19.91
N LEU C 75 2.59 -0.46 20.16
CA LEU C 75 3.81 -1.08 19.56
C LEU C 75 3.89 -2.54 20.02
N GLU C 76 3.74 -2.80 21.31
CA GLU C 76 3.84 -4.19 21.84
C GLU C 76 2.78 -5.08 21.18
N ASP C 77 1.57 -4.56 20.93
CA ASP C 77 0.46 -5.29 20.29
C ASP C 77 0.79 -5.66 18.84
N HIS C 78 1.70 -4.96 18.17
CA HIS C 78 2.08 -5.22 16.76
C HIS C 78 3.31 -6.13 16.68
N TYR C 79 3.84 -6.58 17.81
CA TYR C 79 4.71 -7.77 17.88
C TYR C 79 3.77 -8.98 17.96
N HIS C 80 4.11 -10.07 17.27
CA HIS C 80 3.25 -11.27 17.19
C HIS C 80 3.52 -12.19 18.40
N ALA C 81 2.50 -12.45 19.20
CA ALA C 81 2.49 -13.35 20.37
C ALA C 81 2.73 -14.81 19.96
N ASP C 82 2.40 -15.22 18.74
CA ASP C 82 2.56 -16.61 18.22
C ASP C 82 3.97 -16.86 17.64
N VAL C 83 4.83 -15.84 17.58
CA VAL C 83 6.20 -16.00 17.00
C VAL C 83 7.14 -16.23 18.19
N ALA C 84 7.92 -17.30 18.16
CA ALA C 84 8.63 -17.79 19.36
C ALA C 84 9.78 -16.87 19.74
N TYR C 85 10.50 -16.29 18.76
CA TYR C 85 11.71 -15.49 19.04
C TYR C 85 11.43 -14.01 18.79
N HIS C 86 11.05 -13.63 17.55
CA HIS C 86 10.91 -12.21 17.13
C HIS C 86 9.58 -11.65 17.64
N ASN C 87 9.49 -11.52 18.96
CA ASN C 87 8.28 -11.04 19.66
C ASN C 87 8.68 -9.87 20.57
N ASN C 88 7.73 -9.42 21.38
CA ASN C 88 7.83 -8.26 22.30
C ASN C 88 8.90 -8.54 23.37
N ILE C 89 9.15 -9.81 23.69
CA ILE C 89 10.17 -10.12 24.73
C ILE C 89 11.55 -9.83 24.12
N HIS C 90 11.76 -10.22 22.85
CA HIS C 90 13.03 -9.93 22.13
C HIS C 90 13.21 -8.41 22.02
N ALA C 91 12.15 -7.69 21.67
CA ALA C 91 12.21 -6.23 21.57
C ALA C 91 12.59 -5.65 22.94
N ALA C 92 11.95 -6.10 24.01
CA ALA C 92 12.22 -5.64 25.39
C ALA C 92 13.71 -5.87 25.68
N ASP C 93 14.19 -7.05 25.33
CA ASP C 93 15.58 -7.48 25.60
C ASP C 93 16.56 -6.58 24.86
N VAL C 94 16.30 -6.29 23.60
CA VAL C 94 17.27 -5.48 22.80
C VAL C 94 17.26 -4.04 23.34
N VAL C 95 16.09 -3.53 23.73
CA VAL C 95 15.97 -2.18 24.35
C VAL C 95 16.85 -2.14 25.62
N GLN C 96 16.67 -3.10 26.52
CA GLN C 96 17.34 -3.09 27.84
C GLN C 96 18.84 -3.27 27.63
N SER C 97 19.22 -4.11 26.66
CA SER C 97 20.66 -4.35 26.33
C SER C 97 21.28 -3.07 25.77
N THR C 98 20.59 -2.40 24.85
CA THR C 98 21.07 -1.10 24.30
C THR C 98 21.25 -0.10 25.45
N HIS C 99 20.27 -0.04 26.36
CA HIS C 99 20.29 0.85 27.54
C HIS C 99 21.58 0.60 28.35
N VAL C 100 21.93 -0.65 28.61
CA VAL C 100 23.15 -0.97 29.39
C VAL C 100 24.39 -0.56 28.58
N LEU C 101 24.47 -0.92 27.30
CA LEU C 101 25.63 -0.56 26.45
C LEU C 101 25.81 0.96 26.39
N LEU C 102 24.73 1.74 26.42
CA LEU C 102 24.80 3.23 26.34
C LEU C 102 25.47 3.79 27.62
N SER C 103 25.35 3.12 28.76
CA SER C 103 25.89 3.52 30.07
C SER C 103 27.35 3.10 30.22
N THR C 104 27.94 2.44 29.24
CA THR C 104 29.35 1.98 29.33
C THR C 104 30.27 3.18 29.61
N PRO C 105 31.20 3.06 30.59
CA PRO C 105 32.09 4.16 30.97
C PRO C 105 32.85 4.81 29.80
N ALA C 106 33.36 4.02 28.85
CA ALA C 106 34.07 4.53 27.66
C ALA C 106 33.18 5.45 26.81
N LEU C 107 31.87 5.49 27.02
CA LEU C 107 30.99 6.36 26.19
C LEU C 107 30.33 7.45 27.03
N GLU C 108 30.73 7.62 28.30
CA GLU C 108 30.11 8.60 29.22
C GLU C 108 30.17 9.99 28.57
N ALA C 109 29.00 10.64 28.46
CA ALA C 109 28.78 12.01 27.95
C ALA C 109 29.17 12.16 26.46
N VAL C 110 29.39 11.06 25.73
CA VAL C 110 29.65 11.11 24.26
C VAL C 110 28.35 11.45 23.51
N PHE C 111 27.20 10.86 23.86
CA PHE C 111 25.96 10.93 23.04
C PHE C 111 24.99 11.97 23.61
N THR C 112 24.32 12.73 22.72
CA THR C 112 23.25 13.67 23.10
C THR C 112 22.01 12.88 23.56
N ASP C 113 21.11 13.56 24.27
CA ASP C 113 19.80 13.01 24.70
C ASP C 113 19.03 12.52 23.45
N LEU C 114 19.12 13.23 22.32
CA LEU C 114 18.40 12.88 21.08
C LEU C 114 18.97 11.58 20.51
N GLU C 115 20.30 11.41 20.51
CA GLU C 115 20.94 10.18 20.01
C GLU C 115 20.57 8.99 20.91
N ILE C 116 20.50 9.19 22.22
CA ILE C 116 20.09 8.14 23.20
C ILE C 116 18.65 7.72 22.88
N LEU C 117 17.76 8.70 22.68
CA LEU C 117 16.34 8.48 22.35
C LEU C 117 16.25 7.67 21.04
N ALA C 118 17.02 8.05 20.02
CA ALA C 118 17.12 7.35 18.73
C ALA C 118 17.49 5.88 18.97
N ALA C 119 18.57 5.61 19.70
CA ALA C 119 19.08 4.23 19.85
C ALA C 119 18.04 3.36 20.57
N ILE C 120 17.36 3.91 21.55
CA ILE C 120 16.38 3.15 22.38
C ILE C 120 15.08 2.96 21.58
N PHE C 121 14.58 4.01 20.93
CA PHE C 121 13.38 3.92 20.08
C PHE C 121 13.65 2.92 18.96
N ALA C 122 14.81 3.01 18.32
CA ALA C 122 15.21 2.07 17.24
C ALA C 122 15.15 0.65 17.76
N SER C 123 15.73 0.40 18.92
CA SER C 123 15.75 -0.93 19.54
C SER C 123 14.32 -1.41 19.72
N ALA C 124 13.42 -0.55 20.18
CA ALA C 124 12.05 -0.95 20.55
C ALA C 124 11.27 -1.37 19.29
N ILE C 125 11.50 -0.70 18.16
CA ILE C 125 10.69 -0.91 16.92
C ILE C 125 11.41 -1.90 16.00
N HIS C 126 12.64 -2.33 16.32
CA HIS C 126 13.57 -2.85 15.27
C HIS C 126 13.06 -4.14 14.62
N ASP C 127 12.15 -4.89 15.25
CA ASP C 127 11.58 -6.14 14.69
C ASP C 127 10.04 -6.11 14.71
N VAL C 128 9.40 -4.94 14.78
CA VAL C 128 7.94 -4.90 14.98
C VAL C 128 7.23 -5.53 13.74
N ASP C 129 6.17 -6.28 13.99
CA ASP C 129 5.33 -6.97 12.97
C ASP C 129 6.17 -8.01 12.22
N HIS C 130 7.14 -8.63 12.90
CA HIS C 130 7.98 -9.72 12.34
C HIS C 130 7.08 -10.94 12.19
N PRO C 131 6.99 -11.53 10.98
CA PRO C 131 6.12 -12.68 10.77
C PRO C 131 6.76 -14.03 11.15
N GLY C 132 8.00 -14.04 11.60
CA GLY C 132 8.67 -15.27 12.07
C GLY C 132 9.23 -16.08 10.92
N VAL C 133 9.43 -15.45 9.76
CA VAL C 133 10.14 -16.04 8.61
C VAL C 133 11.16 -15.01 8.10
N SER C 134 12.16 -15.48 7.38
CA SER C 134 13.31 -14.67 6.90
C SER C 134 12.93 -13.84 5.68
N ASN C 135 13.78 -12.88 5.38
CA ASN C 135 13.71 -12.07 4.14
C ASN C 135 13.59 -13.02 2.93
N GLN C 136 14.41 -14.06 2.89
CA GLN C 136 14.51 -14.96 1.72
C GLN C 136 13.16 -15.67 1.53
N PHE C 137 12.49 -16.07 2.62
CA PHE C 137 11.16 -16.73 2.56
C PHE C 137 10.19 -15.75 1.88
N LEU C 138 10.18 -14.49 2.31
CA LEU C 138 9.26 -13.46 1.77
C LEU C 138 9.59 -13.21 0.29
N ILE C 139 10.86 -13.26 -0.08
CA ILE C 139 11.30 -13.07 -1.49
C ILE C 139 10.83 -14.26 -2.33
N ASN C 140 11.03 -15.49 -1.87
CA ASN C 140 10.77 -16.72 -2.65
C ASN C 140 9.26 -16.93 -2.87
N THR C 141 8.42 -16.41 -1.98
CA THR C 141 6.94 -16.55 -2.06
C THR C 141 6.35 -15.39 -2.85
N ASN C 142 7.17 -14.44 -3.32
CA ASN C 142 6.69 -13.22 -4.00
C ASN C 142 5.69 -12.48 -3.11
N SER C 143 6.02 -12.35 -1.83
CA SER C 143 5.17 -11.59 -0.87
C SER C 143 5.06 -10.15 -1.34
N GLU C 144 3.96 -9.50 -0.98
CA GLU C 144 3.74 -8.05 -1.25
C GLU C 144 4.89 -7.24 -0.64
N LEU C 145 5.39 -7.61 0.55
CA LEU C 145 6.46 -6.82 1.22
C LEU C 145 7.73 -6.86 0.36
N ALA C 146 8.11 -8.04 -0.12
CA ALA C 146 9.29 -8.22 -0.99
C ALA C 146 9.12 -7.40 -2.28
N LEU C 147 7.89 -7.30 -2.82
CA LEU C 147 7.62 -6.49 -4.04
C LEU C 147 7.78 -5.01 -3.73
N MET C 148 7.20 -4.52 -2.63
CA MET C 148 7.25 -3.10 -2.21
C MET C 148 8.71 -2.66 -2.05
N TYR C 149 9.58 -3.49 -1.48
CA TYR C 149 10.94 -3.05 -1.05
C TYR C 149 12.01 -3.69 -1.95
N ASN C 150 11.62 -4.21 -3.12
CA ASN C 150 12.59 -4.66 -4.15
C ASN C 150 13.58 -5.65 -3.54
N ASP C 151 13.07 -6.57 -2.70
CA ASP C 151 13.83 -7.72 -2.16
C ASP C 151 15.02 -7.25 -1.29
N SER C 152 15.05 -6.00 -0.85
CA SER C 152 16.23 -5.39 -0.17
C SER C 152 15.84 -4.98 1.24
N SER C 153 16.41 -5.66 2.24
CA SER C 153 16.12 -5.38 3.67
C SER C 153 14.62 -5.33 3.86
N VAL C 154 13.92 -6.36 3.37
CA VAL C 154 12.44 -6.34 3.27
C VAL C 154 11.89 -6.16 4.67
N LEU C 155 12.23 -7.06 5.59
CA LEU C 155 11.68 -6.98 6.98
C LEU C 155 12.13 -5.69 7.67
N GLU C 156 13.39 -5.29 7.51
CA GLU C 156 13.93 -4.10 8.24
C GLU C 156 13.22 -2.83 7.75
N ASN C 157 12.95 -2.72 6.45
CA ASN C 157 12.15 -1.59 5.90
C ASN C 157 10.76 -1.62 6.50
N HIS C 158 10.18 -2.81 6.62
CA HIS C 158 8.81 -2.98 7.18
C HIS C 158 8.80 -2.57 8.66
N HIS C 159 9.80 -3.02 9.45
CA HIS C 159 9.85 -2.69 10.90
C HIS C 159 9.84 -1.17 11.07
N LEU C 160 10.66 -0.47 10.30
CA LEU C 160 10.70 1.02 10.33
C LEU C 160 9.33 1.60 10.00
N ALA C 161 8.72 1.16 8.89
CA ALA C 161 7.43 1.71 8.40
C ALA C 161 6.36 1.54 9.48
N VAL C 162 6.31 0.38 10.12
CA VAL C 162 5.26 0.14 11.17
C VAL C 162 5.59 0.98 12.41
N GLY C 163 6.86 1.00 12.83
CA GLY C 163 7.26 1.74 14.05
C GLY C 163 6.85 3.20 13.99
N PHE C 164 7.10 3.84 12.84
CA PHE C 164 6.75 5.26 12.61
C PHE C 164 5.24 5.39 12.45
N LYS C 165 4.61 4.54 11.65
CA LYS C 165 3.17 4.66 11.34
C LYS C 165 2.36 4.63 12.64
N LEU C 166 2.77 3.82 13.63
CA LEU C 166 1.98 3.69 14.88
C LEU C 166 2.00 5.00 15.68
N LEU C 167 2.95 5.92 15.43
CA LEU C 167 2.96 7.27 16.09
C LEU C 167 1.67 8.03 15.76
N GLN C 168 1.01 7.70 14.64
CA GLN C 168 -0.15 8.45 14.13
C GLN C 168 -1.46 7.92 14.72
N GLU C 169 -1.43 6.86 15.53
CA GLU C 169 -2.69 6.38 16.17
C GLU C 169 -3.08 7.35 17.30
N GLU C 170 -4.31 7.26 17.80
CA GLU C 170 -4.85 8.26 18.73
C GLU C 170 -4.01 8.28 20.00
N ASN C 171 -3.49 9.47 20.37
CA ASN C 171 -2.69 9.70 21.61
C ASN C 171 -1.45 8.80 21.60
N CYS C 172 -0.77 8.66 20.45
CA CYS C 172 0.42 7.77 20.27
C CYS C 172 1.66 8.57 19.87
N ASP C 173 1.53 9.87 19.59
CA ASP C 173 2.69 10.64 19.06
C ASP C 173 3.60 11.06 20.22
N ILE C 174 4.54 10.19 20.61
CA ILE C 174 5.45 10.44 21.75
C ILE C 174 6.45 11.55 21.40
N PHE C 175 6.59 11.92 20.14
CA PHE C 175 7.50 12.99 19.67
C PHE C 175 6.73 14.29 19.39
N GLN C 176 5.54 14.45 19.94
CA GLN C 176 4.63 15.60 19.61
C GLN C 176 5.26 16.92 20.03
N ASN C 177 6.12 16.94 21.05
CA ASN C 177 6.70 18.21 21.60
C ASN C 177 8.16 18.36 21.19
N LEU C 178 8.67 17.54 20.27
CA LEU C 178 10.00 17.75 19.65
C LEU C 178 9.84 18.77 18.54
N THR C 179 10.87 19.56 18.29
CA THR C 179 10.90 20.49 17.13
C THR C 179 11.02 19.66 15.86
N LYS C 180 10.70 20.27 14.72
CA LYS C 180 10.96 19.69 13.38
C LYS C 180 12.41 19.23 13.27
N LYS C 181 13.37 20.05 13.71
CA LYS C 181 14.81 19.75 13.58
C LYS C 181 15.13 18.48 14.37
N GLN C 182 14.63 18.38 15.60
CA GLN C 182 14.77 17.16 16.44
C GLN C 182 14.15 15.95 15.71
N ARG C 183 12.94 16.08 15.17
CA ARG C 183 12.21 14.97 14.50
C ARG C 183 13.00 14.48 13.28
N GLN C 184 13.51 15.39 12.45
CA GLN C 184 14.25 15.02 11.22
C GLN C 184 15.53 14.26 11.59
N SER C 185 16.24 14.71 12.63
CA SER C 185 17.50 14.09 13.09
C SER C 185 17.21 12.71 13.69
N LEU C 186 16.21 12.62 14.58
CA LEU C 186 15.77 11.35 15.21
C LEU C 186 15.43 10.33 14.11
N ARG C 187 14.61 10.76 13.14
CA ARG C 187 14.14 9.88 12.04
C ARG C 187 15.36 9.32 11.28
N LYS C 188 16.28 10.19 10.86
CA LYS C 188 17.43 9.71 10.06
C LYS C 188 18.24 8.68 10.89
N MET C 189 18.45 8.97 12.17
CA MET C 189 19.30 8.06 13.00
C MET C 189 18.56 6.73 13.20
N VAL C 190 17.25 6.76 13.44
CA VAL C 190 16.47 5.50 13.68
C VAL C 190 16.51 4.64 12.41
N ILE C 191 16.33 5.26 11.24
CA ILE C 191 16.44 4.53 9.95
C ILE C 191 17.83 3.89 9.85
N ASP C 192 18.90 4.65 10.09
CA ASP C 192 20.29 4.15 9.92
C ASP C 192 20.51 2.98 10.90
N ILE C 193 19.99 3.07 12.11
CA ILE C 193 20.17 1.97 13.11
C ILE C 193 19.37 0.74 12.69
N VAL C 194 18.06 0.85 12.40
CA VAL C 194 17.24 -0.36 12.13
C VAL C 194 17.71 -1.05 10.84
N LEU C 195 18.07 -0.30 9.80
CA LEU C 195 18.54 -0.92 8.53
C LEU C 195 19.84 -1.68 8.80
N ALA C 196 20.64 -1.24 9.76
CA ALA C 196 21.91 -1.92 10.13
C ALA C 196 21.65 -3.25 10.87
N THR C 197 20.41 -3.56 11.29
CA THR C 197 20.08 -4.84 11.96
C THR C 197 19.94 -5.99 10.95
N ASP C 198 19.87 -5.69 9.66
CA ASP C 198 19.82 -6.74 8.60
C ASP C 198 21.14 -7.51 8.63
N MET C 199 21.10 -8.82 8.84
CA MET C 199 22.35 -9.63 8.99
C MET C 199 23.17 -9.60 7.69
N SER C 200 22.57 -9.32 6.54
CA SER C 200 23.31 -9.22 5.26
C SER C 200 24.33 -8.07 5.35
N LYS C 201 24.17 -7.14 6.30
CA LYS C 201 25.09 -5.98 6.48
C LYS C 201 26.15 -6.26 7.56
N HIS C 202 26.12 -7.41 8.20
CA HIS C 202 26.96 -7.72 9.39
C HIS C 202 28.45 -7.52 9.07
N MET C 203 28.92 -8.17 8.00
CA MET C 203 30.36 -8.21 7.61
C MET C 203 30.85 -6.77 7.40
N ASN C 204 30.10 -5.92 6.71
CA ASN C 204 30.50 -4.52 6.42
C ASN C 204 30.50 -3.70 7.72
N LEU C 205 29.47 -3.86 8.56
CA LEU C 205 29.41 -3.18 9.87
C LEU C 205 30.67 -3.54 10.68
N LEU C 206 31.02 -4.82 10.72
CA LEU C 206 32.15 -5.35 11.52
C LEU C 206 33.47 -4.81 10.97
N ALA C 207 33.65 -4.79 9.65
CA ALA C 207 34.86 -4.21 9.01
C ALA C 207 35.02 -2.76 9.46
N ASP C 208 33.96 -1.97 9.39
CA ASP C 208 33.98 -0.54 9.78
C ASP C 208 34.29 -0.39 11.26
N LEU C 209 33.68 -1.20 12.12
CA LEU C 209 33.97 -1.16 13.57
C LEU C 209 35.46 -1.45 13.80
N LYS C 210 36.01 -2.47 13.12
CA LYS C 210 37.44 -2.87 13.22
C LYS C 210 38.33 -1.68 12.83
N THR C 211 38.02 -1.03 11.71
CA THR C 211 38.76 0.17 11.21
C THR C 211 38.74 1.24 12.28
N MET C 212 37.61 1.39 12.97
CA MET C 212 37.46 2.44 14.01
C MET C 212 38.27 2.12 15.25
N VAL C 213 38.43 0.83 15.56
CA VAL C 213 39.30 0.36 16.68
C VAL C 213 40.78 0.64 16.36
N GLU C 214 41.22 0.39 15.12
CA GLU C 214 42.62 0.64 14.66
C GLU C 214 42.95 2.13 14.76
N THR C 215 42.01 3.04 14.47
CA THR C 215 42.19 4.52 14.44
C THR C 215 41.56 5.17 15.69
N LYS C 216 41.27 4.38 16.72
CA LYS C 216 40.60 4.82 17.97
C LYS C 216 41.28 6.10 18.49
N LYS C 217 40.51 7.17 18.69
CA LYS C 217 40.97 8.41 19.37
C LYS C 217 40.22 8.56 20.70
N VAL C 218 40.92 8.95 21.77
CA VAL C 218 40.32 9.16 23.13
C VAL C 218 40.57 10.60 23.55
N THR C 219 39.63 11.19 24.30
CA THR C 219 39.70 12.56 24.86
C THR C 219 40.68 12.53 26.05
N SER C 220 40.91 13.68 26.72
CA SER C 220 41.75 13.78 27.93
C SER C 220 41.08 13.02 29.10
N SER C 221 39.75 12.98 29.10
CA SER C 221 38.87 12.25 30.06
C SER C 221 39.01 10.71 29.88
N GLY C 222 39.67 10.26 28.80
CA GLY C 222 39.86 8.83 28.50
C GLY C 222 38.60 8.17 27.94
N VAL C 223 37.65 8.96 27.42
CA VAL C 223 36.42 8.45 26.74
C VAL C 223 36.60 8.60 25.23
N LEU C 224 35.84 7.81 24.47
CA LEU C 224 35.89 7.74 22.99
C LEU C 224 35.60 9.12 22.38
N LEU C 225 36.37 9.51 21.37
CA LEU C 225 36.18 10.79 20.63
C LEU C 225 35.46 10.47 19.31
N LEU C 226 34.25 11.02 19.12
CA LEU C 226 33.47 10.85 17.86
C LEU C 226 33.02 12.23 17.37
N ASP C 227 33.72 12.80 16.39
CA ASP C 227 33.56 14.23 15.99
C ASP C 227 32.63 14.39 14.78
N ASN C 228 32.30 13.33 14.04
CA ASN C 228 31.49 13.41 12.79
C ASN C 228 30.32 12.40 12.87
N TYR C 229 29.21 12.70 12.17
CA TYR C 229 27.99 11.87 12.15
C TYR C 229 28.34 10.43 11.77
N SER C 230 29.16 10.27 10.75
CA SER C 230 29.54 8.92 10.26
C SER C 230 30.09 8.06 11.39
N ASP C 231 30.95 8.60 12.24
CA ASP C 231 31.54 7.79 13.34
C ASP C 231 30.52 7.61 14.46
N ARG C 232 29.76 8.65 14.75
CA ARG C 232 28.75 8.58 15.83
C ARG C 232 27.67 7.54 15.48
N ILE C 233 27.24 7.52 14.22
CA ILE C 233 26.17 6.58 13.78
C ILE C 233 26.72 5.15 13.66
N GLN C 234 27.98 4.98 13.27
CA GLN C 234 28.55 3.61 13.19
C GLN C 234 28.57 2.97 14.58
N VAL C 235 28.90 3.74 15.62
CA VAL C 235 28.95 3.21 17.00
C VAL C 235 27.53 2.84 17.43
N LEU C 236 26.55 3.70 17.13
CA LEU C 236 25.15 3.42 17.51
C LEU C 236 24.65 2.20 16.73
N GLN C 237 25.00 2.12 15.45
CA GLN C 237 24.60 0.98 14.61
C GLN C 237 25.18 -0.31 15.19
N ASN C 238 26.46 -0.32 15.53
CA ASN C 238 27.13 -1.54 16.06
C ASN C 238 26.60 -1.85 17.45
N MET C 239 26.32 -0.83 18.24
CA MET C 239 25.79 -1.00 19.61
C MET C 239 24.46 -1.77 19.54
N VAL C 240 23.50 -1.32 18.72
CA VAL C 240 22.17 -1.98 18.60
C VAL C 240 22.36 -3.36 17.95
N HIS C 241 23.27 -3.48 16.99
CA HIS C 241 23.62 -4.78 16.35
C HIS C 241 24.13 -5.75 17.43
N CYS C 242 25.03 -5.30 18.32
CA CYS C 242 25.52 -6.08 19.49
C CYS C 242 24.36 -6.45 20.40
N ALA C 243 23.46 -5.50 20.71
CA ALA C 243 22.27 -5.79 21.56
C ALA C 243 21.45 -6.88 20.87
N ASP C 244 21.25 -6.78 19.57
CA ASP C 244 20.47 -7.77 18.79
C ASP C 244 21.15 -9.13 18.84
N LEU C 245 22.48 -9.18 18.87
CA LEU C 245 23.26 -10.44 18.91
C LEU C 245 23.82 -10.68 20.33
N SER C 246 23.13 -10.23 21.35
CA SER C 246 23.65 -10.31 22.73
C SER C 246 23.14 -11.56 23.43
N ASN C 247 22.28 -12.33 22.77
CA ASN C 247 21.64 -13.53 23.34
C ASN C 247 22.67 -14.37 24.06
N PRO C 248 23.88 -14.96 23.40
CA PRO C 248 24.96 -15.78 23.91
C PRO C 248 25.85 -15.15 24.99
N THR C 249 25.79 -13.83 25.17
CA THR C 249 26.60 -13.09 26.17
C THR C 249 25.83 -12.97 27.49
N LYS C 250 24.55 -13.25 27.48
CA LYS C 250 23.81 -13.06 28.73
C LYS C 250 24.00 -14.33 29.55
N PRO C 251 23.69 -14.44 31.01
CA PRO C 251 23.59 -15.59 31.90
C PRO C 251 22.88 -16.75 31.18
N LEU C 252 23.42 -17.96 31.38
CA LEU C 252 23.07 -19.18 30.64
C LEU C 252 21.56 -19.46 30.72
N GLN C 253 20.89 -19.19 31.85
CA GLN C 253 19.43 -19.49 31.97
C GLN C 253 18.63 -18.68 30.92
N LEU C 254 19.09 -17.47 30.61
CA LEU C 254 18.46 -16.59 29.59
C LEU C 254 18.84 -17.11 28.19
N TYR C 255 20.14 -17.30 27.94
CA TYR C 255 20.66 -17.77 26.64
C TYR C 255 19.89 -19.02 26.20
N ARG C 256 19.73 -19.98 27.10
CA ARG C 256 19.05 -21.25 26.80
C ARG C 256 17.61 -21.01 26.35
N GLN C 257 16.93 -20.03 26.92
CA GLN C 257 15.52 -19.77 26.53
C GLN C 257 15.50 -19.18 25.13
N TRP C 258 16.44 -18.29 24.83
CA TRP C 258 16.56 -17.64 23.50
C TRP C 258 16.86 -18.71 22.45
N THR C 259 17.75 -19.63 22.77
CA THR C 259 18.12 -20.73 21.85
C THR C 259 16.88 -21.59 21.58
N ASP C 260 16.12 -21.98 22.62
CA ASP C 260 14.91 -22.79 22.41
C ASP C 260 13.98 -22.03 21.47
N ARG C 261 13.86 -20.71 21.65
CA ARG C 261 12.89 -19.88 20.91
C ARG C 261 13.35 -19.72 19.46
N ILE C 262 14.62 -19.41 19.20
CA ILE C 262 15.06 -19.20 17.79
C ILE C 262 14.91 -20.53 17.05
N MET C 263 15.19 -21.67 17.71
CA MET C 263 15.15 -22.97 17.03
C MET C 263 13.69 -23.34 16.73
N GLU C 264 12.76 -23.07 17.65
CA GLU C 264 11.32 -23.26 17.40
C GLU C 264 10.92 -22.40 16.18
N GLU C 265 11.36 -21.16 16.11
CA GLU C 265 10.96 -20.24 15.01
C GLU C 265 11.54 -20.76 13.70
N PHE C 266 12.82 -21.16 13.68
CA PHE C 266 13.48 -21.69 12.45
C PHE C 266 12.79 -23.00 11.99
N PHE C 267 12.48 -23.91 12.91
CA PHE C 267 11.82 -25.20 12.58
C PHE C 267 10.44 -24.93 12.00
N ARG C 268 9.71 -23.96 12.54
CA ARG C 268 8.37 -23.57 12.07
C ARG C 268 8.54 -23.04 10.62
N GLN C 269 9.57 -22.26 10.33
CA GLN C 269 9.82 -21.80 8.93
C GLN C 269 10.10 -23.03 8.05
N GLY C 270 10.91 -23.97 8.52
CA GLY C 270 11.22 -25.21 7.80
C GLY C 270 9.97 -26.02 7.51
N ASP C 271 9.05 -26.12 8.47
CA ASP C 271 7.74 -26.82 8.27
C ASP C 271 6.94 -26.08 7.18
N ARG C 272 6.96 -24.75 7.17
CA ARG C 272 6.22 -23.96 6.15
C ARG C 272 6.86 -24.20 4.78
N GLU C 273 8.19 -24.28 4.72
CA GLU C 273 8.95 -24.53 3.46
C GLU C 273 8.65 -25.95 2.96
N ARG C 274 8.69 -26.97 3.83
CA ARG C 274 8.49 -28.40 3.48
C ARG C 274 7.06 -28.62 2.99
N GLU C 275 6.07 -28.06 3.69
CA GLU C 275 4.63 -28.00 3.30
C GLU C 275 4.47 -27.57 1.85
N ARG C 276 5.20 -26.52 1.46
CA ARG C 276 5.04 -25.85 0.13
C ARG C 276 5.97 -26.45 -0.91
N GLY C 277 6.78 -27.46 -0.53
CA GLY C 277 7.80 -28.09 -1.41
C GLY C 277 8.97 -27.16 -1.75
N MET C 278 9.16 -26.06 -1.02
CA MET C 278 10.35 -25.15 -1.16
C MET C 278 11.58 -25.89 -0.60
N GLU C 279 12.78 -25.49 -1.02
CA GLU C 279 14.02 -25.97 -0.38
C GLU C 279 13.98 -25.50 1.08
N ILE C 280 14.29 -26.39 2.03
CA ILE C 280 14.32 -26.07 3.47
C ILE C 280 15.61 -25.28 3.76
N SER C 281 15.49 -24.14 4.42
CA SER C 281 16.61 -23.20 4.70
C SER C 281 17.57 -23.84 5.71
N PRO C 282 18.87 -23.47 5.69
CA PRO C 282 19.82 -23.93 6.72
C PRO C 282 19.31 -23.82 8.17
N MET C 283 19.44 -24.92 8.93
CA MET C 283 19.09 -25.01 10.38
C MET C 283 17.58 -24.90 10.61
N CYS C 284 16.76 -24.92 9.56
CA CYS C 284 15.29 -24.92 9.64
C CYS C 284 14.71 -26.33 9.55
N ASP C 285 15.56 -27.35 9.34
CA ASP C 285 15.11 -28.76 9.18
C ASP C 285 15.20 -29.46 10.55
N LYS C 286 14.07 -29.63 11.22
CA LYS C 286 14.00 -30.28 12.57
C LYS C 286 14.44 -31.75 12.49
N HIS C 287 14.50 -32.36 11.30
CA HIS C 287 14.91 -33.77 11.09
C HIS C 287 16.43 -33.84 10.89
N ASN C 288 17.05 -32.75 10.44
CA ASN C 288 18.49 -32.65 10.06
C ASN C 288 19.14 -31.42 10.72
N ALA C 289 19.09 -31.30 12.05
CA ALA C 289 19.56 -30.12 12.83
C ALA C 289 20.52 -30.52 13.97
N SER C 290 21.47 -29.64 14.30
CA SER C 290 22.46 -29.82 15.39
C SER C 290 22.47 -28.58 16.29
N VAL C 291 21.47 -28.45 17.16
CA VAL C 291 21.22 -27.19 17.93
C VAL C 291 22.53 -26.70 18.59
N GLU C 292 23.21 -27.58 19.31
CA GLU C 292 24.38 -27.25 20.16
C GLU C 292 25.56 -26.89 19.25
N LYS C 293 25.82 -27.70 18.22
CA LYS C 293 26.91 -27.43 17.22
C LYS C 293 26.65 -26.06 16.56
N SER C 294 25.39 -25.78 16.20
CA SER C 294 24.98 -24.52 15.52
C SER C 294 25.27 -23.33 16.45
N GLN C 295 24.98 -23.46 17.75
CA GLN C 295 25.23 -22.37 18.72
C GLN C 295 26.72 -22.09 18.79
N VAL C 296 27.55 -23.13 18.86
CA VAL C 296 29.03 -22.95 18.91
C VAL C 296 29.47 -22.24 17.62
N GLY C 297 28.92 -22.63 16.47
CA GLY C 297 29.26 -22.04 15.16
C GLY C 297 28.84 -20.59 15.09
N PHE C 298 27.65 -20.26 15.59
CA PHE C 298 27.12 -18.88 15.65
C PHE C 298 28.07 -18.02 16.47
N ILE C 299 28.47 -18.53 17.63
CA ILE C 299 29.42 -17.78 18.51
C ILE C 299 30.75 -17.61 17.77
N ASP C 300 31.31 -18.67 17.19
CA ASP C 300 32.68 -18.65 16.62
C ASP C 300 32.74 -17.72 15.40
N TYR C 301 31.74 -17.75 14.52
CA TYR C 301 31.78 -17.07 13.20
C TYR C 301 31.14 -15.67 13.24
N ILE C 302 30.18 -15.42 14.16
CA ILE C 302 29.36 -14.17 14.17
C ILE C 302 29.54 -13.42 15.50
N VAL C 303 29.13 -14.03 16.60
CA VAL C 303 28.93 -13.29 17.88
C VAL C 303 30.28 -12.92 18.52
N HIS C 304 31.20 -13.88 18.63
CA HIS C 304 32.53 -13.63 19.26
C HIS C 304 33.31 -12.58 18.47
N PRO C 305 33.46 -12.69 17.12
CA PRO C 305 34.18 -11.65 16.39
C PRO C 305 33.58 -10.26 16.62
N LEU C 306 32.24 -10.15 16.70
CA LEU C 306 31.58 -8.83 16.87
C LEU C 306 31.91 -8.32 18.27
N TRP C 307 31.64 -9.12 19.30
CA TRP C 307 31.78 -8.70 20.71
C TRP C 307 33.26 -8.47 21.08
N GLU C 308 34.18 -9.24 20.50
CA GLU C 308 35.64 -9.04 20.72
C GLU C 308 36.00 -7.65 20.15
N THR C 309 35.46 -7.27 19.00
CA THR C 309 35.78 -5.95 18.39
C THR C 309 35.12 -4.86 19.25
N TRP C 310 33.87 -5.05 19.69
CA TRP C 310 33.20 -4.07 20.59
C TRP C 310 34.05 -3.92 21.87
N ALA C 311 34.50 -5.04 22.45
CA ALA C 311 35.27 -5.06 23.73
C ALA C 311 36.53 -4.22 23.57
N ASP C 312 37.20 -4.28 22.42
CA ASP C 312 38.40 -3.47 22.10
C ASP C 312 38.04 -1.99 22.05
N LEU C 313 36.91 -1.64 21.42
CA LEU C 313 36.47 -0.23 21.30
C LEU C 313 36.27 0.37 22.70
N VAL C 314 35.69 -0.37 23.65
CA VAL C 314 35.31 0.20 24.98
C VAL C 314 36.18 -0.40 26.10
N HIS C 315 37.37 -0.93 25.74
CA HIS C 315 38.31 -1.63 26.67
C HIS C 315 38.50 -0.80 27.95
N PRO C 316 38.35 -1.39 29.17
CA PRO C 316 37.97 -2.79 29.38
C PRO C 316 36.51 -3.07 29.77
N ASP C 317 35.58 -2.18 29.40
CA ASP C 317 34.21 -2.15 29.98
C ASP C 317 33.45 -3.46 29.72
N ALA C 318 33.75 -4.16 28.62
CA ALA C 318 32.97 -5.33 28.16
C ALA C 318 33.61 -6.66 28.57
N GLN C 319 34.69 -6.65 29.37
CA GLN C 319 35.45 -7.88 29.71
C GLN C 319 34.52 -8.95 30.32
N ASP C 320 33.61 -8.61 31.23
CA ASP C 320 32.74 -9.63 31.91
C ASP C 320 31.71 -10.19 30.90
N ILE C 321 31.28 -9.39 29.93
CA ILE C 321 30.37 -9.83 28.84
C ILE C 321 31.13 -10.84 27.95
N LEU C 322 32.33 -10.49 27.51
CA LEU C 322 33.19 -11.40 26.70
C LEU C 322 33.48 -12.68 27.49
N ASP C 323 33.70 -12.61 28.81
CA ASP C 323 33.97 -13.81 29.65
C ASP C 323 32.72 -14.70 29.67
N THR C 324 31.53 -14.14 29.88
CA THR C 324 30.26 -14.92 29.90
C THR C 324 30.07 -15.61 28.55
N LEU C 325 30.44 -14.95 27.46
CA LEU C 325 30.27 -15.47 26.08
C LEU C 325 31.12 -16.74 25.94
N GLU C 326 32.41 -16.66 26.31
CA GLU C 326 33.36 -17.80 26.22
C GLU C 326 32.90 -18.93 27.17
N ASP C 327 32.39 -18.61 28.36
CA ASP C 327 31.86 -19.66 29.27
C ASP C 327 30.66 -20.35 28.61
N ASN C 328 29.74 -19.59 28.01
CA ASN C 328 28.51 -20.13 27.40
C ASN C 328 28.89 -20.97 26.17
N ARG C 329 29.89 -20.53 25.43
CA ARG C 329 30.42 -21.27 24.26
C ARG C 329 30.87 -22.67 24.72
N GLU C 330 31.65 -22.75 25.82
CA GLU C 330 32.21 -24.03 26.33
C GLU C 330 31.07 -24.90 26.83
N TRP C 331 30.09 -24.32 27.51
CA TRP C 331 28.90 -25.07 27.98
C TRP C 331 28.21 -25.77 26.80
N TYR C 332 27.99 -25.08 25.67
CA TYR C 332 27.25 -25.67 24.50
C TYR C 332 28.15 -26.75 23.86
N GLN C 333 29.43 -26.45 23.66
CA GLN C 333 30.43 -27.43 23.15
C GLN C 333 30.34 -28.73 23.98
N SER C 334 30.31 -28.61 25.31
CA SER C 334 30.33 -29.77 26.25
C SER C 334 29.02 -30.56 26.17
N THR C 335 28.00 -30.11 25.44
CA THR C 335 26.67 -30.80 25.35
C THR C 335 26.46 -31.38 23.95
N ILE C 336 27.46 -31.29 23.06
CA ILE C 336 27.40 -31.86 21.69
C ILE C 336 27.51 -33.38 21.79
N PRO C 337 26.46 -34.15 21.40
CA PRO C 337 26.53 -35.62 21.41
C PRO C 337 27.59 -36.16 20.42
N GLN D 14 2.34 7.76 -41.18
CA GLN D 14 1.60 6.47 -41.32
C GLN D 14 2.57 5.28 -41.27
N GLU D 15 2.01 4.07 -41.43
CA GLU D 15 2.61 2.74 -41.16
C GLU D 15 3.92 2.56 -41.95
N ASP D 16 3.94 2.97 -43.22
CA ASP D 16 5.11 2.74 -44.12
C ASP D 16 6.27 3.57 -43.57
N VAL D 17 6.02 4.85 -43.27
CA VAL D 17 7.05 5.82 -42.80
C VAL D 17 7.59 5.36 -41.43
N LEU D 18 6.71 4.88 -40.53
CA LEU D 18 7.10 4.37 -39.20
C LEU D 18 8.04 3.17 -39.37
N ALA D 19 7.64 2.22 -40.22
CA ALA D 19 8.41 0.97 -40.48
C ALA D 19 9.79 1.35 -41.04
N LYS D 20 9.88 2.40 -41.84
CA LYS D 20 11.17 2.84 -42.45
C LYS D 20 12.04 3.45 -41.34
N GLU D 21 11.47 4.27 -40.46
CA GLU D 21 12.23 4.89 -39.34
C GLU D 21 12.72 3.78 -38.39
N LEU D 22 11.95 2.70 -38.22
CA LEU D 22 12.31 1.60 -37.28
C LEU D 22 13.40 0.70 -37.86
N GLU D 23 13.80 0.92 -39.11
CA GLU D 23 14.96 0.18 -39.70
C GLU D 23 16.27 0.71 -39.09
N ASP D 24 16.25 1.88 -38.44
CA ASP D 24 17.45 2.49 -37.79
C ASP D 24 17.55 2.02 -36.33
N VAL D 25 16.78 1.01 -35.93
CA VAL D 25 16.63 0.58 -34.51
C VAL D 25 17.97 0.07 -33.98
N ASN D 26 18.88 -0.35 -34.85
CA ASN D 26 20.20 -0.92 -34.44
C ASN D 26 21.27 0.17 -34.48
N LYS D 27 20.87 1.41 -34.76
CA LYS D 27 21.82 2.54 -35.00
C LYS D 27 21.72 3.57 -33.88
N TRP D 28 22.88 4.03 -33.41
CA TRP D 28 22.98 5.23 -32.55
C TRP D 28 22.40 6.42 -33.32
N GLY D 29 21.44 7.15 -32.76
CA GLY D 29 20.92 8.36 -33.44
C GLY D 29 19.59 8.11 -34.14
N LEU D 30 18.89 7.05 -33.75
CA LEU D 30 17.48 6.81 -34.13
C LEU D 30 16.69 8.11 -33.93
N HIS D 31 15.82 8.46 -34.88
CA HIS D 31 14.94 9.66 -34.82
C HIS D 31 13.78 9.33 -33.86
N VAL D 32 14.06 9.28 -32.56
CA VAL D 32 13.10 8.73 -31.57
C VAL D 32 11.91 9.70 -31.41
N PHE D 33 12.13 11.00 -31.59
CA PHE D 33 11.04 12.00 -31.54
C PHE D 33 10.10 11.80 -32.74
N ARG D 34 10.64 11.50 -33.90
CA ARG D 34 9.84 11.24 -35.11
C ARG D 34 9.04 9.94 -34.87
N ILE D 35 9.66 8.92 -34.28
CA ILE D 35 8.95 7.64 -33.97
C ILE D 35 7.82 7.92 -32.98
N ALA D 36 8.03 8.79 -31.99
CA ALA D 36 6.96 9.23 -31.06
C ALA D 36 5.78 9.85 -31.84
N GLU D 37 6.04 10.77 -32.76
CA GLU D 37 4.96 11.43 -33.58
C GLU D 37 4.23 10.38 -34.43
N LEU D 38 4.97 9.52 -35.13
CA LEU D 38 4.42 8.55 -36.11
C LEU D 38 3.66 7.42 -35.41
N SER D 39 4.02 7.06 -34.17
CA SER D 39 3.36 5.95 -33.43
C SER D 39 2.14 6.43 -32.62
N GLY D 40 1.75 7.70 -32.69
CA GLY D 40 0.69 8.28 -31.83
C GLY D 40 1.09 8.28 -30.36
N ASN D 41 2.32 8.75 -30.07
CA ASN D 41 2.93 8.78 -28.72
C ASN D 41 3.05 7.35 -28.14
N ARG D 42 3.51 6.40 -28.95
CA ARG D 42 3.77 5.01 -28.48
C ARG D 42 5.20 4.61 -28.80
N PRO D 43 6.20 5.48 -28.60
CA PRO D 43 7.58 5.14 -28.93
C PRO D 43 8.07 3.92 -28.15
N LEU D 44 7.71 3.82 -26.86
CA LEU D 44 8.26 2.75 -25.99
C LEU D 44 7.69 1.41 -26.47
N THR D 45 6.40 1.36 -26.71
CA THR D 45 5.70 0.13 -27.20
C THR D 45 6.29 -0.31 -28.54
N VAL D 46 6.36 0.55 -29.56
CA VAL D 46 6.80 0.10 -30.91
C VAL D 46 8.31 -0.25 -30.89
N ILE D 47 9.14 0.51 -30.19
CA ILE D 47 10.60 0.21 -30.12
C ILE D 47 10.84 -1.07 -29.31
N MET D 48 10.15 -1.28 -28.19
CA MET D 48 10.31 -2.53 -27.41
C MET D 48 9.85 -3.72 -28.27
N HIS D 49 8.72 -3.58 -28.96
CA HIS D 49 8.16 -4.67 -29.81
C HIS D 49 9.18 -5.00 -30.90
N THR D 50 9.72 -3.98 -31.58
CA THR D 50 10.71 -4.19 -32.68
C THR D 50 11.93 -4.92 -32.12
N ILE D 51 12.44 -4.48 -30.97
CA ILE D 51 13.66 -5.08 -30.37
C ILE D 51 13.35 -6.52 -29.96
N PHE D 52 12.21 -6.77 -29.33
CA PHE D 52 11.83 -8.15 -28.92
C PHE D 52 11.75 -9.08 -30.14
N GLN D 53 11.13 -8.63 -31.25
CA GLN D 53 11.07 -9.44 -32.52
C GLN D 53 12.50 -9.64 -33.06
N GLU D 54 13.29 -8.58 -33.20
CA GLU D 54 14.67 -8.62 -33.75
C GLU D 54 15.52 -9.64 -32.97
N ARG D 55 15.40 -9.68 -31.64
CA ARG D 55 16.28 -10.51 -30.78
C ARG D 55 15.61 -11.85 -30.51
N ASP D 56 14.45 -12.09 -31.13
CA ASP D 56 13.68 -13.36 -31.05
C ASP D 56 13.32 -13.68 -29.58
N LEU D 57 13.10 -12.65 -28.75
CA LEU D 57 12.82 -12.85 -27.30
C LEU D 57 11.42 -13.45 -27.07
N LEU D 58 10.46 -13.22 -27.96
CA LEU D 58 9.09 -13.79 -27.79
C LEU D 58 9.18 -15.31 -27.88
N LYS D 59 9.87 -15.82 -28.89
CA LYS D 59 10.04 -17.29 -29.08
C LYS D 59 10.88 -17.85 -27.92
N THR D 60 12.01 -17.24 -27.61
CA THR D 60 12.95 -17.77 -26.59
C THR D 60 12.25 -17.90 -25.23
N PHE D 61 11.44 -16.92 -24.83
CA PHE D 61 10.84 -16.85 -23.47
C PHE D 61 9.35 -17.16 -23.52
N LYS D 62 8.84 -17.58 -24.68
CA LYS D 62 7.42 -18.01 -24.88
C LYS D 62 6.52 -16.89 -24.37
N ILE D 63 6.77 -15.68 -24.84
CA ILE D 63 5.97 -14.47 -24.45
C ILE D 63 4.85 -14.32 -25.47
N PRO D 64 3.57 -14.46 -25.06
CA PRO D 64 2.46 -14.23 -26.00
C PRO D 64 2.55 -12.79 -26.50
N VAL D 65 2.39 -12.58 -27.80
CA VAL D 65 2.57 -11.24 -28.42
C VAL D 65 1.50 -10.26 -27.88
N ASP D 66 0.26 -10.71 -27.70
CA ASP D 66 -0.83 -9.87 -27.12
C ASP D 66 -0.44 -9.45 -25.70
N THR D 67 0.16 -10.35 -24.91
CA THR D 67 0.61 -10.07 -23.51
C THR D 67 1.71 -9.01 -23.55
N LEU D 68 2.67 -9.16 -24.47
CA LEU D 68 3.79 -8.20 -24.59
C LEU D 68 3.21 -6.83 -24.89
N ILE D 69 2.33 -6.73 -25.88
CA ILE D 69 1.77 -5.43 -26.30
C ILE D 69 0.95 -4.83 -25.17
N THR D 70 0.16 -5.64 -24.47
CA THR D 70 -0.69 -5.14 -23.36
C THR D 70 0.22 -4.58 -22.25
N TYR D 71 1.28 -5.31 -21.89
CA TYR D 71 2.20 -4.83 -20.84
C TYR D 71 2.88 -3.55 -21.32
N LEU D 72 3.37 -3.52 -22.55
CA LEU D 72 4.14 -2.34 -23.05
C LEU D 72 3.23 -1.11 -23.04
N MET D 73 1.99 -1.26 -23.47
CA MET D 73 1.06 -0.10 -23.49
C MET D 73 0.77 0.35 -22.06
N THR D 74 0.60 -0.58 -21.15
CA THR D 74 0.36 -0.31 -19.70
C THR D 74 1.57 0.41 -19.14
N LEU D 75 2.78 -0.10 -19.39
CA LEU D 75 4.01 0.55 -18.90
C LEU D 75 4.11 1.95 -19.48
N GLU D 76 3.94 2.10 -20.79
CA GLU D 76 4.05 3.44 -21.44
C GLU D 76 3.03 4.43 -20.81
N ASP D 77 1.83 3.95 -20.49
CA ASP D 77 0.75 4.78 -19.89
C ASP D 77 1.13 5.26 -18.49
N HIS D 78 2.06 4.60 -17.79
CA HIS D 78 2.46 4.98 -16.41
C HIS D 78 3.68 5.89 -16.43
N TYR D 79 4.18 6.24 -17.61
CA TYR D 79 5.09 7.40 -17.81
C TYR D 79 4.15 8.60 -17.97
N HIS D 80 4.51 9.74 -17.37
CA HIS D 80 3.65 10.96 -17.35
C HIS D 80 3.87 11.77 -18.64
N ALA D 81 2.80 11.99 -19.39
CA ALA D 81 2.77 12.82 -20.61
C ALA D 81 3.09 14.30 -20.32
N ASP D 82 2.84 14.80 -19.12
CA ASP D 82 3.05 16.23 -18.71
C ASP D 82 4.48 16.48 -18.21
N VAL D 83 5.33 15.45 -18.15
CA VAL D 83 6.74 15.59 -17.69
C VAL D 83 7.61 15.73 -18.93
N ALA D 84 8.42 16.78 -19.01
CA ALA D 84 9.08 17.16 -20.28
C ALA D 84 10.23 16.21 -20.63
N TYR D 85 10.94 15.67 -19.65
CA TYR D 85 12.11 14.81 -19.90
C TYR D 85 11.82 13.36 -19.52
N HIS D 86 11.49 13.08 -18.26
CA HIS D 86 11.35 11.71 -17.72
C HIS D 86 10.00 11.13 -18.13
N ASN D 87 9.83 10.92 -19.44
CA ASN D 87 8.57 10.41 -20.05
C ASN D 87 8.91 9.17 -20.89
N ASN D 88 7.90 8.68 -21.61
CA ASN D 88 7.97 7.43 -22.43
C ASN D 88 8.99 7.61 -23.55
N ILE D 89 9.26 8.84 -24.00
CA ILE D 89 10.24 9.05 -25.09
C ILE D 89 11.62 8.77 -24.51
N HIS D 90 11.90 9.25 -23.30
CA HIS D 90 13.19 8.99 -22.62
C HIS D 90 13.33 7.48 -22.37
N ALA D 91 12.28 6.82 -21.89
CA ALA D 91 12.30 5.36 -21.68
C ALA D 91 12.63 4.67 -23.03
N ALA D 92 11.95 5.06 -24.10
CA ALA D 92 12.16 4.47 -25.43
C ALA D 92 13.62 4.66 -25.83
N ASP D 93 14.16 5.85 -25.58
CA ASP D 93 15.53 6.24 -25.97
C ASP D 93 16.52 5.34 -25.20
N VAL D 94 16.31 5.16 -23.91
CA VAL D 94 17.29 4.39 -23.09
C VAL D 94 17.20 2.91 -23.49
N VAL D 95 16.01 2.41 -23.79
CA VAL D 95 15.83 1.02 -24.30
C VAL D 95 16.64 0.85 -25.59
N GLN D 96 16.46 1.75 -26.55
CA GLN D 96 17.08 1.60 -27.89
C GLN D 96 18.59 1.74 -27.74
N SER D 97 19.04 2.63 -26.87
CA SER D 97 20.49 2.87 -26.63
C SER D 97 21.11 1.62 -25.98
N THR D 98 20.42 1.04 -25.00
CA THR D 98 20.87 -0.20 -24.35
C THR D 98 20.97 -1.31 -25.40
N HIS D 99 19.96 -1.42 -26.27
CA HIS D 99 19.92 -2.40 -27.37
C HIS D 99 21.18 -2.27 -28.24
N VAL D 100 21.55 -1.05 -28.62
CA VAL D 100 22.77 -0.83 -29.46
C VAL D 100 24.00 -1.21 -28.66
N LEU D 101 24.15 -0.76 -27.43
CA LEU D 101 25.33 -1.10 -26.59
C LEU D 101 25.45 -2.62 -26.41
N LEU D 102 24.34 -3.35 -26.31
CA LEU D 102 24.37 -4.83 -26.11
C LEU D 102 24.94 -5.52 -27.37
N SER D 103 24.75 -4.94 -28.55
CA SER D 103 25.16 -5.47 -29.87
C SER D 103 26.62 -5.12 -30.17
N THR D 104 27.30 -4.39 -29.29
CA THR D 104 28.70 -3.98 -29.53
C THR D 104 29.56 -5.22 -29.79
N PRO D 105 30.43 -5.20 -30.83
CA PRO D 105 31.28 -6.35 -31.15
C PRO D 105 32.07 -6.93 -29.98
N ALA D 106 32.66 -6.09 -29.13
CA ALA D 106 33.41 -6.52 -27.93
C ALA D 106 32.54 -7.34 -26.97
N LEU D 107 31.21 -7.35 -27.10
CA LEU D 107 30.34 -8.11 -26.16
C LEU D 107 29.60 -9.23 -26.88
N GLU D 108 29.96 -9.55 -28.13
CA GLU D 108 29.25 -10.60 -28.89
C GLU D 108 29.33 -11.94 -28.10
N ALA D 109 28.17 -12.54 -27.83
CA ALA D 109 28.00 -13.85 -27.16
C ALA D 109 28.47 -13.82 -25.69
N VAL D 110 28.73 -12.66 -25.10
CA VAL D 110 29.11 -12.55 -23.66
C VAL D 110 27.88 -12.81 -22.77
N PHE D 111 26.71 -12.24 -23.09
CA PHE D 111 25.51 -12.25 -22.21
C PHE D 111 24.51 -13.31 -22.67
N THR D 112 23.89 -14.01 -21.71
CA THR D 112 22.77 -14.95 -21.98
C THR D 112 21.54 -14.17 -22.45
N ASP D 113 20.59 -14.87 -23.05
CA ASP D 113 19.26 -14.35 -23.45
C ASP D 113 18.56 -13.73 -22.21
N LEU D 114 18.72 -14.34 -21.02
CA LEU D 114 18.08 -13.89 -19.78
C LEU D 114 18.70 -12.56 -19.35
N GLU D 115 20.02 -12.41 -19.46
CA GLU D 115 20.71 -11.15 -19.10
C GLU D 115 20.31 -10.05 -20.08
N ILE D 116 20.16 -10.36 -21.36
CA ILE D 116 19.73 -9.38 -22.41
C ILE D 116 18.31 -8.93 -22.05
N LEU D 117 17.43 -9.87 -21.72
CA LEU D 117 16.02 -9.59 -21.34
C LEU D 117 16.00 -8.66 -20.13
N ALA D 118 16.83 -8.97 -19.12
CA ALA D 118 17.00 -8.15 -17.91
C ALA D 118 17.38 -6.71 -18.29
N ALA D 119 18.42 -6.54 -19.10
CA ALA D 119 18.98 -5.20 -19.36
C ALA D 119 17.93 -4.36 -20.11
N ILE D 120 17.18 -4.99 -21.02
CA ILE D 120 16.19 -4.27 -21.87
C ILE D 120 14.94 -3.96 -21.02
N PHE D 121 14.46 -4.92 -20.25
CA PHE D 121 13.29 -4.72 -19.36
C PHE D 121 13.66 -3.63 -18.35
N ALA D 122 14.85 -3.71 -17.74
CA ALA D 122 15.33 -2.68 -16.78
C ALA D 122 15.26 -1.30 -17.44
N SER D 123 15.79 -1.19 -18.64
CA SER D 123 15.82 0.10 -19.37
C SER D 123 14.39 0.61 -19.52
N ALA D 124 13.46 -0.28 -19.89
CA ALA D 124 12.09 0.14 -20.23
C ALA D 124 11.38 0.69 -18.98
N ILE D 125 11.63 0.10 -17.80
CA ILE D 125 10.90 0.45 -16.55
C ILE D 125 11.67 1.51 -15.75
N HIS D 126 12.94 1.73 -16.07
CA HIS D 126 13.90 2.51 -15.26
C HIS D 126 13.40 3.81 -14.64
N ASP D 127 12.51 4.54 -15.29
CA ASP D 127 12.00 5.84 -14.82
C ASP D 127 10.45 5.85 -14.77
N VAL D 128 9.80 4.70 -14.72
CA VAL D 128 8.31 4.68 -14.85
C VAL D 128 7.70 5.41 -13.65
N ASP D 129 6.65 6.18 -13.90
CA ASP D 129 5.87 6.95 -12.89
C ASP D 129 6.78 8.01 -12.26
N HIS D 130 7.71 8.58 -13.02
CA HIS D 130 8.59 9.69 -12.57
C HIS D 130 7.73 10.94 -12.51
N PRO D 131 7.68 11.64 -11.36
CA PRO D 131 6.86 12.84 -11.22
C PRO D 131 7.50 14.13 -11.75
N GLY D 132 8.73 14.08 -12.25
CA GLY D 132 9.38 15.25 -12.86
C GLY D 132 10.01 16.16 -11.83
N VAL D 133 10.26 15.64 -10.62
CA VAL D 133 11.04 16.33 -9.57
C VAL D 133 12.04 15.32 -9.01
N SER D 134 13.11 15.82 -8.39
CA SER D 134 14.26 15.03 -7.91
C SER D 134 13.93 14.30 -6.60
N ASN D 135 14.80 13.39 -6.22
CA ASN D 135 14.63 12.69 -4.94
C ASN D 135 14.70 13.73 -3.81
N GLN D 136 15.54 14.75 -3.95
CA GLN D 136 15.74 15.76 -2.86
C GLN D 136 14.43 16.54 -2.68
N PHE D 137 13.73 16.86 -3.78
CA PHE D 137 12.41 17.56 -3.71
C PHE D 137 11.44 16.68 -2.92
N LEU D 138 11.39 15.38 -3.25
CA LEU D 138 10.46 14.43 -2.57
C LEU D 138 10.83 14.33 -1.08
N ILE D 139 12.10 14.41 -0.76
CA ILE D 139 12.55 14.30 0.65
C ILE D 139 12.18 15.58 1.41
N ASN D 140 12.44 16.73 0.81
CA ASN D 140 12.25 18.06 1.48
C ASN D 140 10.77 18.38 1.65
N THR D 141 9.87 17.79 0.85
CA THR D 141 8.40 17.97 0.97
C THR D 141 7.81 16.92 1.90
N ASN D 142 8.62 16.01 2.44
CA ASN D 142 8.12 14.90 3.28
C ASN D 142 7.08 14.06 2.51
N SER D 143 7.29 13.83 1.21
CA SER D 143 6.35 13.04 0.37
C SER D 143 6.21 11.63 0.94
N GLU D 144 5.06 11.02 0.74
CA GLU D 144 4.83 9.59 1.08
C GLU D 144 5.91 8.68 0.44
N LEU D 145 6.35 8.94 -0.79
CA LEU D 145 7.37 8.09 -1.45
C LEU D 145 8.68 8.13 -0.66
N ALA D 146 9.12 9.33 -0.27
CA ALA D 146 10.35 9.52 0.54
C ALA D 146 10.25 8.77 1.86
N LEU D 147 9.05 8.74 2.44
CA LEU D 147 8.79 8.05 3.73
C LEU D 147 8.86 6.55 3.53
N MET D 148 8.21 6.03 2.50
CA MET D 148 8.18 4.58 2.18
C MET D 148 9.62 4.04 1.99
N TYR D 149 10.46 4.81 1.29
CA TYR D 149 11.81 4.33 0.92
C TYR D 149 12.94 4.99 1.71
N ASN D 150 12.61 5.59 2.85
CA ASN D 150 13.63 6.15 3.78
C ASN D 150 14.63 7.07 3.09
N ASP D 151 14.14 8.00 2.27
CA ASP D 151 14.98 9.00 1.59
C ASP D 151 16.13 8.36 0.80
N SER D 152 16.17 7.05 0.63
CA SER D 152 17.31 6.47 -0.13
C SER D 152 16.85 5.85 -1.44
N SER D 153 17.30 6.41 -2.56
CA SER D 153 16.94 5.96 -3.93
C SER D 153 15.41 5.88 -4.01
N VAL D 154 14.74 6.96 -3.63
CA VAL D 154 13.26 6.96 -3.52
C VAL D 154 12.66 6.70 -4.90
N LEU D 155 13.05 7.51 -5.88
CA LEU D 155 12.43 7.35 -7.23
C LEU D 155 12.81 5.99 -7.82
N GLU D 156 14.08 5.58 -7.70
CA GLU D 156 14.56 4.34 -8.33
C GLU D 156 13.85 3.14 -7.70
N ASN D 157 13.65 3.13 -6.39
CA ASN D 157 12.88 2.04 -5.71
C ASN D 157 11.44 2.05 -6.26
N HIS D 158 10.87 3.23 -6.45
CA HIS D 158 9.48 3.37 -6.93
C HIS D 158 9.39 2.84 -8.38
N HIS D 159 10.35 3.18 -9.25
CA HIS D 159 10.35 2.75 -10.67
C HIS D 159 10.28 1.23 -10.72
N LEU D 160 11.13 0.57 -9.93
CA LEU D 160 11.13 -0.90 -9.84
C LEU D 160 9.76 -1.42 -9.39
N ALA D 161 9.24 -0.87 -8.30
CA ALA D 161 7.98 -1.37 -7.68
C ALA D 161 6.85 -1.25 -8.71
N VAL D 162 6.77 -0.14 -9.43
CA VAL D 162 5.71 0.04 -10.46
C VAL D 162 5.95 -0.91 -11.63
N GLY D 163 7.18 -1.01 -12.11
CA GLY D 163 7.52 -1.88 -13.26
C GLY D 163 7.06 -3.30 -13.04
N PHE D 164 7.34 -3.85 -11.87
CA PHE D 164 6.96 -5.23 -11.49
C PHE D 164 5.46 -5.30 -11.24
N LYS D 165 4.90 -4.35 -10.50
CA LYS D 165 3.46 -4.37 -10.10
C LYS D 165 2.62 -4.44 -11.37
N LEU D 166 3.00 -3.74 -12.45
CA LEU D 166 2.19 -3.68 -13.69
C LEU D 166 2.13 -5.05 -14.36
N LEU D 167 3.02 -5.98 -14.06
CA LEU D 167 2.95 -7.38 -14.58
C LEU D 167 1.65 -8.07 -14.11
N GLN D 168 1.03 -7.57 -13.04
CA GLN D 168 -0.16 -8.22 -12.43
C GLN D 168 -1.45 -7.68 -13.05
N GLU D 169 -1.40 -6.71 -13.97
CA GLU D 169 -2.64 -6.21 -14.62
C GLU D 169 -3.12 -7.24 -15.64
N GLU D 170 -4.35 -7.10 -16.14
CA GLU D 170 -4.99 -8.13 -17.02
C GLU D 170 -4.11 -8.35 -18.26
N ASN D 171 -3.72 -9.60 -18.49
CA ASN D 171 -2.92 -10.06 -19.66
C ASN D 171 -1.61 -9.26 -19.77
N CYS D 172 -0.91 -9.04 -18.65
CA CYS D 172 0.34 -8.22 -18.59
C CYS D 172 1.56 -9.04 -18.16
N ASP D 173 1.41 -10.31 -17.77
CA ASP D 173 2.55 -11.08 -17.20
C ASP D 173 3.40 -11.64 -18.34
N ILE D 174 4.32 -10.85 -18.85
CA ILE D 174 5.20 -11.23 -19.99
C ILE D 174 6.20 -12.33 -19.55
N PHE D 175 6.39 -12.56 -18.25
CA PHE D 175 7.32 -13.58 -17.71
C PHE D 175 6.57 -14.84 -17.27
N GLN D 176 5.33 -15.03 -17.71
CA GLN D 176 4.45 -16.14 -17.21
C GLN D 176 5.05 -17.50 -17.56
N ASN D 177 5.85 -17.62 -18.62
CA ASN D 177 6.38 -18.93 -19.08
C ASN D 177 7.85 -19.12 -18.71
N LEU D 178 8.45 -18.23 -17.92
CA LEU D 178 9.80 -18.44 -17.37
C LEU D 178 9.71 -19.36 -16.15
N THR D 179 10.74 -20.16 -15.90
CA THR D 179 10.83 -21.00 -14.68
C THR D 179 11.05 -20.08 -13.48
N LYS D 180 10.80 -20.58 -12.27
CA LYS D 180 11.09 -19.87 -11.02
C LYS D 180 12.55 -19.41 -11.00
N LYS D 181 13.48 -20.28 -11.39
CA LYS D 181 14.94 -19.96 -11.40
C LYS D 181 15.20 -18.78 -12.34
N GLN D 182 14.63 -18.81 -13.55
CA GLN D 182 14.74 -17.69 -14.52
C GLN D 182 14.15 -16.41 -13.90
N ARG D 183 12.97 -16.49 -13.27
CA ARG D 183 12.30 -15.27 -12.73
C ARG D 183 13.11 -14.69 -11.59
N GLN D 184 13.65 -15.50 -10.70
CA GLN D 184 14.45 -15.00 -9.54
C GLN D 184 15.73 -14.32 -10.04
N SER D 185 16.39 -14.89 -11.05
CA SER D 185 17.64 -14.32 -11.62
C SER D 185 17.31 -13.02 -12.38
N LEU D 186 16.29 -13.02 -13.23
CA LEU D 186 15.83 -11.82 -13.98
C LEU D 186 15.53 -10.71 -12.98
N ARG D 187 14.74 -11.03 -11.95
CA ARG D 187 14.28 -10.02 -10.96
C ARG D 187 15.51 -9.40 -10.28
N LYS D 188 16.43 -10.21 -9.78
CA LYS D 188 17.62 -9.68 -9.08
C LYS D 188 18.42 -8.78 -10.04
N MET D 189 18.59 -9.18 -11.29
CA MET D 189 19.44 -8.38 -12.23
C MET D 189 18.72 -7.07 -12.53
N VAL D 190 17.40 -7.10 -12.72
CA VAL D 190 16.65 -5.84 -13.03
C VAL D 190 16.76 -4.89 -11.85
N ILE D 191 16.58 -5.38 -10.64
CA ILE D 191 16.73 -4.53 -9.42
C ILE D 191 18.14 -3.93 -9.36
N ASP D 192 19.18 -4.75 -9.54
CA ASP D 192 20.60 -4.27 -9.47
C ASP D 192 20.83 -3.19 -10.55
N ILE D 193 20.25 -3.36 -11.74
CA ILE D 193 20.43 -2.36 -12.82
C ILE D 193 19.69 -1.07 -12.48
N VAL D 194 18.41 -1.13 -12.14
CA VAL D 194 17.64 0.14 -11.96
C VAL D 194 18.16 0.90 -10.74
N LEU D 195 18.50 0.23 -9.64
CA LEU D 195 19.05 0.95 -8.45
C LEU D 195 20.36 1.67 -8.83
N ALA D 196 21.12 1.11 -9.78
CA ALA D 196 22.39 1.73 -10.25
C ALA D 196 22.14 2.99 -11.09
N THR D 197 20.90 3.31 -11.50
CA THR D 197 20.61 4.54 -12.28
C THR D 197 20.53 5.77 -11.40
N ASP D 198 20.46 5.60 -10.08
CA ASP D 198 20.51 6.74 -9.12
C ASP D 198 21.87 7.44 -9.26
N MET D 199 21.90 8.72 -9.61
CA MET D 199 23.15 9.46 -9.86
C MET D 199 24.04 9.48 -8.62
N SER D 200 23.49 9.30 -7.43
CA SER D 200 24.29 9.25 -6.18
C SER D 200 25.25 8.06 -6.23
N LYS D 201 25.04 7.08 -7.12
CA LYS D 201 25.88 5.87 -7.24
C LYS D 201 26.92 6.03 -8.37
N HIS D 202 26.87 7.12 -9.13
CA HIS D 202 27.69 7.31 -10.35
C HIS D 202 29.18 7.10 -10.07
N MET D 203 29.73 7.80 -9.07
CA MET D 203 31.18 7.81 -8.78
C MET D 203 31.64 6.39 -8.47
N ASN D 204 30.90 5.63 -7.65
CA ASN D 204 31.29 4.24 -7.29
C ASN D 204 31.19 3.33 -8.52
N LEU D 205 30.11 3.46 -9.30
CA LEU D 205 29.96 2.68 -10.57
C LEU D 205 31.19 2.93 -11.45
N LEU D 206 31.57 4.20 -11.62
CA LEU D 206 32.66 4.62 -12.51
C LEU D 206 34.00 4.09 -11.99
N ALA D 207 34.24 4.17 -10.69
CA ALA D 207 35.47 3.61 -10.07
C ALA D 207 35.59 2.12 -10.42
N ASP D 208 34.50 1.35 -10.26
CA ASP D 208 34.46 -0.11 -10.50
C ASP D 208 34.65 -0.42 -12.00
N LEU D 209 34.06 0.40 -12.89
CA LEU D 209 34.27 0.27 -14.35
C LEU D 209 35.76 0.50 -14.67
N LYS D 210 36.37 1.53 -14.08
CA LYS D 210 37.81 1.90 -14.29
C LYS D 210 38.68 0.71 -13.88
N THR D 211 38.40 0.13 -12.72
CA THR D 211 39.13 -1.04 -12.17
C THR D 211 39.03 -2.19 -13.18
N MET D 212 37.86 -2.37 -13.78
CA MET D 212 37.62 -3.48 -14.73
C MET D 212 38.43 -3.23 -16.02
N VAL D 213 38.55 -1.99 -16.45
CA VAL D 213 39.39 -1.62 -17.64
C VAL D 213 40.88 -1.91 -17.37
N GLU D 214 41.37 -1.58 -16.18
CA GLU D 214 42.79 -1.85 -15.76
C GLU D 214 43.08 -3.36 -15.77
N THR D 215 42.12 -4.22 -15.40
CA THR D 215 42.24 -5.71 -15.29
C THR D 215 41.59 -6.41 -16.51
N LYS D 216 41.24 -5.66 -17.56
CA LYS D 216 40.46 -6.16 -18.72
C LYS D 216 41.09 -7.46 -19.25
N LYS D 217 40.33 -8.54 -19.33
CA LYS D 217 40.71 -9.81 -20.03
C LYS D 217 39.76 -10.02 -21.23
N VAL D 218 40.30 -10.53 -22.34
CA VAL D 218 39.51 -10.91 -23.55
C VAL D 218 39.73 -12.41 -23.82
N THR D 219 38.69 -13.08 -24.33
CA THR D 219 38.72 -14.50 -24.76
C THR D 219 39.54 -14.61 -26.07
N SER D 220 39.66 -15.84 -26.61
CA SER D 220 40.32 -16.10 -27.93
C SER D 220 39.48 -15.51 -29.06
N SER D 221 38.15 -15.43 -28.87
CA SER D 221 37.15 -14.84 -29.79
C SER D 221 37.28 -13.32 -29.83
N GLY D 222 38.09 -12.73 -28.94
CA GLY D 222 38.31 -11.27 -28.90
C GLY D 222 37.17 -10.53 -28.22
N VAL D 223 36.33 -11.24 -27.45
CA VAL D 223 35.20 -10.64 -26.70
C VAL D 223 35.59 -10.60 -25.20
N LEU D 224 34.95 -9.70 -24.45
CA LEU D 224 35.21 -9.45 -23.02
C LEU D 224 34.97 -10.73 -22.22
N LEU D 225 35.87 -11.05 -21.30
CA LEU D 225 35.76 -12.21 -20.39
C LEU D 225 35.17 -11.73 -19.04
N LEU D 226 33.99 -12.24 -18.69
CA LEU D 226 33.26 -11.89 -17.45
C LEU D 226 32.82 -13.18 -16.78
N ASP D 227 33.59 -13.68 -15.79
CA ASP D 227 33.47 -15.08 -15.28
C ASP D 227 32.61 -15.13 -14.00
N ASN D 228 32.31 -13.99 -13.36
CA ASN D 228 31.53 -13.96 -12.08
C ASN D 228 30.36 -12.97 -12.19
N TYR D 229 29.29 -13.18 -11.41
CA TYR D 229 28.06 -12.34 -11.41
C TYR D 229 28.45 -10.88 -11.17
N SER D 230 29.30 -10.63 -10.19
CA SER D 230 29.71 -9.26 -9.79
C SER D 230 30.19 -8.48 -11.02
N ASP D 231 30.99 -9.10 -11.91
CA ASP D 231 31.58 -8.39 -13.07
C ASP D 231 30.51 -8.28 -14.17
N ARG D 232 29.71 -9.33 -14.35
CA ARG D 232 28.64 -9.35 -15.37
C ARG D 232 27.63 -8.25 -15.06
N ILE D 233 27.23 -8.10 -13.79
CA ILE D 233 26.17 -7.14 -13.38
C ILE D 233 26.75 -5.74 -13.41
N GLN D 234 28.02 -5.54 -13.04
CA GLN D 234 28.66 -4.19 -13.10
C GLN D 234 28.64 -3.67 -14.54
N VAL D 235 28.90 -4.53 -15.51
CA VAL D 235 28.93 -4.14 -16.95
C VAL D 235 27.51 -3.80 -17.39
N LEU D 236 26.50 -4.59 -16.99
CA LEU D 236 25.08 -4.31 -17.34
C LEU D 236 24.65 -3.03 -16.66
N GLN D 237 25.06 -2.82 -15.39
CA GLN D 237 24.72 -1.58 -14.64
C GLN D 237 25.32 -0.37 -15.36
N ASN D 238 26.61 -0.44 -15.73
CA ASN D 238 27.29 0.70 -16.39
C ASN D 238 26.70 0.91 -17.78
N MET D 239 26.33 -0.17 -18.46
CA MET D 239 25.76 -0.11 -19.82
C MET D 239 24.45 0.70 -19.77
N VAL D 240 23.53 0.34 -18.89
CA VAL D 240 22.22 1.06 -18.79
C VAL D 240 22.46 2.49 -18.27
N HIS D 241 23.41 2.66 -17.35
CA HIS D 241 23.82 4.01 -16.84
C HIS D 241 24.32 4.85 -18.01
N CYS D 242 25.17 4.29 -18.89
CA CYS D 242 25.65 4.95 -20.14
C CYS D 242 24.48 5.30 -21.05
N ALA D 243 23.53 4.37 -21.24
CA ALA D 243 22.33 4.64 -22.06
C ALA D 243 21.56 5.80 -21.44
N ASP D 244 21.42 5.81 -20.12
CA ASP D 244 20.71 6.90 -19.40
C ASP D 244 21.43 8.24 -19.59
N LEU D 245 22.77 8.22 -19.68
CA LEU D 245 23.58 9.47 -19.84
C LEU D 245 24.10 9.56 -21.28
N SER D 246 23.30 9.14 -22.27
CA SER D 246 23.72 9.01 -23.67
C SER D 246 23.37 10.28 -24.47
N ASN D 247 22.55 11.19 -23.94
CA ASN D 247 21.99 12.32 -24.73
C ASN D 247 23.12 13.13 -25.38
N PRO D 248 24.18 13.55 -24.66
CA PRO D 248 25.24 14.38 -25.25
C PRO D 248 26.09 13.63 -26.29
N THR D 249 25.93 12.31 -26.41
CA THR D 249 26.66 11.47 -27.38
C THR D 249 25.85 11.30 -28.65
N LYS D 250 24.66 11.88 -28.74
CA LYS D 250 23.76 11.69 -29.90
C LYS D 250 23.99 12.82 -30.90
N PRO D 251 23.64 12.63 -32.19
CA PRO D 251 23.61 13.72 -33.15
C PRO D 251 23.00 14.98 -32.49
N LEU D 252 23.58 16.14 -32.78
CA LEU D 252 23.33 17.43 -32.08
C LEU D 252 21.84 17.75 -32.10
N GLN D 253 21.12 17.49 -33.20
CA GLN D 253 19.68 17.84 -33.30
C GLN D 253 18.88 17.09 -32.22
N LEU D 254 19.27 15.87 -31.87
CA LEU D 254 18.64 15.08 -30.78
C LEU D 254 19.06 15.65 -29.42
N TYR D 255 20.37 15.78 -29.19
CA TYR D 255 20.94 16.30 -27.92
C TYR D 255 20.24 17.62 -27.54
N ARG D 256 20.03 18.52 -28.49
CA ARG D 256 19.44 19.86 -28.21
C ARG D 256 17.98 19.71 -27.78
N GLN D 257 17.24 18.74 -28.30
CA GLN D 257 15.84 18.49 -27.87
C GLN D 257 15.85 17.95 -26.43
N TRP D 258 16.80 17.07 -26.10
CA TRP D 258 16.93 16.50 -24.74
C TRP D 258 17.27 17.63 -23.77
N THR D 259 18.19 18.50 -24.15
CA THR D 259 18.60 19.65 -23.32
C THR D 259 17.40 20.58 -23.09
N ASP D 260 16.64 20.92 -24.13
CA ASP D 260 15.43 21.77 -23.95
C ASP D 260 14.50 21.09 -22.93
N ARG D 261 14.36 19.77 -23.02
CA ARG D 261 13.39 19.00 -22.18
C ARG D 261 13.90 18.97 -20.74
N ILE D 262 15.16 18.64 -20.49
CA ILE D 262 15.63 18.53 -19.09
C ILE D 262 15.53 19.92 -18.44
N MET D 263 15.81 20.98 -19.19
CA MET D 263 15.83 22.34 -18.62
C MET D 263 14.39 22.79 -18.33
N GLU D 264 13.43 22.47 -19.18
CA GLU D 264 12.00 22.70 -18.91
C GLU D 264 11.63 21.98 -17.60
N GLU D 265 12.03 20.73 -17.45
CA GLU D 265 11.66 19.92 -16.26
C GLU D 265 12.32 20.55 -15.01
N PHE D 266 13.59 20.90 -15.07
CA PHE D 266 14.34 21.51 -13.93
C PHE D 266 13.72 22.86 -13.54
N PHE D 267 13.39 23.71 -14.53
CA PHE D 267 12.82 25.05 -14.27
C PHE D 267 11.44 24.90 -13.63
N ARG D 268 10.65 23.91 -14.05
CA ARG D 268 9.32 23.62 -13.44
C ARG D 268 9.53 23.23 -11.98
N GLN D 269 10.54 22.42 -11.66
CA GLN D 269 10.83 22.07 -10.25
C GLN D 269 11.23 23.36 -9.49
N GLY D 270 12.06 24.21 -10.09
CA GLY D 270 12.48 25.47 -9.49
C GLY D 270 11.29 26.36 -9.19
N ASP D 271 10.33 26.46 -10.11
CA ASP D 271 9.08 27.23 -9.90
C ASP D 271 8.30 26.65 -8.73
N ARG D 272 8.23 25.32 -8.60
CA ARG D 272 7.50 24.67 -7.50
C ARG D 272 8.24 24.96 -6.19
N GLU D 273 9.57 24.95 -6.19
CA GLU D 273 10.41 25.26 -5.00
C GLU D 273 10.20 26.74 -4.58
N ARG D 274 10.24 27.68 -5.53
CA ARG D 274 10.13 29.15 -5.27
C ARG D 274 8.75 29.46 -4.71
N GLU D 275 7.69 28.91 -5.32
CA GLU D 275 6.27 28.96 -4.86
C GLU D 275 6.16 28.58 -3.37
N ARG D 276 6.87 27.53 -2.95
CA ARG D 276 6.76 26.95 -1.59
C ARG D 276 7.79 27.57 -0.63
N GLY D 277 8.60 28.52 -1.11
CA GLY D 277 9.67 29.18 -0.33
C GLY D 277 10.82 28.24 0.02
N MET D 278 10.94 27.08 -0.64
CA MET D 278 12.08 26.13 -0.49
C MET D 278 13.31 26.76 -1.14
N GLU D 279 14.51 26.33 -0.76
CA GLU D 279 15.75 26.71 -1.50
C GLU D 279 15.60 26.14 -2.91
N ILE D 280 15.89 26.94 -3.94
CA ILE D 280 15.84 26.51 -5.36
C ILE D 280 17.07 25.63 -5.63
N SER D 281 16.86 24.44 -6.20
CA SER D 281 17.92 23.44 -6.46
C SER D 281 18.85 23.94 -7.56
N PRO D 282 20.12 23.51 -7.57
CA PRO D 282 21.04 23.81 -8.67
C PRO D 282 20.45 23.65 -10.08
N MET D 283 20.62 24.68 -10.92
CA MET D 283 20.20 24.72 -12.36
C MET D 283 18.68 24.71 -12.51
N CYS D 284 17.91 24.85 -11.43
CA CYS D 284 16.42 24.87 -11.47
C CYS D 284 15.89 26.32 -11.47
N ASP D 285 16.77 27.31 -11.36
CA ASP D 285 16.39 28.75 -11.28
C ASP D 285 16.44 29.33 -12.69
N LYS D 286 15.29 29.50 -13.34
CA LYS D 286 15.18 30.06 -14.72
C LYS D 286 15.67 31.52 -14.74
N HIS D 287 15.77 32.20 -13.59
CA HIS D 287 16.25 33.62 -13.49
C HIS D 287 17.77 33.66 -13.35
N ASN D 288 18.38 32.58 -12.86
CA ASN D 288 19.84 32.44 -12.54
C ASN D 288 20.39 31.15 -13.17
N ALA D 289 20.30 31.01 -14.50
CA ALA D 289 20.62 29.77 -15.25
C ALA D 289 21.65 30.03 -16.35
N SER D 290 22.54 29.06 -16.54
CA SER D 290 23.56 29.01 -17.62
C SER D 290 23.44 27.67 -18.35
N VAL D 291 22.40 27.48 -19.16
CA VAL D 291 22.09 26.19 -19.82
C VAL D 291 23.36 25.64 -20.50
N GLU D 292 24.02 26.48 -21.31
CA GLU D 292 25.15 26.06 -22.17
C GLU D 292 26.35 25.70 -21.29
N LYS D 293 26.68 26.56 -20.32
CA LYS D 293 27.80 26.32 -19.37
C LYS D 293 27.52 25.03 -18.60
N SER D 294 26.27 24.81 -18.17
CA SER D 294 25.86 23.61 -17.39
C SER D 294 26.08 22.35 -18.24
N GLN D 295 25.74 22.40 -19.53
CA GLN D 295 25.94 21.24 -20.44
C GLN D 295 27.44 20.94 -20.56
N VAL D 296 28.27 21.97 -20.71
CA VAL D 296 29.76 21.76 -20.80
C VAL D 296 30.23 21.11 -19.50
N GLY D 297 29.73 21.58 -18.36
CA GLY D 297 30.11 21.05 -17.04
C GLY D 297 29.66 19.60 -16.88
N PHE D 298 28.44 19.30 -17.30
CA PHE D 298 27.88 17.93 -17.26
C PHE D 298 28.77 17.01 -18.09
N ILE D 299 29.13 17.44 -19.30
CA ILE D 299 30.02 16.63 -20.17
C ILE D 299 31.38 16.45 -19.49
N ASP D 300 32.00 17.54 -19.00
CA ASP D 300 33.40 17.51 -18.49
C ASP D 300 33.49 16.66 -17.23
N TYR D 301 32.54 16.77 -16.31
CA TYR D 301 32.63 16.15 -14.97
C TYR D 301 31.94 14.78 -14.89
N ILE D 302 30.93 14.51 -15.73
CA ILE D 302 30.07 13.29 -15.61
C ILE D 302 30.15 12.45 -16.89
N VAL D 303 29.72 12.99 -18.03
CA VAL D 303 29.40 12.21 -19.23
C VAL D 303 30.70 11.75 -19.91
N HIS D 304 31.65 12.66 -20.15
CA HIS D 304 32.93 12.32 -20.83
C HIS D 304 33.69 11.29 -19.99
N PRO D 305 33.92 11.49 -18.68
CA PRO D 305 34.62 10.47 -17.90
C PRO D 305 33.97 9.09 -18.01
N LEU D 306 32.64 9.03 -17.99
CA LEU D 306 31.92 7.72 -18.07
C LEU D 306 32.15 7.10 -19.45
N TRP D 307 31.88 7.85 -20.50
CA TRP D 307 31.92 7.33 -21.90
C TRP D 307 33.37 7.02 -22.32
N GLU D 308 34.35 7.79 -21.84
CA GLU D 308 35.78 7.51 -22.11
C GLU D 308 36.12 6.17 -21.47
N THR D 309 35.62 5.90 -20.27
CA THR D 309 35.92 4.61 -19.60
C THR D 309 35.21 3.48 -20.34
N TRP D 310 33.94 3.68 -20.72
CA TRP D 310 33.20 2.65 -21.50
C TRP D 310 33.94 2.38 -22.82
N ALA D 311 34.38 3.44 -23.51
CA ALA D 311 35.05 3.36 -24.82
C ALA D 311 36.31 2.49 -24.70
N ASP D 312 37.04 2.62 -23.59
CA ASP D 312 38.24 1.79 -23.28
C ASP D 312 37.83 0.33 -23.10
N LEU D 313 36.75 0.06 -22.38
CA LEU D 313 36.28 -1.33 -22.12
C LEU D 313 35.97 -2.01 -23.47
N VAL D 314 35.34 -1.31 -24.42
CA VAL D 314 34.87 -1.98 -25.69
C VAL D 314 35.70 -1.50 -26.89
N HIS D 315 36.91 -0.97 -26.65
CA HIS D 315 37.84 -0.39 -27.66
C HIS D 315 37.94 -1.32 -28.87
N PRO D 316 37.77 -0.84 -30.13
CA PRO D 316 37.42 0.55 -30.45
C PRO D 316 35.95 0.82 -30.80
N ASP D 317 35.03 -0.01 -30.33
CA ASP D 317 33.61 -0.02 -30.80
C ASP D 317 32.93 1.34 -30.58
N ALA D 318 33.31 2.10 -29.55
CA ALA D 318 32.59 3.35 -29.13
C ALA D 318 33.29 4.63 -29.64
N GLN D 319 34.30 4.52 -30.51
CA GLN D 319 35.11 5.72 -30.89
C GLN D 319 34.21 6.80 -31.51
N ASP D 320 33.26 6.45 -32.39
CA ASP D 320 32.40 7.47 -33.07
C ASP D 320 31.46 8.16 -32.06
N ILE D 321 31.05 7.44 -31.01
CA ILE D 321 30.20 7.98 -29.92
C ILE D 321 31.02 9.01 -29.14
N LEU D 322 32.23 8.64 -28.72
CA LEU D 322 33.16 9.57 -28.04
C LEU D 322 33.44 10.80 -28.92
N ASP D 323 33.62 10.62 -30.24
CA ASP D 323 33.89 11.77 -31.15
C ASP D 323 32.68 12.71 -31.17
N THR D 324 31.46 12.18 -31.29
CA THR D 324 30.24 13.00 -31.34
C THR D 324 30.12 13.80 -30.04
N LEU D 325 30.52 13.21 -28.92
CA LEU D 325 30.41 13.83 -27.58
C LEU D 325 31.31 15.07 -27.56
N GLU D 326 32.57 14.93 -27.98
CA GLU D 326 33.56 16.05 -28.03
C GLU D 326 33.06 17.13 -29.02
N ASP D 327 32.49 16.75 -30.16
CA ASP D 327 31.92 17.75 -31.11
C ASP D 327 30.79 18.53 -30.43
N ASN D 328 29.91 17.83 -29.72
CA ASN D 328 28.71 18.44 -29.09
C ASN D 328 29.15 19.36 -27.95
N ARG D 329 30.18 18.94 -27.22
CA ARG D 329 30.78 19.75 -26.14
C ARG D 329 31.23 21.10 -26.71
N GLU D 330 31.93 21.11 -27.86
CA GLU D 330 32.51 22.34 -28.47
C GLU D 330 31.36 23.23 -28.93
N TRP D 331 30.32 22.63 -29.50
CA TRP D 331 29.13 23.40 -29.95
C TRP D 331 28.53 24.17 -28.76
N TYR D 332 28.36 23.54 -27.59
CA TYR D 332 27.72 24.18 -26.41
C TYR D 332 28.67 25.28 -25.87
N GLN D 333 29.97 24.97 -25.75
CA GLN D 333 31.04 25.93 -25.36
C GLN D 333 30.90 27.21 -26.22
N SER D 334 30.77 27.04 -27.53
CA SER D 334 30.76 28.16 -28.50
C SER D 334 29.47 29.00 -28.38
N THR D 335 28.49 28.59 -27.57
CA THR D 335 27.20 29.32 -27.43
C THR D 335 27.04 29.89 -26.02
N ILE D 336 28.09 29.82 -25.19
CA ILE D 336 28.08 30.38 -23.80
C ILE D 336 28.06 31.92 -23.86
N PRO D 337 26.98 32.60 -23.40
CA PRO D 337 26.88 34.06 -23.43
C PRO D 337 28.12 34.87 -23.00
ZN ZN E . -16.71 -14.43 10.50
MG MG F . -16.08 -10.79 9.78
C1 EDO G . -17.60 -5.92 20.82
O1 EDO G . -18.92 -5.45 21.01
C2 EDO G . -17.16 -5.79 19.41
O2 EDO G . -17.57 -4.55 18.89
C1 EDO H . -13.84 -7.01 -19.78
O1 EDO H . -14.31 -7.67 -20.95
C2 EDO H . -12.50 -6.38 -19.97
O2 EDO H . -12.53 -5.22 -20.79
C1 EDO I . -5.66 -20.43 17.25
O1 EDO I . -6.49 -20.77 18.35
C2 EDO I . -5.75 -21.33 16.06
O2 EDO I . -4.97 -20.86 14.96
C1 EDO J . -23.88 -17.74 -12.99
O1 EDO J . -22.65 -18.43 -12.84
C2 EDO J . -23.78 -16.27 -12.89
O2 EDO J . -22.61 -15.87 -12.21
C1 EDO K . 3.18 0.02 5.91
O1 EDO K . 2.61 -0.36 7.16
C2 EDO K . 2.82 1.41 5.53
O2 EDO K . 2.49 2.23 6.66
C1 EDO L . -25.38 -4.97 0.63
O1 EDO L . -26.32 -5.65 1.42
C2 EDO L . -24.10 -4.66 1.36
O2 EDO L . -23.01 -5.47 0.93
C1 EDO M . 0.43 -2.00 10.75
O1 EDO M . 1.06 -1.36 9.64
C2 EDO M . -0.45 -1.07 11.51
O2 EDO M . -0.21 0.29 11.19
C1 EDO N . -29.79 -27.74 5.44
O1 EDO N . -28.76 -28.46 6.07
C2 EDO N . -30.18 -26.50 6.14
O2 EDO N . -30.64 -25.43 5.30
C1 EDO O . -19.75 -4.46 -6.26
O1 EDO O . -20.65 -5.52 -6.20
C2 EDO O . -18.42 -4.95 -6.62
O2 EDO O . -18.20 -5.04 -8.01
O1 QWZ P . -22.02 -13.59 21.10
C2 QWZ P . -25.86 -9.53 22.36
C3 QWZ P . -24.72 -10.31 22.23
C4 QWZ P . -23.97 -10.33 21.06
C5 QWZ P . -22.72 -11.17 20.86
C6 QWZ P . -22.27 -12.29 21.78
C9 QWZ P . -20.67 -12.75 17.74
C11 QWZ P . -20.43 -15.12 18.11
C13 QWZ P . -20.69 -17.33 19.92
C14 QWZ P . -20.53 -11.52 16.94
C15 QWZ P . -21.48 -8.12 16.70
C16 QWZ P . -22.99 -8.30 16.94
C17 QWZ P . -23.89 -7.13 16.54
C18 QWZ P . -23.81 -5.87 17.41
C19 QWZ P . -22.40 -5.37 17.68
C20 QWZ P . -21.58 -6.29 18.57
C22 QWZ P . -20.13 -9.85 15.41
C24 QWZ P . -20.77 -12.08 14.49
C25 QWZ P . -18.44 -11.72 15.44
C27 QWZ P . -25.56 -8.75 20.13
N QWZ P . -20.96 -10.42 17.46
C QWZ P . -28.30 -7.77 20.34
O QWZ P . -27.45 -8.01 21.46
C1 QWZ P . -26.31 -8.75 21.30
C10 QWZ P . -20.26 -14.01 17.30
C12 QWZ P . -21.01 -15.00 19.38
C21 QWZ P . -20.76 -7.35 17.81
C23 QWZ P . -19.93 -11.36 15.55
C26 QWZ P . -24.43 -9.53 20.02
C7 QWZ P . -21.41 -13.72 19.85
C8 QWZ P . -21.25 -12.62 19.00
N1 QWZ P . -20.84 -9.45 16.50
O2 QWZ P . -21.23 -16.05 20.23
O3 QWZ P . -19.72 -9.16 14.51
C1 EDO Q . 2.96 -16.11 2.89
O1 EDO Q . 3.33 -17.46 2.59
C2 EDO Q . 4.09 -15.14 2.84
O2 EDO Q . 3.69 -13.79 3.12
ZN ZN R . -15.76 15.94 -10.29
MG MG S . -15.23 12.29 -9.35
C1 EDO T . -18.08 7.07 -20.26
O1 EDO T . -18.75 5.82 -20.25
C2 EDO T . -16.86 7.06 -19.43
O2 EDO T . -16.95 6.09 -18.41
C1 EDO U . -4.71 22.91 -17.97
O1 EDO U . -5.45 22.35 -19.03
C2 EDO U . -4.96 22.19 -16.70
O2 EDO U . -3.77 21.85 -16.00
C1 EDO V . -18.32 7.02 6.88
O1 EDO V . -19.63 7.51 7.11
C2 EDO V . -17.30 7.80 7.62
O2 EDO V . -17.25 7.50 9.00
C1 EDO W . -42.98 24.04 8.98
O1 EDO W . -42.24 23.94 10.19
C2 EDO W . -42.86 25.38 8.34
O2 EDO W . -43.87 26.31 8.71
C1 EDO X . -13.38 -0.53 -19.80
O1 EDO X . -14.69 0.03 -19.73
C2 EDO X . -13.18 -1.65 -20.81
O2 EDO X . -14.27 -2.05 -21.65
O1 QWZ Y . -21.67 14.54 -20.38
C2 QWZ Y . -24.93 10.53 -19.25
C3 QWZ Y . -23.94 11.39 -19.72
C4 QWZ Y . -23.88 11.76 -21.07
C5 QWZ Y . -22.86 12.76 -21.63
C6 QWZ Y . -21.63 13.15 -20.86
C9 QWZ Y . -20.08 14.00 -17.10
C11 QWZ Y . -19.74 16.30 -17.74
C13 QWZ Y . -20.10 18.34 -19.65
C14 QWZ Y . -19.95 12.83 -16.22
C15 QWZ Y . -20.97 9.45 -15.88
C16 QWZ Y . -22.49 9.59 -16.04
C17 QWZ Y . -23.39 8.39 -15.70
C18 QWZ Y . -23.33 7.22 -16.68
C19 QWZ Y . -21.92 6.70 -16.93
C20 QWZ Y . -21.02 7.60 -17.79
C22 QWZ Y . -19.58 11.20 -14.62
C24 QWZ Y . -19.80 13.58 -13.79
C25 QWZ Y . -17.70 12.83 -14.99
C27 QWZ Y . -25.85 10.37 -21.46
N QWZ Y . -20.54 11.75 -16.62
C QWZ Y . -28.08 9.01 -20.38
O QWZ Y . -26.86 9.16 -19.65
C1 QWZ Y . -25.90 10.01 -20.12
C10 QWZ Y . -19.56 15.26 -16.83
C12 QWZ Y . -20.45 16.09 -18.93
C21 QWZ Y . -20.29 8.74 -17.07
C23 QWZ Y . -19.23 12.67 -14.89
C26 QWZ Y . -24.86 11.24 -21.91
C7 QWZ Y . -20.97 14.82 -19.21
C8 QWZ Y . -20.78 13.80 -18.29
N1 QWZ Y . -20.36 10.79 -15.66
O2 QWZ Y . -20.67 17.06 -19.88
O3 QWZ Y . -19.21 10.54 -13.68
ZN ZN Z . 16.14 -8.49 16.42
MG MG AA . 15.52 -8.11 12.75
C1 EDO BA . 17.88 -19.68 8.87
O1 EDO BA . 18.54 -19.90 7.65
C2 EDO BA . 16.60 -18.95 8.66
O2 EDO BA . 16.85 -17.76 7.97
C1 EDO CA . 9.94 10.87 13.46
O1 EDO CA . 9.21 10.79 12.26
C2 EDO CA . 9.38 11.85 14.43
O2 EDO CA . 7.97 12.00 14.38
C1 EDO DA . 19.54 17.92 16.11
O1 EDO DA . 20.63 18.48 15.38
C2 EDO DA . 19.10 18.74 17.27
O2 EDO DA . 18.38 19.90 16.87
C1 EDO EA . 29.81 -2.79 29.15
O1 EDO EA . 28.74 -2.66 30.05
C2 EDO EA . 29.36 -2.68 27.74
O2 EDO EA . 30.27 -2.07 26.84
C1 EDO FA . -4.40 -1.44 16.42
O1 EDO FA . -3.85 -0.48 17.32
C2 EDO FA . -4.68 -0.90 15.05
O2 EDO FA . -3.59 -0.91 14.12
N1 EPE GA . 11.80 -18.27 34.25
C2 EPE GA . 11.08 -17.80 35.44
C3 EPE GA . 10.15 -18.90 35.97
N4 EPE GA . 9.16 -19.28 34.94
C5 EPE GA . 9.85 -19.79 33.73
C6 EPE GA . 10.84 -18.74 33.20
C7 EPE GA . 8.18 -20.27 35.45
C8 EPE GA . 7.36 -19.70 36.62
O8 EPE GA . 5.99 -20.07 36.52
C9 EPE GA . 12.61 -17.20 33.65
C10 EPE GA . 13.72 -16.62 34.52
S EPE GA . 14.57 -15.50 33.61
O1S EPE GA . 13.68 -14.35 33.32
O2S EPE GA . 15.03 -16.19 32.39
O3S EPE GA . 15.78 -15.02 34.31
O1 QWZ HA . 21.14 -19.24 16.46
C2 QWZ HA . 25.38 -21.10 12.80
C3 QWZ HA . 24.21 -21.08 13.57
C4 QWZ HA . 23.24 -20.11 13.40
C5 QWZ HA . 21.99 -20.10 14.28
C6 QWZ HA . 22.31 -19.55 15.65
C9 QWZ HA . 20.02 -15.88 15.47
C11 QWZ HA . 19.86 -16.06 17.85
C13 QWZ HA . 20.27 -17.57 20.17
C14 QWZ HA . 19.91 -15.15 14.20
C15 QWZ HA . 20.80 -15.25 10.78
C16 QWZ HA . 22.32 -15.38 10.99
C17 QWZ HA . 23.18 -15.23 9.73
C18 QWZ HA . 23.25 -16.45 8.83
C19 QWZ HA . 22.19 -17.52 9.07
C20 QWZ HA . 20.75 -17.04 8.93
C22 QWZ HA . 19.46 -13.80 12.41
C24 QWZ HA . 20.10 -12.66 14.53
C25 QWZ HA . 17.80 -13.67 14.29
C27 QWZ HA . 24.64 -19.13 11.67
N QWZ HA . 20.39 -15.73 13.14
C QWZ HA . 27.20 -19.12 10.32
O QWZ HA . 26.79 -20.20 11.14
C1 QWZ HA . 25.60 -20.12 11.85
C10 QWZ HA . 19.69 -15.31 16.69
C12 QWZ HA . 20.37 -17.36 17.80
C21 QWZ HA . 20.13 -16.50 10.22
C23 QWZ HA . 19.29 -13.80 13.92
C26 QWZ HA . 23.48 -19.13 12.45
C7 QWZ HA . 20.72 -17.93 16.56
C8 QWZ HA . 20.54 -17.18 15.41
N1 QWZ HA . 20.18 -14.90 12.10
O2 QWZ HA . 20.55 -18.15 18.89
O3 QWZ HA . 19.09 -12.93 11.65
ZN ZN IA . 16.48 7.90 -16.96
MG MG JA . 16.06 7.80 -13.14
C1 EDO KA . 34.73 -3.07 -34.03
O1 EDO KA . 34.20 -1.83 -33.55
C2 EDO KA . 34.49 -3.32 -35.49
O2 EDO KA . 33.16 -3.75 -35.79
C1 EDO LA . 17.76 18.74 -9.95
O1 EDO LA . 18.45 17.77 -9.18
C2 EDO LA . 18.66 19.78 -10.46
O2 EDO LA . 19.29 20.53 -9.41
C1 EDO MA . 9.73 -12.04 -12.85
O1 EDO MA . 8.58 -12.81 -12.55
C2 EDO MA . 9.77 -10.79 -12.11
O2 EDO MA . 9.02 -10.86 -10.91
C1 EDO NA . 18.15 -7.42 -4.63
O1 EDO NA . 18.12 -8.85 -4.68
C2 EDO NA . 19.52 -6.86 -4.75
O2 EDO NA . 20.39 -7.72 -5.48
C1 EDO OA . 4.71 12.45 -23.44
O1 EDO OA . 3.93 11.27 -23.47
C2 EDO OA . 5.46 12.67 -24.70
O2 EDO OA . 6.21 13.86 -24.68
C1 EDO PA . 29.00 0.80 -28.43
O1 EDO PA . 29.95 0.09 -27.64
C2 EDO PA . 29.22 0.67 -29.89
O2 EDO PA . 28.06 0.84 -30.69
C1 EDO QA . 26.63 36.94 -25.98
O1 EDO QA . 27.77 37.10 -25.15
C2 EDO QA . 25.43 37.61 -25.44
O2 EDO QA . 24.68 38.19 -26.47
C1 EDO RA . 27.11 1.60 -33.69
O1 EDO RA . 27.21 2.71 -32.78
C2 EDO RA . 25.77 1.43 -34.36
O2 EDO RA . 25.17 2.67 -34.70
C1 EDO SA . 21.37 -15.41 -16.25
O1 EDO SA . 21.68 -16.33 -17.34
C2 EDO SA . 22.25 -15.41 -15.03
O2 EDO SA . 22.93 -14.16 -14.73
C1 EDO TA . 8.19 -23.82 -13.88
O1 EDO TA . 9.22 -24.73 -14.25
C2 EDO TA . 8.40 -23.22 -12.54
O2 EDO TA . 9.77 -23.30 -12.09
N1 EPE UA . 11.29 16.13 -34.97
C2 EPE UA . 10.74 16.95 -33.85
C3 EPE UA . 9.98 18.24 -34.20
N4 EPE UA . 9.30 18.26 -35.53
C5 EPE UA . 9.62 17.09 -36.39
C6 EPE UA . 11.09 16.73 -36.30
C7 EPE UA . 7.84 18.44 -35.35
C8 EPE UA . 7.07 18.49 -36.69
O8 EPE UA . 6.92 17.19 -37.31
C9 EPE UA . 12.73 15.82 -34.78
C10 EPE UA . 13.05 14.48 -35.47
S EPE UA . 14.18 13.50 -34.71
O1S EPE UA . 14.97 14.24 -33.69
O2S EPE UA . 15.12 13.02 -35.75
O3S EPE UA . 13.53 12.30 -34.15
C1 EDO VA . -4.16 1.76 -14.71
O1 EDO VA . -3.42 1.08 -13.67
C2 EDO VA . -4.46 0.94 -15.91
O2 EDO VA . -3.32 0.52 -16.66
O1 QWZ WA . 22.23 18.15 -18.11
C2 QWZ WA . 25.38 18.37 -13.57
C3 QWZ WA . 24.14 18.34 -14.20
C4 QWZ WA . 23.78 19.25 -15.19
C5 QWZ WA . 22.40 19.18 -15.82
C6 QWZ WA . 22.12 19.37 -17.30
C9 QWZ WA . 20.67 15.14 -16.62
C11 QWZ WA . 20.20 15.20 -18.98
C13 QWZ WA . 20.43 16.58 -21.46
C14 QWZ WA . 20.58 14.52 -15.29
C15 QWZ WA . 21.54 14.77 -11.87
C16 QWZ WA . 23.04 14.43 -11.89
C17 QWZ WA . 24.07 15.56 -11.98
C18 QWZ WA . 24.34 16.28 -10.68
C19 QWZ WA . 23.25 17.26 -10.26
C20 QWZ WA . 21.86 16.64 -10.14
C22 QWZ WA . 20.22 13.24 -13.39
C24 QWZ WA . 20.74 12.00 -15.51
C25 QWZ WA . 18.48 13.04 -15.18
C27 QWZ WA . 25.95 20.30 -14.86
N QWZ WA . 21.07 15.17 -14.27
C QWZ WA . 27.90 18.52 -12.26
O QWZ WA . 27.55 19.43 -13.30
C1 QWZ WA . 26.31 19.36 -13.89
C10 QWZ WA . 20.07 14.58 -17.75
C12 QWZ WA . 20.90 16.40 -19.11
C21 QWZ WA . 21.23 16.21 -11.47
C23 QWZ WA . 19.98 13.17 -14.89
C26 QWZ WA . 24.71 20.25 -15.49
C7 QWZ WA . 21.47 17.01 -17.96
C8 QWZ WA . 21.38 16.34 -16.75
N1 QWZ WA . 20.91 14.39 -13.17
O2 QWZ WA . 21.06 17.07 -20.28
O3 QWZ WA . 19.95 12.41 -12.56
#